data_5HUB
# 
_entry.id   5HUB 
# 
_audit_conform.dict_name       mmcif_pdbx.dic 
_audit_conform.dict_version    5.383 
_audit_conform.dict_location   http://mmcif.pdb.org/dictionaries/ascii/mmcif_pdbx.dic 
# 
loop_
_database_2.database_id 
_database_2.database_code 
_database_2.pdbx_database_accession 
_database_2.pdbx_DOI 
PDB   5HUB         pdb_00005hub 10.2210/pdb5hub/pdb 
WWPDB D_1000217662 ?            ?                   
# 
loop_
_pdbx_audit_revision_history.ordinal 
_pdbx_audit_revision_history.data_content_type 
_pdbx_audit_revision_history.major_revision 
_pdbx_audit_revision_history.minor_revision 
_pdbx_audit_revision_history.revision_date 
1 'Structure model' 1 0 2017-08-02 
2 'Structure model' 1 1 2017-12-20 
3 'Structure model' 1 2 2018-01-31 
4 'Structure model' 1 3 2018-07-11 
5 'Structure model' 1 4 2024-01-10 
# 
_pdbx_audit_revision_details.ordinal             1 
_pdbx_audit_revision_details.revision_ordinal    1 
_pdbx_audit_revision_details.data_content_type   'Structure model' 
_pdbx_audit_revision_details.provider            repository 
_pdbx_audit_revision_details.type                'Initial release' 
_pdbx_audit_revision_details.description         ? 
_pdbx_audit_revision_details.details             ? 
# 
loop_
_pdbx_audit_revision_group.ordinal 
_pdbx_audit_revision_group.revision_ordinal 
_pdbx_audit_revision_group.data_content_type 
_pdbx_audit_revision_group.group 
1 2 'Structure model' 'Database references'    
2 3 'Structure model' 'Database references'    
3 4 'Structure model' 'Data collection'        
4 4 'Structure model' 'Database references'    
5 5 'Structure model' 'Data collection'        
6 5 'Structure model' 'Database references'    
7 5 'Structure model' 'Refinement description' 
# 
loop_
_pdbx_audit_revision_category.ordinal 
_pdbx_audit_revision_category.revision_ordinal 
_pdbx_audit_revision_category.data_content_type 
_pdbx_audit_revision_category.category 
1 2 'Structure model' citation                      
2 2 'Structure model' citation_author               
3 3 'Structure model' citation                      
4 3 'Structure model' citation_author               
5 4 'Structure model' citation                      
6 5 'Structure model' chem_comp_atom                
7 5 'Structure model' chem_comp_bond                
8 5 'Structure model' database_2                    
9 5 'Structure model' pdbx_initial_refinement_model 
# 
loop_
_pdbx_audit_revision_item.ordinal 
_pdbx_audit_revision_item.revision_ordinal 
_pdbx_audit_revision_item.data_content_type 
_pdbx_audit_revision_item.item 
1  2 'Structure model' '_citation.country'                   
2  2 'Structure model' '_citation.journal_abbrev'            
3  2 'Structure model' '_citation.journal_id_ASTM'           
4  2 'Structure model' '_citation.journal_id_CSD'            
5  2 'Structure model' '_citation.journal_id_ISSN'           
6  2 'Structure model' '_citation.pdbx_database_id_DOI'      
7  2 'Structure model' '_citation.pdbx_database_id_PubMed'   
8  2 'Structure model' '_citation.title'                     
9  2 'Structure model' '_citation.year'                      
10 3 'Structure model' '_citation.title'                     
11 3 'Structure model' '_citation_author.name'               
12 4 'Structure model' '_citation.journal_volume'            
13 4 'Structure model' '_citation.page_first'                
14 4 'Structure model' '_citation.page_last'                 
15 4 'Structure model' '_citation.year'                      
16 5 'Structure model' '_database_2.pdbx_DOI'                
17 5 'Structure model' '_database_2.pdbx_database_accession' 
# 
_pdbx_database_status.status_code                     REL 
_pdbx_database_status.status_code_sf                  REL 
_pdbx_database_status.status_code_mr                  ? 
_pdbx_database_status.entry_id                        5HUB 
_pdbx_database_status.recvd_initial_deposition_date   2016-01-27 
_pdbx_database_status.SG_entry                        N 
_pdbx_database_status.deposit_site                    RCSB 
_pdbx_database_status.process_site                    PDBE 
_pdbx_database_status.status_code_cs                  ? 
_pdbx_database_status.methods_development_category    ? 
_pdbx_database_status.pdb_format_compatible           Y 
_pdbx_database_status.status_code_nmr_data            ? 
# 
loop_
_audit_author.name 
_audit_author.pdbx_ordinal 
'Burschowsky, D.'      1 
'Heim, J.B.'           2 
'Thorbjoernsrud, H.V.' 3 
'Krengel, U.'          4 
# 
_citation.abstract                  ? 
_citation.abstract_id_CAS           ? 
_citation.book_id_ISBN              ? 
_citation.book_publisher            ? 
_citation.book_publisher_city       ? 
_citation.book_title                ? 
_citation.coordinate_linkage        ? 
_citation.country                   US 
_citation.database_id_Medline       ? 
_citation.details                   ? 
_citation.id                        primary 
_citation.journal_abbrev            Biochemistry 
_citation.journal_id_ASTM           BICHAW 
_citation.journal_id_CSD            0033 
_citation.journal_id_ISSN           1520-4995 
_citation.journal_full              ? 
_citation.journal_issue             ? 
_citation.journal_volume            57 
_citation.language                  ? 
_citation.page_first                557 
_citation.page_last                 573 
_citation.title                     
;Inter-Enzyme Allosteric Regulation of Chorismate Mutase in Corynebacterium glutamicum: Structural Basis of Feedback Activation by Trp.
;
_citation.year                      2018 
_citation.database_id_CSD           ? 
_citation.pdbx_database_id_DOI      10.1021/acs.biochem.7b01018 
_citation.pdbx_database_id_PubMed   29178787 
_citation.unpublished_flag          ? 
# 
loop_
_citation_author.citation_id 
_citation_author.name 
_citation_author.ordinal 
_citation_author.identifier_ORCID 
primary 'Burschowsky, D.'            1 ? 
primary 'Thorbjornsrud, H.V.'        2 ? 
primary 'Heim, J.B.'                 3 ? 
primary 'Fahrig-Kamarauskaite, J.R.' 4 ? 
primary 'Wurth-Roderer, K.'          5 ? 
primary 'Kast, P.'                   6 ? 
primary 'Krengel, U.'                7 ? 
# 
loop_
_entity.id 
_entity.type 
_entity.src_method 
_entity.pdbx_description 
_entity.formula_weight 
_entity.pdbx_number_of_molecules 
_entity.pdbx_ec 
_entity.pdbx_mutation 
_entity.pdbx_fragment 
_entity.details 
1 polymer     man 'Chorismate mutase' 10065.521 1   5.4.99.5 ? ? ? 
2 non-polymer syn 'FORMIC ACID'       46.025    2   ?        ? ? ? 
3 water       nat water               18.015    108 ?        ? ? ? 
# 
_entity_poly.entity_id                      1 
_entity_poly.type                           'polypeptide(L)' 
_entity_poly.nstd_linkage                   no 
_entity_poly.nstd_monomer                   no 
_entity_poly.pdbx_seq_one_letter_code       
;MPSGTDDPLSDAEIQKYREEINRLDREILDAVKRRTKISQTIGKTRMSSGGTRLVHTREVAIINQFREEIGEEGPALAGI
LLRMGRGKLG
;
_entity_poly.pdbx_seq_one_letter_code_can   
;MPSGTDDPLSDAEIQKYREEINRLDREILDAVKRRTKISQTIGKTRMSSGGTRLVHTREVAIINQFREEIGEEGPALAGI
LLRMGRGKLG
;
_entity_poly.pdbx_strand_id                 A 
_entity_poly.pdbx_target_identifier         ? 
# 
loop_
_pdbx_entity_nonpoly.entity_id 
_pdbx_entity_nonpoly.name 
_pdbx_entity_nonpoly.comp_id 
2 'FORMIC ACID' FMT 
3 water         HOH 
# 
loop_
_entity_poly_seq.entity_id 
_entity_poly_seq.num 
_entity_poly_seq.mon_id 
_entity_poly_seq.hetero 
1 1  MET n 
1 2  PRO n 
1 3  SER n 
1 4  GLY n 
1 5  THR n 
1 6  ASP n 
1 7  ASP n 
1 8  PRO n 
1 9  LEU n 
1 10 SER n 
1 11 ASP n 
1 12 ALA n 
1 13 GLU n 
1 14 ILE n 
1 15 GLN n 
1 16 LYS n 
1 17 TYR n 
1 18 ARG n 
1 19 GLU n 
1 20 GLU n 
1 21 ILE n 
1 22 ASN n 
1 23 ARG n 
1 24 LEU n 
1 25 ASP n 
1 26 ARG n 
1 27 GLU n 
1 28 ILE n 
1 29 LEU n 
1 30 ASP n 
1 31 ALA n 
1 32 VAL n 
1 33 LYS n 
1 34 ARG n 
1 35 ARG n 
1 36 THR n 
1 37 LYS n 
1 38 ILE n 
1 39 SER n 
1 40 GLN n 
1 41 THR n 
1 42 ILE n 
1 43 GLY n 
1 44 LYS n 
1 45 THR n 
1 46 ARG n 
1 47 MET n 
1 48 SER n 
1 49 SER n 
1 50 GLY n 
1 51 GLY n 
1 52 THR n 
1 53 ARG n 
1 54 LEU n 
1 55 VAL n 
1 56 HIS n 
1 57 THR n 
1 58 ARG n 
1 59 GLU n 
1 60 VAL n 
1 61 ALA n 
1 62 ILE n 
1 63 ILE n 
1 64 ASN n 
1 65 GLN n 
1 66 PHE n 
1 67 ARG n 
1 68 GLU n 
1 69 GLU n 
1 70 ILE n 
1 71 GLY n 
1 72 GLU n 
1 73 GLU n 
1 74 GLY n 
1 75 PRO n 
1 76 ALA n 
1 77 LEU n 
1 78 ALA n 
1 79 GLY n 
1 80 ILE n 
1 81 LEU n 
1 82 LEU n 
1 83 ARG n 
1 84 MET n 
1 85 GLY n 
1 86 ARG n 
1 87 GLY n 
1 88 LYS n 
1 89 LEU n 
1 90 GLY n 
# 
_entity_src_gen.entity_id                          1 
_entity_src_gen.pdbx_src_id                        1 
_entity_src_gen.pdbx_alt_source_flag               sample 
_entity_src_gen.pdbx_seq_type                      'Biological sequence' 
_entity_src_gen.pdbx_beg_seq_num                   1 
_entity_src_gen.pdbx_end_seq_num                   90 
_entity_src_gen.gene_src_common_name               ? 
_entity_src_gen.gene_src_genus                     ? 
_entity_src_gen.pdbx_gene_src_gene                 Cgl0853 
_entity_src_gen.gene_src_species                   ? 
_entity_src_gen.gene_src_strain                    ? 
_entity_src_gen.gene_src_tissue                    ? 
_entity_src_gen.gene_src_tissue_fraction           ? 
_entity_src_gen.gene_src_details                   ? 
_entity_src_gen.pdbx_gene_src_fragment             ? 
_entity_src_gen.pdbx_gene_src_scientific_name      'Corynebacterium glutamicum' 
_entity_src_gen.pdbx_gene_src_ncbi_taxonomy_id     1718 
_entity_src_gen.pdbx_gene_src_variant              ? 
_entity_src_gen.pdbx_gene_src_cell_line            ? 
_entity_src_gen.pdbx_gene_src_atcc                 ? 
_entity_src_gen.pdbx_gene_src_organ                ? 
_entity_src_gen.pdbx_gene_src_organelle            ? 
_entity_src_gen.pdbx_gene_src_cell                 ? 
_entity_src_gen.pdbx_gene_src_cellular_location    ? 
_entity_src_gen.host_org_common_name               ? 
_entity_src_gen.pdbx_host_org_scientific_name      'Escherichia coli' 
_entity_src_gen.pdbx_host_org_ncbi_taxonomy_id     562 
_entity_src_gen.host_org_genus                     ? 
_entity_src_gen.pdbx_host_org_gene                 ? 
_entity_src_gen.pdbx_host_org_organ                ? 
_entity_src_gen.host_org_species                   ? 
_entity_src_gen.pdbx_host_org_tissue               ? 
_entity_src_gen.pdbx_host_org_tissue_fraction      ? 
_entity_src_gen.pdbx_host_org_strain               ? 
_entity_src_gen.pdbx_host_org_variant              KA13 
_entity_src_gen.pdbx_host_org_cell_line            ? 
_entity_src_gen.pdbx_host_org_atcc                 ? 
_entity_src_gen.pdbx_host_org_culture_collection   ? 
_entity_src_gen.pdbx_host_org_cell                 ? 
_entity_src_gen.pdbx_host_org_organelle            ? 
_entity_src_gen.pdbx_host_org_cellular_location    ? 
_entity_src_gen.pdbx_host_org_vector_type          ? 
_entity_src_gen.pdbx_host_org_vector               ? 
_entity_src_gen.host_org_details                   ? 
_entity_src_gen.expression_system_id               ? 
_entity_src_gen.plasmid_name                       ? 
_entity_src_gen.plasmid_details                    ? 
_entity_src_gen.pdbx_description                   ? 
# 
loop_
_chem_comp.id 
_chem_comp.type 
_chem_comp.mon_nstd_flag 
_chem_comp.name 
_chem_comp.pdbx_synonyms 
_chem_comp.formula 
_chem_comp.formula_weight 
ALA 'L-peptide linking' y ALANINE         ? 'C3 H7 N O2'     89.093  
ARG 'L-peptide linking' y ARGININE        ? 'C6 H15 N4 O2 1' 175.209 
ASN 'L-peptide linking' y ASPARAGINE      ? 'C4 H8 N2 O3'    132.118 
ASP 'L-peptide linking' y 'ASPARTIC ACID' ? 'C4 H7 N O4'     133.103 
FMT non-polymer         . 'FORMIC ACID'   ? 'C H2 O2'        46.025  
GLN 'L-peptide linking' y GLUTAMINE       ? 'C5 H10 N2 O3'   146.144 
GLU 'L-peptide linking' y 'GLUTAMIC ACID' ? 'C5 H9 N O4'     147.129 
GLY 'peptide linking'   y GLYCINE         ? 'C2 H5 N O2'     75.067  
HIS 'L-peptide linking' y HISTIDINE       ? 'C6 H10 N3 O2 1' 156.162 
HOH non-polymer         . WATER           ? 'H2 O'           18.015  
ILE 'L-peptide linking' y ISOLEUCINE      ? 'C6 H13 N O2'    131.173 
LEU 'L-peptide linking' y LEUCINE         ? 'C6 H13 N O2'    131.173 
LYS 'L-peptide linking' y LYSINE          ? 'C6 H15 N2 O2 1' 147.195 
MET 'L-peptide linking' y METHIONINE      ? 'C5 H11 N O2 S'  149.211 
PHE 'L-peptide linking' y PHENYLALANINE   ? 'C9 H11 N O2'    165.189 
PRO 'L-peptide linking' y PROLINE         ? 'C5 H9 N O2'     115.130 
SER 'L-peptide linking' y SERINE          ? 'C3 H7 N O3'     105.093 
THR 'L-peptide linking' y THREONINE       ? 'C4 H9 N O3'     119.119 
TYR 'L-peptide linking' y TYROSINE        ? 'C9 H11 N O3'    181.189 
VAL 'L-peptide linking' y VALINE          ? 'C5 H11 N O2'    117.146 
# 
loop_
_pdbx_poly_seq_scheme.asym_id 
_pdbx_poly_seq_scheme.entity_id 
_pdbx_poly_seq_scheme.seq_id 
_pdbx_poly_seq_scheme.mon_id 
_pdbx_poly_seq_scheme.ndb_seq_num 
_pdbx_poly_seq_scheme.pdb_seq_num 
_pdbx_poly_seq_scheme.auth_seq_num 
_pdbx_poly_seq_scheme.pdb_mon_id 
_pdbx_poly_seq_scheme.auth_mon_id 
_pdbx_poly_seq_scheme.pdb_strand_id 
_pdbx_poly_seq_scheme.pdb_ins_code 
_pdbx_poly_seq_scheme.hetero 
A 1 1  MET 1  1  ?  ?   ?   A . n 
A 1 2  PRO 2  2  ?  ?   ?   A . n 
A 1 3  SER 3  3  ?  ?   ?   A . n 
A 1 4  GLY 4  4  ?  ?   ?   A . n 
A 1 5  THR 5  5  ?  ?   ?   A . n 
A 1 6  ASP 6  6  ?  ?   ?   A . n 
A 1 7  ASP 7  7  ?  ?   ?   A . n 
A 1 8  PRO 8  8  8  PRO PRO A . n 
A 1 9  LEU 9  9  9  LEU LEU A . n 
A 1 10 SER 10 10 10 SER SER A . n 
A 1 11 ASP 11 11 11 ASP ASP A . n 
A 1 12 ALA 12 12 12 ALA ALA A . n 
A 1 13 GLU 13 13 13 GLU GLU A . n 
A 1 14 ILE 14 14 14 ILE ILE A . n 
A 1 15 GLN 15 15 15 GLN GLN A . n 
A 1 16 LYS 16 16 16 LYS LYS A . n 
A 1 17 TYR 17 17 17 TYR TYR A . n 
A 1 18 ARG 18 18 18 ARG ARG A . n 
A 1 19 GLU 19 19 19 GLU GLU A . n 
A 1 20 GLU 20 20 20 GLU GLU A . n 
A 1 21 ILE 21 21 21 ILE ILE A . n 
A 1 22 ASN 22 22 22 ASN ASN A . n 
A 1 23 ARG 23 23 23 ARG ARG A . n 
A 1 24 LEU 24 24 24 LEU LEU A . n 
A 1 25 ASP 25 25 25 ASP ASP A . n 
A 1 26 ARG 26 26 26 ARG ARG A . n 
A 1 27 GLU 27 27 27 GLU GLU A . n 
A 1 28 ILE 28 28 28 ILE ILE A . n 
A 1 29 LEU 29 29 29 LEU LEU A . n 
A 1 30 ASP 30 30 30 ASP ASP A . n 
A 1 31 ALA 31 31 31 ALA ALA A . n 
A 1 32 VAL 32 32 32 VAL VAL A . n 
A 1 33 LYS 33 33 33 LYS LYS A . n 
A 1 34 ARG 34 34 34 ARG ARG A . n 
A 1 35 ARG 35 35 35 ARG ARG A . n 
A 1 36 THR 36 36 36 THR THR A . n 
A 1 37 LYS 37 37 37 LYS LYS A . n 
A 1 38 ILE 38 38 38 ILE ILE A . n 
A 1 39 SER 39 39 39 SER SER A . n 
A 1 40 GLN 40 40 40 GLN GLN A . n 
A 1 41 THR 41 41 41 THR THR A . n 
A 1 42 ILE 42 42 42 ILE ILE A . n 
A 1 43 GLY 43 43 43 GLY GLY A . n 
A 1 44 LYS 44 44 44 LYS LYS A . n 
A 1 45 THR 45 45 45 THR THR A . n 
A 1 46 ARG 46 46 46 ARG ARG A . n 
A 1 47 MET 47 47 47 MET MET A . n 
A 1 48 SER 48 48 48 SER SER A . n 
A 1 49 SER 49 49 49 SER SER A . n 
A 1 50 GLY 50 50 50 GLY GLY A . n 
A 1 51 GLY 51 51 51 GLY GLY A . n 
A 1 52 THR 52 52 52 THR THR A . n 
A 1 53 ARG 53 53 53 ARG ARG A . n 
A 1 54 LEU 54 54 54 LEU LEU A . n 
A 1 55 VAL 55 55 55 VAL VAL A . n 
A 1 56 HIS 56 56 56 HIS HIS A . n 
A 1 57 THR 57 57 57 THR THR A . n 
A 1 58 ARG 58 58 58 ARG ARG A . n 
A 1 59 GLU 59 59 59 GLU GLU A . n 
A 1 60 VAL 60 60 60 VAL VAL A . n 
A 1 61 ALA 61 61 61 ALA ALA A . n 
A 1 62 ILE 62 62 62 ILE ILE A . n 
A 1 63 ILE 63 63 63 ILE ILE A . n 
A 1 64 ASN 64 64 64 ASN ASN A . n 
A 1 65 GLN 65 65 65 GLN GLN A . n 
A 1 66 PHE 66 66 66 PHE PHE A . n 
A 1 67 ARG 67 67 67 ARG ARG A . n 
A 1 68 GLU 68 68 68 GLU GLU A . n 
A 1 69 GLU 69 69 69 GLU GLU A . n 
A 1 70 ILE 70 70 70 ILE ILE A . n 
A 1 71 GLY 71 71 71 GLY GLY A . n 
A 1 72 GLU 72 72 72 GLU GLU A . n 
A 1 73 GLU 73 73 73 GLU GLU A . n 
A 1 74 GLY 74 74 74 GLY GLY A . n 
A 1 75 PRO 75 75 75 PRO PRO A . n 
A 1 76 ALA 76 76 76 ALA ALA A . n 
A 1 77 LEU 77 77 77 LEU LEU A . n 
A 1 78 ALA 78 78 78 ALA ALA A . n 
A 1 79 GLY 79 79 79 GLY GLY A . n 
A 1 80 ILE 80 80 80 ILE ILE A . n 
A 1 81 LEU 81 81 81 LEU LEU A . n 
A 1 82 LEU 82 82 82 LEU LEU A . n 
A 1 83 ARG 83 83 83 ARG ARG A . n 
A 1 84 MET 84 84 84 MET MET A . n 
A 1 85 GLY 85 85 85 GLY GLY A . n 
A 1 86 ARG 86 86 86 ARG ARG A . n 
A 1 87 GLY 87 87 ?  ?   ?   A . n 
A 1 88 LYS 88 88 ?  ?   ?   A . n 
A 1 89 LEU 89 89 ?  ?   ?   A . n 
A 1 90 GLY 90 90 ?  ?   ?   A . n 
# 
loop_
_pdbx_nonpoly_scheme.asym_id 
_pdbx_nonpoly_scheme.entity_id 
_pdbx_nonpoly_scheme.mon_id 
_pdbx_nonpoly_scheme.ndb_seq_num 
_pdbx_nonpoly_scheme.pdb_seq_num 
_pdbx_nonpoly_scheme.auth_seq_num 
_pdbx_nonpoly_scheme.pdb_mon_id 
_pdbx_nonpoly_scheme.auth_mon_id 
_pdbx_nonpoly_scheme.pdb_strand_id 
_pdbx_nonpoly_scheme.pdb_ins_code 
B 2 FMT 1   101 1   FMT FMT A . 
C 2 FMT 1   102 2   FMT FMT A . 
D 3 HOH 1   201 103 HOH HOH A . 
D 3 HOH 2   202 104 HOH HOH A . 
D 3 HOH 3   203 82  HOH HOH A . 
D 3 HOH 4   204 84  HOH HOH A . 
D 3 HOH 5   205 30  HOH HOH A . 
D 3 HOH 6   206 102 HOH HOH A . 
D 3 HOH 7   207 98  HOH HOH A . 
D 3 HOH 8   208 77  HOH HOH A . 
D 3 HOH 9   209 93  HOH HOH A . 
D 3 HOH 10  210 99  HOH HOH A . 
D 3 HOH 11  211 16  HOH HOH A . 
D 3 HOH 12  212 88  HOH HOH A . 
D 3 HOH 13  213 44  HOH HOH A . 
D 3 HOH 14  214 12  HOH HOH A . 
D 3 HOH 15  215 32  HOH HOH A . 
D 3 HOH 16  216 45  HOH HOH A . 
D 3 HOH 17  217 18  HOH HOH A . 
D 3 HOH 18  218 87  HOH HOH A . 
D 3 HOH 19  219 48  HOH HOH A . 
D 3 HOH 20  220 20  HOH HOH A . 
D 3 HOH 21  221 64  HOH HOH A . 
D 3 HOH 22  222 6   HOH HOH A . 
D 3 HOH 23  223 65  HOH HOH A . 
D 3 HOH 24  224 14  HOH HOH A . 
D 3 HOH 25  225 51  HOH HOH A . 
D 3 HOH 26  226 1   HOH HOH A . 
D 3 HOH 27  227 19  HOH HOH A . 
D 3 HOH 28  228 71  HOH HOH A . 
D 3 HOH 29  229 83  HOH HOH A . 
D 3 HOH 30  230 5   HOH HOH A . 
D 3 HOH 31  231 29  HOH HOH A . 
D 3 HOH 32  232 7   HOH HOH A . 
D 3 HOH 33  233 52  HOH HOH A . 
D 3 HOH 34  234 46  HOH HOH A . 
D 3 HOH 35  235 4   HOH HOH A . 
D 3 HOH 36  236 50  HOH HOH A . 
D 3 HOH 37  237 36  HOH HOH A . 
D 3 HOH 38  238 89  HOH HOH A . 
D 3 HOH 39  239 59  HOH HOH A . 
D 3 HOH 40  240 2   HOH HOH A . 
D 3 HOH 41  241 67  HOH HOH A . 
D 3 HOH 42  242 21  HOH HOH A . 
D 3 HOH 43  243 60  HOH HOH A . 
D 3 HOH 44  244 55  HOH HOH A . 
D 3 HOH 45  245 35  HOH HOH A . 
D 3 HOH 46  246 41  HOH HOH A . 
D 3 HOH 47  247 15  HOH HOH A . 
D 3 HOH 48  248 9   HOH HOH A . 
D 3 HOH 49  249 94  HOH HOH A . 
D 3 HOH 50  250 49  HOH HOH A . 
D 3 HOH 51  251 3   HOH HOH A . 
D 3 HOH 52  252 22  HOH HOH A . 
D 3 HOH 53  253 31  HOH HOH A . 
D 3 HOH 54  254 8   HOH HOH A . 
D 3 HOH 55  255 13  HOH HOH A . 
D 3 HOH 56  256 23  HOH HOH A . 
D 3 HOH 57  257 70  HOH HOH A . 
D 3 HOH 58  258 72  HOH HOH A . 
D 3 HOH 59  259 54  HOH HOH A . 
D 3 HOH 60  260 34  HOH HOH A . 
D 3 HOH 61  261 101 HOH HOH A . 
D 3 HOH 62  262 85  HOH HOH A . 
D 3 HOH 63  263 56  HOH HOH A . 
D 3 HOH 64  264 57  HOH HOH A . 
D 3 HOH 65  265 17  HOH HOH A . 
D 3 HOH 66  266 40  HOH HOH A . 
D 3 HOH 67  267 10  HOH HOH A . 
D 3 HOH 68  268 28  HOH HOH A . 
D 3 HOH 69  269 63  HOH HOH A . 
D 3 HOH 70  270 79  HOH HOH A . 
D 3 HOH 71  271 97  HOH HOH A . 
D 3 HOH 72  272 37  HOH HOH A . 
D 3 HOH 73  273 53  HOH HOH A . 
D 3 HOH 74  274 86  HOH HOH A . 
D 3 HOH 75  275 62  HOH HOH A . 
D 3 HOH 76  276 73  HOH HOH A . 
D 3 HOH 77  277 108 HOH HOH A . 
D 3 HOH 78  278 43  HOH HOH A . 
D 3 HOH 79  279 90  HOH HOH A . 
D 3 HOH 80  280 91  HOH HOH A . 
D 3 HOH 81  281 105 HOH HOH A . 
D 3 HOH 82  282 69  HOH HOH A . 
D 3 HOH 83  283 80  HOH HOH A . 
D 3 HOH 84  284 107 HOH HOH A . 
D 3 HOH 85  285 78  HOH HOH A . 
D 3 HOH 86  286 26  HOH HOH A . 
D 3 HOH 87  287 106 HOH HOH A . 
D 3 HOH 88  288 75  HOH HOH A . 
D 3 HOH 89  289 68  HOH HOH A . 
D 3 HOH 90  290 61  HOH HOH A . 
D 3 HOH 91  291 24  HOH HOH A . 
D 3 HOH 92  292 47  HOH HOH A . 
D 3 HOH 93  293 11  HOH HOH A . 
D 3 HOH 94  294 76  HOH HOH A . 
D 3 HOH 95  295 58  HOH HOH A . 
D 3 HOH 96  296 100 HOH HOH A . 
D 3 HOH 97  297 95  HOH HOH A . 
D 3 HOH 98  298 33  HOH HOH A . 
D 3 HOH 99  299 96  HOH HOH A . 
D 3 HOH 100 300 74  HOH HOH A . 
D 3 HOH 101 301 42  HOH HOH A . 
D 3 HOH 102 302 25  HOH HOH A . 
D 3 HOH 103 303 66  HOH HOH A . 
D 3 HOH 104 304 27  HOH HOH A . 
D 3 HOH 105 305 39  HOH HOH A . 
D 3 HOH 106 306 92  HOH HOH A . 
D 3 HOH 107 307 38  HOH HOH A . 
D 3 HOH 108 308 81  HOH HOH A . 
# 
loop_
_software.citation_id 
_software.classification 
_software.compiler_name 
_software.compiler_version 
_software.contact_author 
_software.contact_author_email 
_software.date 
_software.description 
_software.dependencies 
_software.hardware 
_software.language 
_software.location 
_software.mods 
_software.name 
_software.os 
_software.os_version 
_software.type 
_software.version 
_software.pdbx_ordinal 
? refinement       ? ? ? ? ? ? ? ? ? ? ? REFMAC  ? ? ? 5.8.0135 1 
? phasing          ? ? ? ? ? ? ? ? ? ? ? PHASER  ? ? ? 2.5.7    2 
? 'data scaling'   ? ? ? ? ? ? ? ? ? ? ? Aimless ? ? ? .        3 
? 'data reduction' ? ? ? ? ? ? ? ? ? ? ? XDS     ? ? ? .        4 
? 'data scaling'   ? ? ? ? ? ? ? ? ? ? ? XDS     ? ? ? .        5 
# 
_cell.angle_alpha                  90.00 
_cell.angle_alpha_esd              ? 
_cell.angle_beta                   99.43 
_cell.angle_beta_esd               ? 
_cell.angle_gamma                  90.00 
_cell.angle_gamma_esd              ? 
_cell.entry_id                     5HUB 
_cell.details                      ? 
_cell.formula_units_Z              ? 
_cell.length_a                     82.858 
_cell.length_a_esd                 ? 
_cell.length_b                     24.627 
_cell.length_b_esd                 ? 
_cell.length_c                     38.546 
_cell.length_c_esd                 ? 
_cell.volume                       ? 
_cell.volume_esd                   ? 
_cell.Z_PDB                        4 
_cell.reciprocal_angle_alpha       ? 
_cell.reciprocal_angle_beta        ? 
_cell.reciprocal_angle_gamma       ? 
_cell.reciprocal_angle_alpha_esd   ? 
_cell.reciprocal_angle_beta_esd    ? 
_cell.reciprocal_angle_gamma_esd   ? 
_cell.reciprocal_length_a          ? 
_cell.reciprocal_length_b          ? 
_cell.reciprocal_length_c          ? 
_cell.reciprocal_length_a_esd      ? 
_cell.reciprocal_length_b_esd      ? 
_cell.reciprocal_length_c_esd      ? 
_cell.pdbx_unique_axis             ? 
# 
_symmetry.entry_id                         5HUB 
_symmetry.cell_setting                     ? 
_symmetry.Int_Tables_number                5 
_symmetry.space_group_name_Hall            ? 
_symmetry.space_group_name_H-M             'C 1 2 1' 
_symmetry.pdbx_full_space_group_name_H-M   ? 
# 
_exptl.absorpt_coefficient_mu     ? 
_exptl.absorpt_correction_T_max   ? 
_exptl.absorpt_correction_T_min   ? 
_exptl.absorpt_correction_type    ? 
_exptl.absorpt_process_details    ? 
_exptl.entry_id                   5HUB 
_exptl.crystals_number            ? 
_exptl.details                    ? 
_exptl.method                     'X-RAY DIFFRACTION' 
_exptl.method_details             ? 
# 
_exptl_crystal.colour                      ? 
_exptl_crystal.density_diffrn              ? 
_exptl_crystal.density_Matthews            1.93 
_exptl_crystal.density_method              ? 
_exptl_crystal.density_percent_sol         36.18 
_exptl_crystal.description                 ? 
_exptl_crystal.F_000                       ? 
_exptl_crystal.id                          1 
_exptl_crystal.preparation                 ? 
_exptl_crystal.size_max                    ? 
_exptl_crystal.size_mid                    ? 
_exptl_crystal.size_min                    ? 
_exptl_crystal.size_rad                    ? 
_exptl_crystal.colour_lustre               ? 
_exptl_crystal.colour_modifier             ? 
_exptl_crystal.colour_primary              ? 
_exptl_crystal.density_meas                ? 
_exptl_crystal.density_meas_esd            ? 
_exptl_crystal.density_meas_gt             ? 
_exptl_crystal.density_meas_lt             ? 
_exptl_crystal.density_meas_temp           ? 
_exptl_crystal.density_meas_temp_esd       ? 
_exptl_crystal.density_meas_temp_gt        ? 
_exptl_crystal.density_meas_temp_lt        ? 
_exptl_crystal.pdbx_crystal_image_url      ? 
_exptl_crystal.pdbx_crystal_image_format   ? 
_exptl_crystal.pdbx_mosaicity              ? 
_exptl_crystal.pdbx_mosaicity_esd          ? 
# 
_exptl_crystal_grow.apparatus       ? 
_exptl_crystal_grow.atmosphere      ? 
_exptl_crystal_grow.crystal_id      1 
_exptl_crystal_grow.details         ? 
_exptl_crystal_grow.method          'VAPOR DIFFUSION, HANGING DROP' 
_exptl_crystal_grow.method_ref      ? 
_exptl_crystal_grow.pH              6.6 
_exptl_crystal_grow.pressure        ? 
_exptl_crystal_grow.pressure_esd    ? 
_exptl_crystal_grow.seeding         ? 
_exptl_crystal_grow.seeding_ref     ? 
_exptl_crystal_grow.temp            293 
_exptl_crystal_grow.temp_details    ? 
_exptl_crystal_grow.temp_esd        ? 
_exptl_crystal_grow.time            ? 
_exptl_crystal_grow.pdbx_details    
;100 mM NH4 formate, pH 6.6
100 mM KSCN
30% PEG 2000 MME
;
_exptl_crystal_grow.pdbx_pH_range   ? 
# 
_diffrn.ambient_environment    ? 
_diffrn.ambient_temp           100 
_diffrn.ambient_temp_details   ? 
_diffrn.ambient_temp_esd       ? 
_diffrn.crystal_id             1 
_diffrn.crystal_support        ? 
_diffrn.crystal_treatment      ? 
_diffrn.details                ? 
_diffrn.id                     1 
_diffrn.ambient_pressure       ? 
_diffrn.ambient_pressure_esd   ? 
_diffrn.ambient_pressure_gt    ? 
_diffrn.ambient_pressure_lt    ? 
_diffrn.ambient_temp_gt        ? 
_diffrn.ambient_temp_lt        ? 
# 
_diffrn_detector.details                      ? 
_diffrn_detector.detector                     PIXEL 
_diffrn_detector.diffrn_id                    1 
_diffrn_detector.type                         'DECTRIS PILATUS 6M' 
_diffrn_detector.area_resol_mean              ? 
_diffrn_detector.dtime                        ? 
_diffrn_detector.pdbx_frames_total            ? 
_diffrn_detector.pdbx_collection_time_total   ? 
_diffrn_detector.pdbx_collection_date         2014-10-30 
# 
_diffrn_radiation.collimation                      ? 
_diffrn_radiation.diffrn_id                        1 
_diffrn_radiation.filter_edge                      ? 
_diffrn_radiation.inhomogeneity                    ? 
_diffrn_radiation.monochromator                    ? 
_diffrn_radiation.polarisn_norm                    ? 
_diffrn_radiation.polarisn_ratio                   ? 
_diffrn_radiation.probe                            ? 
_diffrn_radiation.type                             ? 
_diffrn_radiation.xray_symbol                      ? 
_diffrn_radiation.wavelength_id                    1 
_diffrn_radiation.pdbx_monochromatic_or_laue_m_l   M 
_diffrn_radiation.pdbx_wavelength_list             ? 
_diffrn_radiation.pdbx_wavelength                  ? 
_diffrn_radiation.pdbx_diffrn_protocol             'SINGLE WAVELENGTH' 
_diffrn_radiation.pdbx_analyzer                    ? 
_diffrn_radiation.pdbx_scattering_type             x-ray 
# 
_diffrn_radiation_wavelength.id           1 
_diffrn_radiation_wavelength.wavelength   0.97908 
_diffrn_radiation_wavelength.wt           1.0 
# 
_diffrn_source.current                     ? 
_diffrn_source.details                     ? 
_diffrn_source.diffrn_id                   1 
_diffrn_source.power                       ? 
_diffrn_source.size                        ? 
_diffrn_source.source                      SYNCHROTRON 
_diffrn_source.target                      ? 
_diffrn_source.type                        'ESRF BEAMLINE ID29' 
_diffrn_source.voltage                     ? 
_diffrn_source.take-off_angle              ? 
_diffrn_source.pdbx_wavelength_list        0.97908 
_diffrn_source.pdbx_wavelength             ? 
_diffrn_source.pdbx_synchrotron_beamline   ID29 
_diffrn_source.pdbx_synchrotron_site       ESRF 
# 
_reflns.B_iso_Wilson_estimate            ? 
_reflns.entry_id                         5HUB 
_reflns.data_reduction_details           ? 
_reflns.data_reduction_method            ? 
_reflns.d_resolution_high                1.06 
_reflns.d_resolution_low                 40.87 
_reflns.details                          ? 
_reflns.limit_h_max                      ? 
_reflns.limit_h_min                      ? 
_reflns.limit_k_max                      ? 
_reflns.limit_k_min                      ? 
_reflns.limit_l_max                      ? 
_reflns.limit_l_min                      ? 
_reflns.number_all                       ? 
_reflns.number_obs                       30562 
_reflns.observed_criterion               ? 
_reflns.observed_criterion_F_max         ? 
_reflns.observed_criterion_F_min         ? 
_reflns.observed_criterion_I_max         ? 
_reflns.observed_criterion_I_min         ? 
_reflns.observed_criterion_sigma_F       ? 
_reflns.observed_criterion_sigma_I       ? 
_reflns.percent_possible_obs             87.9 
_reflns.R_free_details                   ? 
_reflns.Rmerge_F_all                     ? 
_reflns.Rmerge_F_obs                     ? 
_reflns.Friedel_coverage                 ? 
_reflns.number_gt                        ? 
_reflns.threshold_expression             ? 
_reflns.pdbx_redundancy                  4.3 
_reflns.pdbx_Rmerge_I_obs                0.056 
_reflns.pdbx_Rmerge_I_all                ? 
_reflns.pdbx_Rsym_value                  ? 
_reflns.pdbx_netI_over_av_sigmaI         ? 
_reflns.pdbx_netI_over_sigmaI            8.96 
_reflns.pdbx_res_netI_over_av_sigmaI_2   ? 
_reflns.pdbx_res_netI_over_sigmaI_2      ? 
_reflns.pdbx_chi_squared                 ? 
_reflns.pdbx_scaling_rejects             ? 
_reflns.pdbx_d_res_high_opt              ? 
_reflns.pdbx_d_res_low_opt               ? 
_reflns.pdbx_d_res_opt_method            ? 
_reflns.phase_calculation_details        ? 
_reflns.pdbx_Rrim_I_all                  ? 
_reflns.pdbx_Rpim_I_all                  ? 
_reflns.pdbx_d_opt                       ? 
_reflns.pdbx_number_measured_all         ? 
_reflns.pdbx_diffrn_id                   1 
_reflns.pdbx_ordinal                     1 
_reflns.pdbx_CC_half                     ? 
_reflns.pdbx_R_split                     ? 
# 
_reflns_shell.d_res_high                  1.06 
_reflns_shell.d_res_low                   1.13 
_reflns_shell.meanI_over_sigI_all         ? 
_reflns_shell.meanI_over_sigI_obs         0.44 
_reflns_shell.number_measured_all         ? 
_reflns_shell.number_measured_obs         ? 
_reflns_shell.number_possible             ? 
_reflns_shell.number_unique_all           ? 
_reflns_shell.number_unique_obs           ? 
_reflns_shell.percent_possible_all        49.2 
_reflns_shell.percent_possible_obs        ? 
_reflns_shell.Rmerge_F_all                ? 
_reflns_shell.Rmerge_F_obs                ? 
_reflns_shell.Rmerge_I_all                ? 
_reflns_shell.Rmerge_I_obs                1.937 
_reflns_shell.meanI_over_sigI_gt          ? 
_reflns_shell.meanI_over_uI_all           ? 
_reflns_shell.meanI_over_uI_gt            ? 
_reflns_shell.number_measured_gt          ? 
_reflns_shell.number_unique_gt            ? 
_reflns_shell.percent_possible_gt         ? 
_reflns_shell.Rmerge_F_gt                 ? 
_reflns_shell.Rmerge_I_gt                 ? 
_reflns_shell.pdbx_redundancy             3.00 
_reflns_shell.pdbx_Rsym_value             ? 
_reflns_shell.pdbx_chi_squared            ? 
_reflns_shell.pdbx_netI_over_sigmaI_all   ? 
_reflns_shell.pdbx_netI_over_sigmaI_obs   ? 
_reflns_shell.pdbx_Rrim_I_all             ? 
_reflns_shell.pdbx_Rpim_I_all             ? 
_reflns_shell.pdbx_rejects                ? 
_reflns_shell.pdbx_ordinal                1 
_reflns_shell.pdbx_diffrn_id              1 
_reflns_shell.pdbx_CC_half                ? 
_reflns_shell.pdbx_R_split                ? 
# 
_refine.aniso_B[1][1]                            1.50 
_refine.aniso_B[1][2]                            0.00 
_refine.aniso_B[1][3]                            -0.63 
_refine.aniso_B[2][2]                            -0.92 
_refine.aniso_B[2][3]                            0.00 
_refine.aniso_B[3][3]                            -0.35 
_refine.B_iso_max                                ? 
_refine.B_iso_mean                               20.591 
_refine.B_iso_min                                ? 
_refine.correlation_coeff_Fo_to_Fc               0.977 
_refine.correlation_coeff_Fo_to_Fc_free          0.960 
_refine.details                                  'HYDROGENS HAVE BEEN ADDED IN THE RIDING POSITIONS' 
_refine.diff_density_max                         ? 
_refine.diff_density_max_esd                     ? 
_refine.diff_density_min                         ? 
_refine.diff_density_min_esd                     ? 
_refine.diff_density_rms                         ? 
_refine.diff_density_rms_esd                     ? 
_refine.entry_id                                 5HUB 
_refine.pdbx_refine_id                           'X-RAY DIFFRACTION' 
_refine.ls_abs_structure_details                 ? 
_refine.ls_abs_structure_Flack                   ? 
_refine.ls_abs_structure_Flack_esd               ? 
_refine.ls_abs_structure_Rogers                  ? 
_refine.ls_abs_structure_Rogers_esd              ? 
_refine.ls_d_res_high                            1.06 
_refine.ls_d_res_low                             40.87 
_refine.ls_extinction_coef                       ? 
_refine.ls_extinction_coef_esd                   ? 
_refine.ls_extinction_expression                 ? 
_refine.ls_extinction_method                     ? 
_refine.ls_goodness_of_fit_all                   ? 
_refine.ls_goodness_of_fit_all_esd               ? 
_refine.ls_goodness_of_fit_obs                   ? 
_refine.ls_goodness_of_fit_obs_esd               ? 
_refine.ls_hydrogen_treatment                    ? 
_refine.ls_matrix_type                           ? 
_refine.ls_number_constraints                    ? 
_refine.ls_number_parameters                     ? 
_refine.ls_number_reflns_all                     ? 
_refine.ls_number_reflns_obs                     29317 
_refine.ls_number_reflns_R_free                  1558 
_refine.ls_number_reflns_R_work                  ? 
_refine.ls_number_restraints                     ? 
_refine.ls_percent_reflns_obs                    87.65 
_refine.ls_percent_reflns_R_free                 5.0 
_refine.ls_R_factor_all                          ? 
_refine.ls_R_factor_obs                          0.17548 
_refine.ls_R_factor_R_free                       0.22021 
_refine.ls_R_factor_R_free_error                 ? 
_refine.ls_R_factor_R_free_error_details         ? 
_refine.ls_R_factor_R_work                       0.17325 
_refine.ls_R_Fsqd_factor_obs                     ? 
_refine.ls_R_I_factor_obs                        ? 
_refine.ls_redundancy_reflns_all                 ? 
_refine.ls_redundancy_reflns_obs                 ? 
_refine.ls_restrained_S_all                      ? 
_refine.ls_restrained_S_obs                      ? 
_refine.ls_shift_over_esd_max                    ? 
_refine.ls_shift_over_esd_mean                   ? 
_refine.ls_structure_factor_coef                 ? 
_refine.ls_weighting_details                     ? 
_refine.ls_weighting_scheme                      ? 
_refine.ls_wR_factor_all                         ? 
_refine.ls_wR_factor_obs                         ? 
_refine.ls_wR_factor_R_free                      ? 
_refine.ls_wR_factor_R_work                      ? 
_refine.occupancy_max                            ? 
_refine.occupancy_min                            ? 
_refine.solvent_model_details                    MASK 
_refine.solvent_model_param_bsol                 ? 
_refine.solvent_model_param_ksol                 ? 
_refine.ls_R_factor_gt                           ? 
_refine.ls_goodness_of_fit_gt                    ? 
_refine.ls_goodness_of_fit_ref                   ? 
_refine.ls_shift_over_su_max                     ? 
_refine.ls_shift_over_su_max_lt                  ? 
_refine.ls_shift_over_su_mean                    ? 
_refine.ls_shift_over_su_mean_lt                 ? 
_refine.pdbx_ls_sigma_I                          ? 
_refine.pdbx_ls_sigma_F                          ? 
_refine.pdbx_ls_sigma_Fsqd                       ? 
_refine.pdbx_data_cutoff_high_absF               ? 
_refine.pdbx_data_cutoff_high_rms_absF           ? 
_refine.pdbx_data_cutoff_low_absF                ? 
_refine.pdbx_isotropic_thermal_model             ? 
_refine.pdbx_ls_cross_valid_method               THROUGHOUT 
_refine.pdbx_method_to_determine_struct          'MOLECULAR REPLACEMENT' 
_refine.pdbx_starting_model                      2VKL 
_refine.pdbx_stereochemistry_target_values       'MAXIMUM LIKELIHOOD' 
_refine.pdbx_R_Free_selection_details            RANDOM 
_refine.pdbx_stereochem_target_val_spec_case     ? 
_refine.pdbx_overall_ESU_R                       0.038 
_refine.pdbx_overall_ESU_R_Free                  0.042 
_refine.pdbx_solvent_vdw_probe_radii             1.20 
_refine.pdbx_solvent_ion_probe_radii             0.80 
_refine.pdbx_solvent_shrinkage_radii             0.80 
_refine.pdbx_real_space_R                        ? 
_refine.pdbx_density_correlation                 ? 
_refine.pdbx_pd_number_of_powder_patterns        ? 
_refine.pdbx_pd_number_of_points                 ? 
_refine.pdbx_pd_meas_number_of_points            ? 
_refine.pdbx_pd_proc_ls_prof_R_factor            ? 
_refine.pdbx_pd_proc_ls_prof_wR_factor           ? 
_refine.pdbx_pd_Marquardt_correlation_coeff      ? 
_refine.pdbx_pd_Fsqrd_R_factor                   ? 
_refine.pdbx_pd_ls_matrix_band_width             ? 
_refine.pdbx_overall_phase_error                 ? 
_refine.pdbx_overall_SU_R_free_Cruickshank_DPI   ? 
_refine.pdbx_overall_SU_R_free_Blow_DPI          ? 
_refine.pdbx_overall_SU_R_Blow_DPI               ? 
_refine.pdbx_TLS_residual_ADP_flag               ? 
_refine.pdbx_diffrn_id                           1 
_refine.overall_SU_B                             2.420 
_refine.overall_SU_ML                            0.047 
_refine.overall_SU_R_Cruickshank_DPI             ? 
_refine.overall_SU_R_free                        ? 
_refine.overall_FOM_free_R_set                   ? 
_refine.overall_FOM_work_R_set                   ? 
_refine.pdbx_average_fsc_overall                 ? 
_refine.pdbx_average_fsc_work                    ? 
_refine.pdbx_average_fsc_free                    ? 
# 
_refine_hist.pdbx_refine_id                   'X-RAY DIFFRACTION' 
_refine_hist.cycle_id                         1 
_refine_hist.pdbx_number_atoms_protein        629 
_refine_hist.pdbx_number_atoms_nucleic_acid   0 
_refine_hist.pdbx_number_atoms_ligand         6 
_refine_hist.number_atoms_solvent             108 
_refine_hist.number_atoms_total               743 
_refine_hist.d_res_high                       1.06 
_refine_hist.d_res_low                        40.87 
# 
loop_
_refine_ls_restr.pdbx_refine_id 
_refine_ls_restr.criterion 
_refine_ls_restr.dev_ideal 
_refine_ls_restr.dev_ideal_target 
_refine_ls_restr.number 
_refine_ls_restr.rejects 
_refine_ls_restr.type 
_refine_ls_restr.weight 
_refine_ls_restr.pdbx_restraint_function 
'X-RAY DIFFRACTION' ? 0.019  0.019  732  ? r_bond_refined_d             ? ? 
'X-RAY DIFFRACTION' ? 0.001  0.020  734  ? r_bond_other_d               ? ? 
'X-RAY DIFFRACTION' ? 2.012  1.976  984  ? r_angle_refined_deg          ? ? 
'X-RAY DIFFRACTION' ? 1.282  3.000  1685 ? r_angle_other_deg            ? ? 
'X-RAY DIFFRACTION' ? 4.697  5.000  95   ? r_dihedral_angle_1_deg       ? ? 
'X-RAY DIFFRACTION' ? 24.840 22.250 40   ? r_dihedral_angle_2_deg       ? ? 
'X-RAY DIFFRACTION' ? 15.086 15.000 152  ? r_dihedral_angle_3_deg       ? ? 
'X-RAY DIFFRACTION' ? 20.121 15.000 14   ? r_dihedral_angle_4_deg       ? ? 
'X-RAY DIFFRACTION' ? 0.115  0.200  107  ? r_chiral_restr               ? ? 
'X-RAY DIFFRACTION' ? 0.009  0.020  859  ? r_gen_planes_refined         ? ? 
'X-RAY DIFFRACTION' ? 0.004  0.020  177  ? r_gen_planes_other           ? ? 
'X-RAY DIFFRACTION' ? ?      ?      ?    ? r_nbd_refined                ? ? 
'X-RAY DIFFRACTION' ? ?      ?      ?    ? r_nbd_other                  ? ? 
'X-RAY DIFFRACTION' ? ?      ?      ?    ? r_nbtor_refined              ? ? 
'X-RAY DIFFRACTION' ? ?      ?      ?    ? r_nbtor_other                ? ? 
'X-RAY DIFFRACTION' ? ?      ?      ?    ? r_xyhbond_nbd_refined        ? ? 
'X-RAY DIFFRACTION' ? ?      ?      ?    ? r_xyhbond_nbd_other          ? ? 
'X-RAY DIFFRACTION' ? ?      ?      ?    ? r_metal_ion_refined          ? ? 
'X-RAY DIFFRACTION' ? ?      ?      ?    ? r_metal_ion_other            ? ? 
'X-RAY DIFFRACTION' ? ?      ?      ?    ? r_symmetry_vdw_refined       ? ? 
'X-RAY DIFFRACTION' ? ?      ?      ?    ? r_symmetry_vdw_other         ? ? 
'X-RAY DIFFRACTION' ? ?      ?      ?    ? r_symmetry_hbond_refined     ? ? 
'X-RAY DIFFRACTION' ? ?      ?      ?    ? r_symmetry_hbond_other       ? ? 
'X-RAY DIFFRACTION' ? ?      ?      ?    ? r_symmetry_metal_ion_refined ? ? 
'X-RAY DIFFRACTION' ? ?      ?      ?    ? r_symmetry_metal_ion_other   ? ? 
'X-RAY DIFFRACTION' ? 1.763  1.758  357  ? r_mcbond_it                  ? ? 
'X-RAY DIFFRACTION' ? 1.789  1.760  358  ? r_mcbond_other               ? ? 
'X-RAY DIFFRACTION' ? 2.208  2.640  455  ? r_mcangle_it                 ? ? 
'X-RAY DIFFRACTION' ? 2.258  2.645  456  ? r_mcangle_other              ? ? 
'X-RAY DIFFRACTION' ? 2.135  2.081  375  ? r_scbond_it                  ? ? 
'X-RAY DIFFRACTION' ? 2.007  2.074  372  ? r_scbond_other               ? ? 
'X-RAY DIFFRACTION' ? ?      ?      ?    ? r_scangle_it                 ? ? 
'X-RAY DIFFRACTION' ? 2.477  3.020  528  ? r_scangle_other              ? ? 
'X-RAY DIFFRACTION' ? 3.711  15.701 937  ? r_long_range_B_refined       ? ? 
'X-RAY DIFFRACTION' ? 3.254  14.772 890  ? r_long_range_B_other         ? ? 
'X-RAY DIFFRACTION' ? 3.706  3.000  1465 ? r_rigid_bond_restr           ? ? 
'X-RAY DIFFRACTION' ? 32.189 5.000  16   ? r_sphericity_free            ? ? 
'X-RAY DIFFRACTION' ? 15.208 5.000  1551 ? r_sphericity_bonded          ? ? 
# 
_refine_ls_shell.pdbx_refine_id                   'X-RAY DIFFRACTION' 
_refine_ls_shell.d_res_high                       1.060 
_refine_ls_shell.d_res_low                        1.088 
_refine_ls_shell.number_reflns_all                ? 
_refine_ls_shell.number_reflns_obs                ? 
_refine_ls_shell.number_reflns_R_free             53 
_refine_ls_shell.number_reflns_R_work             1014 
_refine_ls_shell.percent_reflns_obs               41.42 
_refine_ls_shell.percent_reflns_R_free            ? 
_refine_ls_shell.R_factor_all                     ? 
_refine_ls_shell.R_factor_obs                     ? 
_refine_ls_shell.R_factor_R_free                  0.576 
_refine_ls_shell.R_factor_R_free_error            ? 
_refine_ls_shell.R_factor_R_work                  0.525 
_refine_ls_shell.redundancy_reflns_all            ? 
_refine_ls_shell.redundancy_reflns_obs            ? 
_refine_ls_shell.wR_factor_all                    ? 
_refine_ls_shell.wR_factor_obs                    ? 
_refine_ls_shell.wR_factor_R_free                 ? 
_refine_ls_shell.wR_factor_R_work                 ? 
_refine_ls_shell.pdbx_total_number_of_bins_used   20 
_refine_ls_shell.pdbx_phase_error                 ? 
_refine_ls_shell.pdbx_fsc_work                    ? 
_refine_ls_shell.pdbx_fsc_free                    ? 
# 
_struct.entry_id                     5HUB 
_struct.title                        'High-resolution structure of chorismate mutase from Corynebacterium glutamicum' 
_struct.pdbx_model_details           ? 
_struct.pdbx_formula_weight          ? 
_struct.pdbx_formula_weight_method   ? 
_struct.pdbx_model_type_details      ? 
_struct.pdbx_CASP_flag               ? 
# 
_struct_keywords.entry_id        5HUB 
_struct_keywords.text            'chorismate mutase, shikimate pathway, pericyclic reaction, Isomerase' 
_struct_keywords.pdbx_keywords   ISOMERASE 
# 
loop_
_struct_asym.id 
_struct_asym.pdbx_blank_PDB_chainid_flag 
_struct_asym.pdbx_modified 
_struct_asym.entity_id 
_struct_asym.details 
A N N 1 ? 
B N N 2 ? 
C N N 2 ? 
D N N 3 ? 
# 
_struct_ref.id                         1 
_struct_ref.db_name                    UNP 
_struct_ref.db_code                    Q8NS29_CORGL 
_struct_ref.pdbx_db_accession          Q8NS29 
_struct_ref.pdbx_db_isoform            ? 
_struct_ref.entity_id                  1 
_struct_ref.pdbx_seq_one_letter_code   
;MPSGTDDPLSDAEIQKYREEINRLDREILDAVKRRTKISQTIGKTRMSSGGTRLVHTREVAIINQFREEIGEEGPALAGI
LLRMGRGKLG
;
_struct_ref.pdbx_align_begin           14 
# 
_struct_ref_seq.align_id                      1 
_struct_ref_seq.ref_id                        1 
_struct_ref_seq.pdbx_PDB_id_code              5HUB 
_struct_ref_seq.pdbx_strand_id                A 
_struct_ref_seq.seq_align_beg                 1 
_struct_ref_seq.pdbx_seq_align_beg_ins_code   ? 
_struct_ref_seq.seq_align_end                 90 
_struct_ref_seq.pdbx_seq_align_end_ins_code   ? 
_struct_ref_seq.pdbx_db_accession             Q8NS29 
_struct_ref_seq.db_align_beg                  14 
_struct_ref_seq.pdbx_db_align_beg_ins_code    ? 
_struct_ref_seq.db_align_end                  103 
_struct_ref_seq.pdbx_db_align_end_ins_code    ? 
_struct_ref_seq.pdbx_auth_seq_align_beg       1 
_struct_ref_seq.pdbx_auth_seq_align_end       90 
# 
_pdbx_struct_assembly.id                   1 
_pdbx_struct_assembly.details              author_and_software_defined_assembly 
_pdbx_struct_assembly.method_details       PISA 
_pdbx_struct_assembly.oligomeric_details   dimeric 
_pdbx_struct_assembly.oligomeric_count     2 
# 
loop_
_pdbx_struct_assembly_prop.biol_id 
_pdbx_struct_assembly_prop.type 
_pdbx_struct_assembly_prop.value 
_pdbx_struct_assembly_prop.details 
1 'ABSA (A^2)' 3870  ? 
1 MORE         -25   ? 
1 'SSA (A^2)'  10450 ? 
# 
_pdbx_struct_assembly_gen.assembly_id       1 
_pdbx_struct_assembly_gen.oper_expression   1,2 
_pdbx_struct_assembly_gen.asym_id_list      A,B,C,D 
# 
loop_
_pdbx_struct_oper_list.id 
_pdbx_struct_oper_list.type 
_pdbx_struct_oper_list.name 
_pdbx_struct_oper_list.symmetry_operation 
_pdbx_struct_oper_list.matrix[1][1] 
_pdbx_struct_oper_list.matrix[1][2] 
_pdbx_struct_oper_list.matrix[1][3] 
_pdbx_struct_oper_list.vector[1] 
_pdbx_struct_oper_list.matrix[2][1] 
_pdbx_struct_oper_list.matrix[2][2] 
_pdbx_struct_oper_list.matrix[2][3] 
_pdbx_struct_oper_list.vector[2] 
_pdbx_struct_oper_list.matrix[3][1] 
_pdbx_struct_oper_list.matrix[3][2] 
_pdbx_struct_oper_list.matrix[3][3] 
_pdbx_struct_oper_list.vector[3] 
1 'identity operation'         1_555 x,y,z       1.0000000000 0.0000000000 0.0000000000 0.0000000000  0.0000000000 1.0000000000  0.0000000000 0.0000000000 0.0000000000 0.0000000000 1.0000000000  0.0000000000 
2 'crystal symmetry operation' 2_758 -x+2,y,-z+3 0.8908004223 0.4209814184 0.1710241300 -0.9063350310 0.4209814184 -0.9062696662 0.0380780436 1.0890685805 0.1710241300 0.0380780436 -0.9845307560 7.3394381464 
# 
loop_
_struct_conf.conf_type_id 
_struct_conf.id 
_struct_conf.pdbx_PDB_helix_id 
_struct_conf.beg_label_comp_id 
_struct_conf.beg_label_asym_id 
_struct_conf.beg_label_seq_id 
_struct_conf.pdbx_beg_PDB_ins_code 
_struct_conf.end_label_comp_id 
_struct_conf.end_label_asym_id 
_struct_conf.end_label_seq_id 
_struct_conf.pdbx_end_PDB_ins_code 
_struct_conf.beg_auth_comp_id 
_struct_conf.beg_auth_asym_id 
_struct_conf.beg_auth_seq_id 
_struct_conf.end_auth_comp_id 
_struct_conf.end_auth_asym_id 
_struct_conf.end_auth_seq_id 
_struct_conf.pdbx_PDB_helix_class 
_struct_conf.details 
_struct_conf.pdbx_PDB_helix_length 
HELX_P HELX_P1 AA1 SER A 10 ? GLY A 43 ? SER A 10 GLY A 43 1 ? 34 
HELX_P HELX_P2 AA2 SER A 48 ? GLY A 71 ? SER A 48 GLY A 71 1 ? 24 
HELX_P HELX_P3 AA3 GLU A 73 ? GLY A 85 ? GLU A 73 GLY A 85 1 ? 13 
# 
_struct_conf_type.id          HELX_P 
_struct_conf_type.criteria    ? 
_struct_conf_type.reference   ? 
# 
loop_
_struct_site.id 
_struct_site.pdbx_evidence_code 
_struct_site.pdbx_auth_asym_id 
_struct_site.pdbx_auth_comp_id 
_struct_site.pdbx_auth_seq_id 
_struct_site.pdbx_auth_ins_code 
_struct_site.pdbx_num_residues 
_struct_site.details 
AC1 Software A FMT 101 ? 6 'binding site for residue FMT A 101' 
AC2 Software A FMT 102 ? 8 'binding site for residue FMT A 102' 
# 
loop_
_struct_site_gen.id 
_struct_site_gen.site_id 
_struct_site_gen.pdbx_num_res 
_struct_site_gen.label_comp_id 
_struct_site_gen.label_asym_id 
_struct_site_gen.label_seq_id 
_struct_site_gen.pdbx_auth_ins_code 
_struct_site_gen.auth_comp_id 
_struct_site_gen.auth_asym_id 
_struct_site_gen.auth_seq_id 
_struct_site_gen.label_atom_id 
_struct_site_gen.label_alt_id 
_struct_site_gen.symmetry 
_struct_site_gen.details 
1  AC1 6 ILE A 14 ? ILE A 14  . ? 1_555 ? 
2  AC1 6 GLN A 15 ? GLN A 15  . ? 1_555 ? 
3  AC1 6 ARG A 18 ? ARG A 18  . ? 1_555 ? 
4  AC1 6 FMT C .  ? FMT A 102 . ? 3_455 ? 
5  AC1 6 HOH D .  ? HOH A 226 . ? 1_555 ? 
6  AC1 6 HOH D .  ? HOH A 238 . ? 1_555 ? 
7  AC2 8 GLN A 15 ? GLN A 15  . ? 3_545 ? 
8  AC2 8 ARG A 18 ? ARG A 18  . ? 3_545 ? 
9  AC2 8 HIS A 56 ? HIS A 56  . ? 1_555 ? 
10 AC2 8 THR A 57 ? THR A 57  . ? 1_555 ? 
11 AC2 8 VAL A 60 ? VAL A 60  . ? 1_555 ? 
12 AC2 8 FMT B .  ? FMT A 101 . ? 3_545 ? 
13 AC2 8 HOH D .  ? HOH A 238 . ? 3_545 ? 
14 AC2 8 HOH D .  ? HOH A 288 . ? 3_545 ? 
# 
_pdbx_validate_close_contact.id               1 
_pdbx_validate_close_contact.PDB_model_num    1 
_pdbx_validate_close_contact.auth_atom_id_1   O 
_pdbx_validate_close_contact.auth_asym_id_1   A 
_pdbx_validate_close_contact.auth_comp_id_1   HOH 
_pdbx_validate_close_contact.auth_seq_id_1    212 
_pdbx_validate_close_contact.PDB_ins_code_1   ? 
_pdbx_validate_close_contact.label_alt_id_1   ? 
_pdbx_validate_close_contact.auth_atom_id_2   O 
_pdbx_validate_close_contact.auth_asym_id_2   A 
_pdbx_validate_close_contact.auth_comp_id_2   HOH 
_pdbx_validate_close_contact.auth_seq_id_2    281 
_pdbx_validate_close_contact.PDB_ins_code_2   ? 
_pdbx_validate_close_contact.label_alt_id_2   ? 
_pdbx_validate_close_contact.dist             2.11 
# 
loop_
_pdbx_validate_symm_contact.id 
_pdbx_validate_symm_contact.PDB_model_num 
_pdbx_validate_symm_contact.auth_atom_id_1 
_pdbx_validate_symm_contact.auth_asym_id_1 
_pdbx_validate_symm_contact.auth_comp_id_1 
_pdbx_validate_symm_contact.auth_seq_id_1 
_pdbx_validate_symm_contact.PDB_ins_code_1 
_pdbx_validate_symm_contact.label_alt_id_1 
_pdbx_validate_symm_contact.site_symmetry_1 
_pdbx_validate_symm_contact.auth_atom_id_2 
_pdbx_validate_symm_contact.auth_asym_id_2 
_pdbx_validate_symm_contact.auth_comp_id_2 
_pdbx_validate_symm_contact.auth_seq_id_2 
_pdbx_validate_symm_contact.PDB_ins_code_2 
_pdbx_validate_symm_contact.label_alt_id_2 
_pdbx_validate_symm_contact.site_symmetry_2 
_pdbx_validate_symm_contact.dist 
1 1 O   A HOH 297 ? ? 1_555 O A HOH 306 ? ? 2_758 1.78 
2 1 O   A HOH 204 ? ? 1_555 O A HOH 288 ? ? 3_545 1.93 
3 1 OD1 A ASN 22  ? A 1_555 O A HOH 204 ? ? 3_455 1.97 
4 1 OD1 A ASN 22  ? B 1_555 O A HOH 233 ? ? 3_455 2.04 
5 1 O   A HOH 209 ? ? 1_555 O A HOH 213 ? ? 4_758 2.17 
# 
_pdbx_validate_torsion.id              1 
_pdbx_validate_torsion.PDB_model_num   1 
_pdbx_validate_torsion.auth_comp_id    THR 
_pdbx_validate_torsion.auth_asym_id    A 
_pdbx_validate_torsion.auth_seq_id     45 
_pdbx_validate_torsion.PDB_ins_code    ? 
_pdbx_validate_torsion.label_alt_id    ? 
_pdbx_validate_torsion.phi             -60.35 
_pdbx_validate_torsion.psi             -135.92 
# 
_pdbx_distant_solvent_atoms.id                                1 
_pdbx_distant_solvent_atoms.PDB_model_num                     1 
_pdbx_distant_solvent_atoms.auth_atom_id                      O 
_pdbx_distant_solvent_atoms.label_alt_id                      ? 
_pdbx_distant_solvent_atoms.auth_asym_id                      A 
_pdbx_distant_solvent_atoms.auth_comp_id                      HOH 
_pdbx_distant_solvent_atoms.auth_seq_id                       308 
_pdbx_distant_solvent_atoms.PDB_ins_code                      ? 
_pdbx_distant_solvent_atoms.neighbor_macromolecule_distance   6.42 
_pdbx_distant_solvent_atoms.neighbor_ligand_distance          . 
# 
loop_
_pdbx_unobs_or_zero_occ_residues.id 
_pdbx_unobs_or_zero_occ_residues.PDB_model_num 
_pdbx_unobs_or_zero_occ_residues.polymer_flag 
_pdbx_unobs_or_zero_occ_residues.occupancy_flag 
_pdbx_unobs_or_zero_occ_residues.auth_asym_id 
_pdbx_unobs_or_zero_occ_residues.auth_comp_id 
_pdbx_unobs_or_zero_occ_residues.auth_seq_id 
_pdbx_unobs_or_zero_occ_residues.PDB_ins_code 
_pdbx_unobs_or_zero_occ_residues.label_asym_id 
_pdbx_unobs_or_zero_occ_residues.label_comp_id 
_pdbx_unobs_or_zero_occ_residues.label_seq_id 
1  1 Y 1 A MET 1  ? A MET 1  
2  1 Y 1 A PRO 2  ? A PRO 2  
3  1 Y 1 A SER 3  ? A SER 3  
4  1 Y 1 A GLY 4  ? A GLY 4  
5  1 Y 1 A THR 5  ? A THR 5  
6  1 Y 1 A ASP 6  ? A ASP 6  
7  1 Y 1 A ASP 7  ? A ASP 7  
8  1 Y 1 A GLY 87 ? A GLY 87 
9  1 Y 1 A LYS 88 ? A LYS 88 
10 1 Y 1 A LEU 89 ? A LEU 89 
11 1 Y 1 A GLY 90 ? A GLY 90 
# 
loop_
_chem_comp_atom.comp_id 
_chem_comp_atom.atom_id 
_chem_comp_atom.type_symbol 
_chem_comp_atom.pdbx_aromatic_flag 
_chem_comp_atom.pdbx_stereo_config 
_chem_comp_atom.pdbx_ordinal 
ALA N    N N N 1   
ALA CA   C N S 2   
ALA C    C N N 3   
ALA O    O N N 4   
ALA CB   C N N 5   
ALA OXT  O N N 6   
ALA H    H N N 7   
ALA H2   H N N 8   
ALA HA   H N N 9   
ALA HB1  H N N 10  
ALA HB2  H N N 11  
ALA HB3  H N N 12  
ALA HXT  H N N 13  
ARG N    N N N 14  
ARG CA   C N S 15  
ARG C    C N N 16  
ARG O    O N N 17  
ARG CB   C N N 18  
ARG CG   C N N 19  
ARG CD   C N N 20  
ARG NE   N N N 21  
ARG CZ   C N N 22  
ARG NH1  N N N 23  
ARG NH2  N N N 24  
ARG OXT  O N N 25  
ARG H    H N N 26  
ARG H2   H N N 27  
ARG HA   H N N 28  
ARG HB2  H N N 29  
ARG HB3  H N N 30  
ARG HG2  H N N 31  
ARG HG3  H N N 32  
ARG HD2  H N N 33  
ARG HD3  H N N 34  
ARG HE   H N N 35  
ARG HH11 H N N 36  
ARG HH12 H N N 37  
ARG HH21 H N N 38  
ARG HH22 H N N 39  
ARG HXT  H N N 40  
ASN N    N N N 41  
ASN CA   C N S 42  
ASN C    C N N 43  
ASN O    O N N 44  
ASN CB   C N N 45  
ASN CG   C N N 46  
ASN OD1  O N N 47  
ASN ND2  N N N 48  
ASN OXT  O N N 49  
ASN H    H N N 50  
ASN H2   H N N 51  
ASN HA   H N N 52  
ASN HB2  H N N 53  
ASN HB3  H N N 54  
ASN HD21 H N N 55  
ASN HD22 H N N 56  
ASN HXT  H N N 57  
ASP N    N N N 58  
ASP CA   C N S 59  
ASP C    C N N 60  
ASP O    O N N 61  
ASP CB   C N N 62  
ASP CG   C N N 63  
ASP OD1  O N N 64  
ASP OD2  O N N 65  
ASP OXT  O N N 66  
ASP H    H N N 67  
ASP H2   H N N 68  
ASP HA   H N N 69  
ASP HB2  H N N 70  
ASP HB3  H N N 71  
ASP HD2  H N N 72  
ASP HXT  H N N 73  
FMT C    C N N 74  
FMT O1   O N N 75  
FMT O2   O N N 76  
FMT H    H N N 77  
FMT HO2  H N N 78  
GLN N    N N N 79  
GLN CA   C N S 80  
GLN C    C N N 81  
GLN O    O N N 82  
GLN CB   C N N 83  
GLN CG   C N N 84  
GLN CD   C N N 85  
GLN OE1  O N N 86  
GLN NE2  N N N 87  
GLN OXT  O N N 88  
GLN H    H N N 89  
GLN H2   H N N 90  
GLN HA   H N N 91  
GLN HB2  H N N 92  
GLN HB3  H N N 93  
GLN HG2  H N N 94  
GLN HG3  H N N 95  
GLN HE21 H N N 96  
GLN HE22 H N N 97  
GLN HXT  H N N 98  
GLU N    N N N 99  
GLU CA   C N S 100 
GLU C    C N N 101 
GLU O    O N N 102 
GLU CB   C N N 103 
GLU CG   C N N 104 
GLU CD   C N N 105 
GLU OE1  O N N 106 
GLU OE2  O N N 107 
GLU OXT  O N N 108 
GLU H    H N N 109 
GLU H2   H N N 110 
GLU HA   H N N 111 
GLU HB2  H N N 112 
GLU HB3  H N N 113 
GLU HG2  H N N 114 
GLU HG3  H N N 115 
GLU HE2  H N N 116 
GLU HXT  H N N 117 
GLY N    N N N 118 
GLY CA   C N N 119 
GLY C    C N N 120 
GLY O    O N N 121 
GLY OXT  O N N 122 
GLY H    H N N 123 
GLY H2   H N N 124 
GLY HA2  H N N 125 
GLY HA3  H N N 126 
GLY HXT  H N N 127 
HIS N    N N N 128 
HIS CA   C N S 129 
HIS C    C N N 130 
HIS O    O N N 131 
HIS CB   C N N 132 
HIS CG   C Y N 133 
HIS ND1  N Y N 134 
HIS CD2  C Y N 135 
HIS CE1  C Y N 136 
HIS NE2  N Y N 137 
HIS OXT  O N N 138 
HIS H    H N N 139 
HIS H2   H N N 140 
HIS HA   H N N 141 
HIS HB2  H N N 142 
HIS HB3  H N N 143 
HIS HD1  H N N 144 
HIS HD2  H N N 145 
HIS HE1  H N N 146 
HIS HE2  H N N 147 
HIS HXT  H N N 148 
HOH O    O N N 149 
HOH H1   H N N 150 
HOH H2   H N N 151 
ILE N    N N N 152 
ILE CA   C N S 153 
ILE C    C N N 154 
ILE O    O N N 155 
ILE CB   C N S 156 
ILE CG1  C N N 157 
ILE CG2  C N N 158 
ILE CD1  C N N 159 
ILE OXT  O N N 160 
ILE H    H N N 161 
ILE H2   H N N 162 
ILE HA   H N N 163 
ILE HB   H N N 164 
ILE HG12 H N N 165 
ILE HG13 H N N 166 
ILE HG21 H N N 167 
ILE HG22 H N N 168 
ILE HG23 H N N 169 
ILE HD11 H N N 170 
ILE HD12 H N N 171 
ILE HD13 H N N 172 
ILE HXT  H N N 173 
LEU N    N N N 174 
LEU CA   C N S 175 
LEU C    C N N 176 
LEU O    O N N 177 
LEU CB   C N N 178 
LEU CG   C N N 179 
LEU CD1  C N N 180 
LEU CD2  C N N 181 
LEU OXT  O N N 182 
LEU H    H N N 183 
LEU H2   H N N 184 
LEU HA   H N N 185 
LEU HB2  H N N 186 
LEU HB3  H N N 187 
LEU HG   H N N 188 
LEU HD11 H N N 189 
LEU HD12 H N N 190 
LEU HD13 H N N 191 
LEU HD21 H N N 192 
LEU HD22 H N N 193 
LEU HD23 H N N 194 
LEU HXT  H N N 195 
LYS N    N N N 196 
LYS CA   C N S 197 
LYS C    C N N 198 
LYS O    O N N 199 
LYS CB   C N N 200 
LYS CG   C N N 201 
LYS CD   C N N 202 
LYS CE   C N N 203 
LYS NZ   N N N 204 
LYS OXT  O N N 205 
LYS H    H N N 206 
LYS H2   H N N 207 
LYS HA   H N N 208 
LYS HB2  H N N 209 
LYS HB3  H N N 210 
LYS HG2  H N N 211 
LYS HG3  H N N 212 
LYS HD2  H N N 213 
LYS HD3  H N N 214 
LYS HE2  H N N 215 
LYS HE3  H N N 216 
LYS HZ1  H N N 217 
LYS HZ2  H N N 218 
LYS HZ3  H N N 219 
LYS HXT  H N N 220 
MET N    N N N 221 
MET CA   C N S 222 
MET C    C N N 223 
MET O    O N N 224 
MET CB   C N N 225 
MET CG   C N N 226 
MET SD   S N N 227 
MET CE   C N N 228 
MET OXT  O N N 229 
MET H    H N N 230 
MET H2   H N N 231 
MET HA   H N N 232 
MET HB2  H N N 233 
MET HB3  H N N 234 
MET HG2  H N N 235 
MET HG3  H N N 236 
MET HE1  H N N 237 
MET HE2  H N N 238 
MET HE3  H N N 239 
MET HXT  H N N 240 
PHE N    N N N 241 
PHE CA   C N S 242 
PHE C    C N N 243 
PHE O    O N N 244 
PHE CB   C N N 245 
PHE CG   C Y N 246 
PHE CD1  C Y N 247 
PHE CD2  C Y N 248 
PHE CE1  C Y N 249 
PHE CE2  C Y N 250 
PHE CZ   C Y N 251 
PHE OXT  O N N 252 
PHE H    H N N 253 
PHE H2   H N N 254 
PHE HA   H N N 255 
PHE HB2  H N N 256 
PHE HB3  H N N 257 
PHE HD1  H N N 258 
PHE HD2  H N N 259 
PHE HE1  H N N 260 
PHE HE2  H N N 261 
PHE HZ   H N N 262 
PHE HXT  H N N 263 
PRO N    N N N 264 
PRO CA   C N S 265 
PRO C    C N N 266 
PRO O    O N N 267 
PRO CB   C N N 268 
PRO CG   C N N 269 
PRO CD   C N N 270 
PRO OXT  O N N 271 
PRO H    H N N 272 
PRO HA   H N N 273 
PRO HB2  H N N 274 
PRO HB3  H N N 275 
PRO HG2  H N N 276 
PRO HG3  H N N 277 
PRO HD2  H N N 278 
PRO HD3  H N N 279 
PRO HXT  H N N 280 
SER N    N N N 281 
SER CA   C N S 282 
SER C    C N N 283 
SER O    O N N 284 
SER CB   C N N 285 
SER OG   O N N 286 
SER OXT  O N N 287 
SER H    H N N 288 
SER H2   H N N 289 
SER HA   H N N 290 
SER HB2  H N N 291 
SER HB3  H N N 292 
SER HG   H N N 293 
SER HXT  H N N 294 
THR N    N N N 295 
THR CA   C N S 296 
THR C    C N N 297 
THR O    O N N 298 
THR CB   C N R 299 
THR OG1  O N N 300 
THR CG2  C N N 301 
THR OXT  O N N 302 
THR H    H N N 303 
THR H2   H N N 304 
THR HA   H N N 305 
THR HB   H N N 306 
THR HG1  H N N 307 
THR HG21 H N N 308 
THR HG22 H N N 309 
THR HG23 H N N 310 
THR HXT  H N N 311 
TYR N    N N N 312 
TYR CA   C N S 313 
TYR C    C N N 314 
TYR O    O N N 315 
TYR CB   C N N 316 
TYR CG   C Y N 317 
TYR CD1  C Y N 318 
TYR CD2  C Y N 319 
TYR CE1  C Y N 320 
TYR CE2  C Y N 321 
TYR CZ   C Y N 322 
TYR OH   O N N 323 
TYR OXT  O N N 324 
TYR H    H N N 325 
TYR H2   H N N 326 
TYR HA   H N N 327 
TYR HB2  H N N 328 
TYR HB3  H N N 329 
TYR HD1  H N N 330 
TYR HD2  H N N 331 
TYR HE1  H N N 332 
TYR HE2  H N N 333 
TYR HH   H N N 334 
TYR HXT  H N N 335 
VAL N    N N N 336 
VAL CA   C N S 337 
VAL C    C N N 338 
VAL O    O N N 339 
VAL CB   C N N 340 
VAL CG1  C N N 341 
VAL CG2  C N N 342 
VAL OXT  O N N 343 
VAL H    H N N 344 
VAL H2   H N N 345 
VAL HA   H N N 346 
VAL HB   H N N 347 
VAL HG11 H N N 348 
VAL HG12 H N N 349 
VAL HG13 H N N 350 
VAL HG21 H N N 351 
VAL HG22 H N N 352 
VAL HG23 H N N 353 
VAL HXT  H N N 354 
# 
loop_
_chem_comp_bond.comp_id 
_chem_comp_bond.atom_id_1 
_chem_comp_bond.atom_id_2 
_chem_comp_bond.value_order 
_chem_comp_bond.pdbx_aromatic_flag 
_chem_comp_bond.pdbx_stereo_config 
_chem_comp_bond.pdbx_ordinal 
ALA N   CA   sing N N 1   
ALA N   H    sing N N 2   
ALA N   H2   sing N N 3   
ALA CA  C    sing N N 4   
ALA CA  CB   sing N N 5   
ALA CA  HA   sing N N 6   
ALA C   O    doub N N 7   
ALA C   OXT  sing N N 8   
ALA CB  HB1  sing N N 9   
ALA CB  HB2  sing N N 10  
ALA CB  HB3  sing N N 11  
ALA OXT HXT  sing N N 12  
ARG N   CA   sing N N 13  
ARG N   H    sing N N 14  
ARG N   H2   sing N N 15  
ARG CA  C    sing N N 16  
ARG CA  CB   sing N N 17  
ARG CA  HA   sing N N 18  
ARG C   O    doub N N 19  
ARG C   OXT  sing N N 20  
ARG CB  CG   sing N N 21  
ARG CB  HB2  sing N N 22  
ARG CB  HB3  sing N N 23  
ARG CG  CD   sing N N 24  
ARG CG  HG2  sing N N 25  
ARG CG  HG3  sing N N 26  
ARG CD  NE   sing N N 27  
ARG CD  HD2  sing N N 28  
ARG CD  HD3  sing N N 29  
ARG NE  CZ   sing N N 30  
ARG NE  HE   sing N N 31  
ARG CZ  NH1  sing N N 32  
ARG CZ  NH2  doub N N 33  
ARG NH1 HH11 sing N N 34  
ARG NH1 HH12 sing N N 35  
ARG NH2 HH21 sing N N 36  
ARG NH2 HH22 sing N N 37  
ARG OXT HXT  sing N N 38  
ASN N   CA   sing N N 39  
ASN N   H    sing N N 40  
ASN N   H2   sing N N 41  
ASN CA  C    sing N N 42  
ASN CA  CB   sing N N 43  
ASN CA  HA   sing N N 44  
ASN C   O    doub N N 45  
ASN C   OXT  sing N N 46  
ASN CB  CG   sing N N 47  
ASN CB  HB2  sing N N 48  
ASN CB  HB3  sing N N 49  
ASN CG  OD1  doub N N 50  
ASN CG  ND2  sing N N 51  
ASN ND2 HD21 sing N N 52  
ASN ND2 HD22 sing N N 53  
ASN OXT HXT  sing N N 54  
ASP N   CA   sing N N 55  
ASP N   H    sing N N 56  
ASP N   H2   sing N N 57  
ASP CA  C    sing N N 58  
ASP CA  CB   sing N N 59  
ASP CA  HA   sing N N 60  
ASP C   O    doub N N 61  
ASP C   OXT  sing N N 62  
ASP CB  CG   sing N N 63  
ASP CB  HB2  sing N N 64  
ASP CB  HB3  sing N N 65  
ASP CG  OD1  doub N N 66  
ASP CG  OD2  sing N N 67  
ASP OD2 HD2  sing N N 68  
ASP OXT HXT  sing N N 69  
FMT C   O1   doub N N 70  
FMT C   O2   sing N N 71  
FMT C   H    sing N N 72  
FMT O2  HO2  sing N N 73  
GLN N   CA   sing N N 74  
GLN N   H    sing N N 75  
GLN N   H2   sing N N 76  
GLN CA  C    sing N N 77  
GLN CA  CB   sing N N 78  
GLN CA  HA   sing N N 79  
GLN C   O    doub N N 80  
GLN C   OXT  sing N N 81  
GLN CB  CG   sing N N 82  
GLN CB  HB2  sing N N 83  
GLN CB  HB3  sing N N 84  
GLN CG  CD   sing N N 85  
GLN CG  HG2  sing N N 86  
GLN CG  HG3  sing N N 87  
GLN CD  OE1  doub N N 88  
GLN CD  NE2  sing N N 89  
GLN NE2 HE21 sing N N 90  
GLN NE2 HE22 sing N N 91  
GLN OXT HXT  sing N N 92  
GLU N   CA   sing N N 93  
GLU N   H    sing N N 94  
GLU N   H2   sing N N 95  
GLU CA  C    sing N N 96  
GLU CA  CB   sing N N 97  
GLU CA  HA   sing N N 98  
GLU C   O    doub N N 99  
GLU C   OXT  sing N N 100 
GLU CB  CG   sing N N 101 
GLU CB  HB2  sing N N 102 
GLU CB  HB3  sing N N 103 
GLU CG  CD   sing N N 104 
GLU CG  HG2  sing N N 105 
GLU CG  HG3  sing N N 106 
GLU CD  OE1  doub N N 107 
GLU CD  OE2  sing N N 108 
GLU OE2 HE2  sing N N 109 
GLU OXT HXT  sing N N 110 
GLY N   CA   sing N N 111 
GLY N   H    sing N N 112 
GLY N   H2   sing N N 113 
GLY CA  C    sing N N 114 
GLY CA  HA2  sing N N 115 
GLY CA  HA3  sing N N 116 
GLY C   O    doub N N 117 
GLY C   OXT  sing N N 118 
GLY OXT HXT  sing N N 119 
HIS N   CA   sing N N 120 
HIS N   H    sing N N 121 
HIS N   H2   sing N N 122 
HIS CA  C    sing N N 123 
HIS CA  CB   sing N N 124 
HIS CA  HA   sing N N 125 
HIS C   O    doub N N 126 
HIS C   OXT  sing N N 127 
HIS CB  CG   sing N N 128 
HIS CB  HB2  sing N N 129 
HIS CB  HB3  sing N N 130 
HIS CG  ND1  sing Y N 131 
HIS CG  CD2  doub Y N 132 
HIS ND1 CE1  doub Y N 133 
HIS ND1 HD1  sing N N 134 
HIS CD2 NE2  sing Y N 135 
HIS CD2 HD2  sing N N 136 
HIS CE1 NE2  sing Y N 137 
HIS CE1 HE1  sing N N 138 
HIS NE2 HE2  sing N N 139 
HIS OXT HXT  sing N N 140 
HOH O   H1   sing N N 141 
HOH O   H2   sing N N 142 
ILE N   CA   sing N N 143 
ILE N   H    sing N N 144 
ILE N   H2   sing N N 145 
ILE CA  C    sing N N 146 
ILE CA  CB   sing N N 147 
ILE CA  HA   sing N N 148 
ILE C   O    doub N N 149 
ILE C   OXT  sing N N 150 
ILE CB  CG1  sing N N 151 
ILE CB  CG2  sing N N 152 
ILE CB  HB   sing N N 153 
ILE CG1 CD1  sing N N 154 
ILE CG1 HG12 sing N N 155 
ILE CG1 HG13 sing N N 156 
ILE CG2 HG21 sing N N 157 
ILE CG2 HG22 sing N N 158 
ILE CG2 HG23 sing N N 159 
ILE CD1 HD11 sing N N 160 
ILE CD1 HD12 sing N N 161 
ILE CD1 HD13 sing N N 162 
ILE OXT HXT  sing N N 163 
LEU N   CA   sing N N 164 
LEU N   H    sing N N 165 
LEU N   H2   sing N N 166 
LEU CA  C    sing N N 167 
LEU CA  CB   sing N N 168 
LEU CA  HA   sing N N 169 
LEU C   O    doub N N 170 
LEU C   OXT  sing N N 171 
LEU CB  CG   sing N N 172 
LEU CB  HB2  sing N N 173 
LEU CB  HB3  sing N N 174 
LEU CG  CD1  sing N N 175 
LEU CG  CD2  sing N N 176 
LEU CG  HG   sing N N 177 
LEU CD1 HD11 sing N N 178 
LEU CD1 HD12 sing N N 179 
LEU CD1 HD13 sing N N 180 
LEU CD2 HD21 sing N N 181 
LEU CD2 HD22 sing N N 182 
LEU CD2 HD23 sing N N 183 
LEU OXT HXT  sing N N 184 
LYS N   CA   sing N N 185 
LYS N   H    sing N N 186 
LYS N   H2   sing N N 187 
LYS CA  C    sing N N 188 
LYS CA  CB   sing N N 189 
LYS CA  HA   sing N N 190 
LYS C   O    doub N N 191 
LYS C   OXT  sing N N 192 
LYS CB  CG   sing N N 193 
LYS CB  HB2  sing N N 194 
LYS CB  HB3  sing N N 195 
LYS CG  CD   sing N N 196 
LYS CG  HG2  sing N N 197 
LYS CG  HG3  sing N N 198 
LYS CD  CE   sing N N 199 
LYS CD  HD2  sing N N 200 
LYS CD  HD3  sing N N 201 
LYS CE  NZ   sing N N 202 
LYS CE  HE2  sing N N 203 
LYS CE  HE3  sing N N 204 
LYS NZ  HZ1  sing N N 205 
LYS NZ  HZ2  sing N N 206 
LYS NZ  HZ3  sing N N 207 
LYS OXT HXT  sing N N 208 
MET N   CA   sing N N 209 
MET N   H    sing N N 210 
MET N   H2   sing N N 211 
MET CA  C    sing N N 212 
MET CA  CB   sing N N 213 
MET CA  HA   sing N N 214 
MET C   O    doub N N 215 
MET C   OXT  sing N N 216 
MET CB  CG   sing N N 217 
MET CB  HB2  sing N N 218 
MET CB  HB3  sing N N 219 
MET CG  SD   sing N N 220 
MET CG  HG2  sing N N 221 
MET CG  HG3  sing N N 222 
MET SD  CE   sing N N 223 
MET CE  HE1  sing N N 224 
MET CE  HE2  sing N N 225 
MET CE  HE3  sing N N 226 
MET OXT HXT  sing N N 227 
PHE N   CA   sing N N 228 
PHE N   H    sing N N 229 
PHE N   H2   sing N N 230 
PHE CA  C    sing N N 231 
PHE CA  CB   sing N N 232 
PHE CA  HA   sing N N 233 
PHE C   O    doub N N 234 
PHE C   OXT  sing N N 235 
PHE CB  CG   sing N N 236 
PHE CB  HB2  sing N N 237 
PHE CB  HB3  sing N N 238 
PHE CG  CD1  doub Y N 239 
PHE CG  CD2  sing Y N 240 
PHE CD1 CE1  sing Y N 241 
PHE CD1 HD1  sing N N 242 
PHE CD2 CE2  doub Y N 243 
PHE CD2 HD2  sing N N 244 
PHE CE1 CZ   doub Y N 245 
PHE CE1 HE1  sing N N 246 
PHE CE2 CZ   sing Y N 247 
PHE CE2 HE2  sing N N 248 
PHE CZ  HZ   sing N N 249 
PHE OXT HXT  sing N N 250 
PRO N   CA   sing N N 251 
PRO N   CD   sing N N 252 
PRO N   H    sing N N 253 
PRO CA  C    sing N N 254 
PRO CA  CB   sing N N 255 
PRO CA  HA   sing N N 256 
PRO C   O    doub N N 257 
PRO C   OXT  sing N N 258 
PRO CB  CG   sing N N 259 
PRO CB  HB2  sing N N 260 
PRO CB  HB3  sing N N 261 
PRO CG  CD   sing N N 262 
PRO CG  HG2  sing N N 263 
PRO CG  HG3  sing N N 264 
PRO CD  HD2  sing N N 265 
PRO CD  HD3  sing N N 266 
PRO OXT HXT  sing N N 267 
SER N   CA   sing N N 268 
SER N   H    sing N N 269 
SER N   H2   sing N N 270 
SER CA  C    sing N N 271 
SER CA  CB   sing N N 272 
SER CA  HA   sing N N 273 
SER C   O    doub N N 274 
SER C   OXT  sing N N 275 
SER CB  OG   sing N N 276 
SER CB  HB2  sing N N 277 
SER CB  HB3  sing N N 278 
SER OG  HG   sing N N 279 
SER OXT HXT  sing N N 280 
THR N   CA   sing N N 281 
THR N   H    sing N N 282 
THR N   H2   sing N N 283 
THR CA  C    sing N N 284 
THR CA  CB   sing N N 285 
THR CA  HA   sing N N 286 
THR C   O    doub N N 287 
THR C   OXT  sing N N 288 
THR CB  OG1  sing N N 289 
THR CB  CG2  sing N N 290 
THR CB  HB   sing N N 291 
THR OG1 HG1  sing N N 292 
THR CG2 HG21 sing N N 293 
THR CG2 HG22 sing N N 294 
THR CG2 HG23 sing N N 295 
THR OXT HXT  sing N N 296 
TYR N   CA   sing N N 297 
TYR N   H    sing N N 298 
TYR N   H2   sing N N 299 
TYR CA  C    sing N N 300 
TYR CA  CB   sing N N 301 
TYR CA  HA   sing N N 302 
TYR C   O    doub N N 303 
TYR C   OXT  sing N N 304 
TYR CB  CG   sing N N 305 
TYR CB  HB2  sing N N 306 
TYR CB  HB3  sing N N 307 
TYR CG  CD1  doub Y N 308 
TYR CG  CD2  sing Y N 309 
TYR CD1 CE1  sing Y N 310 
TYR CD1 HD1  sing N N 311 
TYR CD2 CE2  doub Y N 312 
TYR CD2 HD2  sing N N 313 
TYR CE1 CZ   doub Y N 314 
TYR CE1 HE1  sing N N 315 
TYR CE2 CZ   sing Y N 316 
TYR CE2 HE2  sing N N 317 
TYR CZ  OH   sing N N 318 
TYR OH  HH   sing N N 319 
TYR OXT HXT  sing N N 320 
VAL N   CA   sing N N 321 
VAL N   H    sing N N 322 
VAL N   H2   sing N N 323 
VAL CA  C    sing N N 324 
VAL CA  CB   sing N N 325 
VAL CA  HA   sing N N 326 
VAL C   O    doub N N 327 
VAL C   OXT  sing N N 328 
VAL CB  CG1  sing N N 329 
VAL CB  CG2  sing N N 330 
VAL CB  HB   sing N N 331 
VAL CG1 HG11 sing N N 332 
VAL CG1 HG12 sing N N 333 
VAL CG1 HG13 sing N N 334 
VAL CG2 HG21 sing N N 335 
VAL CG2 HG22 sing N N 336 
VAL CG2 HG23 sing N N 337 
VAL OXT HXT  sing N N 338 
# 
_pdbx_audit_support.funding_organization   'The Research Council of Norway' 
_pdbx_audit_support.country                Norway 
_pdbx_audit_support.grant_number           214037 
_pdbx_audit_support.ordinal                1 
# 
_pdbx_initial_refinement_model.id               1 
_pdbx_initial_refinement_model.entity_id_list   ? 
_pdbx_initial_refinement_model.type             'experimental model' 
_pdbx_initial_refinement_model.source_name      PDB 
_pdbx_initial_refinement_model.accession_code   2VKL 
_pdbx_initial_refinement_model.details          ? 
# 
_atom_sites.entry_id                    5HUB 
_atom_sites.fract_transf_matrix[1][1]   0.00061914 
_atom_sites.fract_transf_matrix[1][2]   0.00210851 
_atom_sites.fract_transf_matrix[1][3]   -0.01203527 
_atom_sites.fract_transf_matrix[2][1]   -0.03948190 
_atom_sites.fract_transf_matrix[2][2]   -0.00879053 
_atom_sites.fract_transf_matrix[2][3]   -0.00357116 
_atom_sites.fract_transf_matrix[3][1]   -0.00570007 
_atom_sites.fract_transf_matrix[3][2]   0.02567223 
_atom_sites.fract_transf_matrix[3][3]   -0.00017450 
_atom_sites.fract_transf_vector[1]      1.043283 
_atom_sites.fract_transf_vector[2]      0.424194 
_atom_sites.fract_transf_vector[3]      1.484054 
# 
loop_
_atom_type.symbol 
C 
N 
O 
S 
# 
loop_
_atom_site.group_PDB 
_atom_site.id 
_atom_site.type_symbol 
_atom_site.label_atom_id 
_atom_site.label_alt_id 
_atom_site.label_comp_id 
_atom_site.label_asym_id 
_atom_site.label_entity_id 
_atom_site.label_seq_id 
_atom_site.pdbx_PDB_ins_code 
_atom_site.Cartn_x 
_atom_site.Cartn_y 
_atom_site.Cartn_z 
_atom_site.occupancy 
_atom_site.B_iso_or_equiv 
_atom_site.pdbx_formal_charge 
_atom_site.auth_seq_id 
_atom_site.auth_comp_id 
_atom_site.auth_asym_id 
_atom_site.auth_atom_id 
_atom_site.pdbx_PDB_model_num 
ATOM   1   N N   . PRO A 1 8  ? -12.544 20.560  23.042  1.00 31.99 ? 8   PRO A N   1 
ATOM   2   C CA  . PRO A 1 8  ? -11.632 19.439  22.786  1.00 32.46 ? 8   PRO A CA  1 
ATOM   3   C C   . PRO A 1 8  ? -12.282 18.081  23.014  1.00 29.89 ? 8   PRO A C   1 
ATOM   4   O O   . PRO A 1 8  ? -13.297 17.974  23.703  1.00 31.29 ? 8   PRO A O   1 
ATOM   5   C CB  . PRO A 1 8  ? -10.516 19.632  23.833  1.00 30.53 ? 8   PRO A CB  1 
ATOM   6   C CG  . PRO A 1 8  ? -10.643 21.043  24.314  1.00 31.45 ? 8   PRO A CG  1 
ATOM   7   C CD  . PRO A 1 8  ? -12.095 21.410  24.158  1.00 33.48 ? 8   PRO A CD  1 
ATOM   8   N N   . LEU A 1 9  ? -11.690 17.038  22.449  1.00 25.00 ? 9   LEU A N   1 
ATOM   9   C CA  . LEU A 1 9  ? -12.292 15.735  22.517  1.00 20.29 ? 9   LEU A CA  1 
ATOM   10  C C   . LEU A 1 9  ? -12.278 15.155  23.910  1.00 17.93 ? 9   LEU A C   1 
ATOM   11  O O   . LEU A 1 9  ? -11.297 15.276  24.669  1.00 21.66 ? 9   LEU A O   1 
ATOM   12  C CB  . LEU A 1 9  ? -11.592 14.745  21.599  1.00 19.42 ? 9   LEU A CB  1 
ATOM   13  C CG  . LEU A 1 9  ? -11.592 15.054  20.108  1.00 21.93 ? 9   LEU A CG  1 
ATOM   14  C CD1 . LEU A 1 9  ? -10.732 14.009  19.413  1.00 24.14 ? 9   LEU A CD1 1 
ATOM   15  C CD2 . LEU A 1 9  ? -13.012 15.077  19.564  1.00 25.27 ? 9   LEU A CD2 1 
ATOM   16  N N   . SER A 1 10 ? -13.396 14.557  24.261  1.00 18.33 ? 10  SER A N   1 
ATOM   17  C CA  . SER A 1 10 ? -13.508 13.832  25.515  1.00 17.33 ? 10  SER A CA  1 
ATOM   18  C C   . SER A 1 10 ? -12.759 12.503  25.420  1.00 16.16 ? 10  SER A C   1 
ATOM   19  O O   . SER A 1 10 ? -12.477 12.004  24.343  1.00 16.67 ? 10  SER A O   1 
ATOM   20  C CB  . SER A 1 10 ? -14.963 13.560  25.808  1.00 18.03 ? 10  SER A CB  1 
ATOM   21  O OG  . SER A 1 10 ? -15.473 12.555  24.935  1.00 18.69 ? 10  SER A OG  1 
ATOM   22  N N   . ASP A 1 11 ? -12.445 11.918  26.565  1.00 16.05 ? 11  ASP A N   1 
ATOM   23  C CA  . ASP A 1 11 ? -11.824 10.574  26.600  1.00 15.80 ? 11  ASP A CA  1 
ATOM   24  C C   . ASP A 1 11 ? -12.701 9.575   25.883  1.00 15.37 ? 11  ASP A C   1 
ATOM   25  O O   . ASP A 1 11 ? -12.193 8.708   25.151  1.00 16.45 ? 11  ASP A O   1 
ATOM   26  C CB  . ASP A 1 11 ? -11.553 10.077  28.008  1.00 16.45 ? 11  ASP A CB  1 
ATOM   27  C CG  . ASP A 1 11 ? -10.495 10.868  28.747  1.00 20.49 ? 11  ASP A CG  1 
ATOM   28  O OD1 . ASP A 1 11 ? -9.760  11.637  28.113  1.00 23.84 ? 11  ASP A OD1 1 
ATOM   29  O OD2 . ASP A 1 11 ? -10.437 10.687  30.003  1.00 27.22 ? 11  ASP A OD2 1 
ATOM   30  N N   . ALA A 1 12 ? -14.009 9.695   25.983  1.00 15.50 ? 12  ALA A N   1 
ATOM   31  C CA  . ALA A 1 12 ? -14.917 8.798   25.269  1.00 15.74 ? 12  ALA A CA  1 
ATOM   32  C C   . ALA A 1 12 ? -14.783 8.959   23.745  1.00 15.86 ? 12  ALA A C   1 
ATOM   33  O O   . ALA A 1 12 ? -14.852 7.968   22.990  1.00 18.30 ? 12  ALA A O   1 
ATOM   34  C CB  . ALA A 1 12 ? -16.356 9.114   25.644  1.00 17.07 ? 12  ALA A CB  1 
ATOM   35  N N   . GLU A 1 13 ? -14.718 10.192  23.265  1.00 15.86 ? 13  GLU A N   1 
ATOM   36  C CA  . GLU A 1 13 ? -14.545 10.428  21.802  1.00 17.53 ? 13  GLU A CA  1 
ATOM   37  C C   . GLU A 1 13 ? -13.181 9.868   21.350  1.00 15.75 ? 13  GLU A C   1 
ATOM   38  O O   . GLU A 1 13 ? -13.070 9.230   20.303  1.00 18.22 ? 13  GLU A O   1 
ATOM   39  C CB  . GLU A 1 13 ? -14.707 11.899  21.467  1.00 19.28 ? 13  GLU A CB  1 
ATOM   40  C CG  . GLU A 1 13 ? -16.117 12.445  21.614  1.00 22.68 ? 13  GLU A CG  1 
ATOM   41  C CD  . GLU A 1 13 ? -16.162 13.946  21.431  1.00 27.85 ? 13  GLU A CD  1 
ATOM   42  O OE1 . GLU A 1 13 ? -15.449 14.659  22.159  1.00 27.72 ? 13  GLU A OE1 1 
ATOM   43  O OE2 . GLU A 1 13 ? -16.895 14.416  20.533  1.00 38.72 ? 13  GLU A OE2 1 
ATOM   44  N N   . ILE A 1 14 ? -12.147 10.084  22.146  1.00 15.72 ? 14  ILE A N   1 
ATOM   45  C CA  . ILE A 1 14 ? -10.811 9.532   21.782  1.00 15.04 ? 14  ILE A CA  1 
ATOM   46  C C   . ILE A 1 14 ? -10.843 8.024   21.752  1.00 15.79 ? 14  ILE A C   1 
ATOM   47  O O   . ILE A 1 14 ? -10.274 7.422   20.795  1.00 16.68 ? 14  ILE A O   1 
ATOM   48  C CB  . ILE A 1 14 ? -9.741  10.061  22.760  1.00 16.76 ? 14  ILE A CB  1 
ATOM   49  C CG1 . ILE A 1 14 ? -9.573  11.561  22.608  1.00 18.72 ? 14  ILE A CG1 1 
ATOM   50  C CG2 . ILE A 1 14 ? -8.415  9.350   22.559  1.00 17.06 ? 14  ILE A CG2 1 
ATOM   51  C CD1 . ILE A 1 14 ? -8.879  12.237  23.775  1.00 20.88 ? 14  ILE A CD1 1 
ATOM   52  N N   . GLN A 1 15 ? -11.528 7.385   22.676  1.00 15.62 ? 15  GLN A N   1 
ATOM   53  C CA  A GLN A 1 15 ? -11.803 5.966   22.754  0.50 13.92 ? 15  GLN A CA  1 
ATOM   54  C CA  B GLN A 1 15 ? -11.501 5.952   22.663  0.50 14.27 ? 15  GLN A CA  1 
ATOM   55  C C   . GLN A 1 15 ? -12.312 5.417   21.439  1.00 15.37 ? 15  GLN A C   1 
ATOM   56  O O   . GLN A 1 15 ? -11.864 4.355   20.842  1.00 16.84 ? 15  GLN A O   1 
ATOM   57  C CB  A GLN A 1 15 ? -12.887 5.750   23.855  0.50 11.63 ? 15  GLN A CB  1 
ATOM   58  C CB  B GLN A 1 15 ? -11.927 5.390   24.031  0.50 12.67 ? 15  GLN A CB  1 
ATOM   59  C CG  A GLN A 1 15 ? -13.241 4.286   23.972  0.50 12.93 ? 15  GLN A CG  1 
ATOM   60  C CG  B GLN A 1 15 ? -11.177 4.134   24.423  0.50 15.29 ? 15  GLN A CG  1 
ATOM   61  C CD  A GLN A 1 15 ? -12.068 3.506   24.473  0.50 13.06 ? 15  GLN A CD  1 
ATOM   62  C CD  B GLN A 1 15 ? -9.658  4.263   24.611  0.50 16.02 ? 15  GLN A CD  1 
ATOM   63  O OE1 A GLN A 1 15 ? -11.363 4.006   25.361  0.50 17.17 ? 15  GLN A OE1 1 
ATOM   64  O OE1 B GLN A 1 15 ? -9.042  5.358   24.680  0.50 17.19 ? 15  GLN A OE1 1 
ATOM   65  N NE2 A GLN A 1 15 ? -11.914 2.264   24.044  0.50 12.11 ? 15  GLN A NE2 1 
ATOM   66  N NE2 B GLN A 1 15 ? -9.059  3.133   24.774  0.50 14.57 ? 15  GLN A NE2 1 
ATOM   67  N N   . LYS A 1 16 ? -13.372 6.059   21.002  1.00 16.61 ? 16  LYS A N   1 
ATOM   68  C CA  . LYS A 1 16 ? -14.073 5.607   19.803  1.00 17.01 ? 16  LYS A CA  1 
ATOM   69  C C   . LYS A 1 16 ? -13.145 5.739   18.607  1.00 16.40 ? 16  LYS A C   1 
ATOM   70  O O   . LYS A 1 16 ? -13.105 4.829   17.738  1.00 16.92 ? 16  LYS A O   1 
ATOM   71  C CB  . LYS A 1 16 ? -15.337 6.426   19.626  1.00 20.27 ? 16  LYS A CB  1 
ATOM   72  C CG  . LYS A 1 16 ? -16.305 5.909   18.615  0.50 17.41 ? 16  LYS A CG  1 
ATOM   73  C CD  . LYS A 1 16 ? -17.754 5.944   18.981  0.50 20.72 ? 16  LYS A CD  1 
ATOM   74  C CE  . LYS A 1 16 ? -18.522 5.046   18.042  0.50 20.86 ? 16  LYS A CE  1 
ATOM   75  N NZ  . LYS A 1 16 ? -18.381 3.586   18.285  0.50 18.03 ? 16  LYS A NZ  1 
ATOM   76  N N   . TYR A 1 17 ? -12.404 6.836   18.516  1.00 15.37 ? 17  TYR A N   1 
ATOM   77  C CA  . TYR A 1 17 ? -11.439 7.014   17.425  1.00 15.30 ? 17  TYR A CA  1 
ATOM   78  C C   . TYR A 1 17 ? -10.312 5.987   17.518  1.00 13.67 ? 17  TYR A C   1 
ATOM   79  O O   . TYR A 1 17 ? -9.849  5.507   16.410  1.00 14.75 ? 17  TYR A O   1 
ATOM   80  C CB  . TYR A 1 17 ? -10.895 8.439   17.427  1.00 16.23 ? 17  TYR A CB  1 
ATOM   81  C CG  . TYR A 1 17 ? -11.823 9.506   16.921  1.00 19.74 ? 17  TYR A CG  1 
ATOM   82  C CD1 . TYR A 1 17 ? -12.519 9.350   15.710  1.00 22.62 ? 17  TYR A CD1 1 
ATOM   83  C CD2 . TYR A 1 17 ? -11.947 10.735  17.579  1.00 22.65 ? 17  TYR A CD2 1 
ATOM   84  C CE1 . TYR A 1 17 ? -13.344 10.358  15.219  1.00 29.16 ? 17  TYR A CE1 1 
ATOM   85  C CE2 . TYR A 1 17 ? -12.767 11.738  17.086  1.00 28.23 ? 17  TYR A CE2 1 
ATOM   86  C CZ  . TYR A 1 17 ? -13.469 11.543  15.913  1.00 31.05 ? 17  TYR A CZ  1 
ATOM   87  O OH  . TYR A 1 17 ? -14.287 12.545  15.415  1.00 41.63 ? 17  TYR A OH  1 
ATOM   88  N N   . ARG A 1 18 ? -9.795  5.610   18.673  1.00 14.45 ? 18  ARG A N   1 
ATOM   89  C CA  . ARG A 1 18 ? -8.755  4.603   18.749  1.00 14.04 ? 18  ARG A CA  1 
ATOM   90  C C   . ARG A 1 18 ? -9.270  3.268   18.283  1.00 13.97 ? 18  ARG A C   1 
ATOM   91  O O   . ARG A 1 18 ? -8.534  2.520   17.592  1.00 15.69 ? 18  ARG A O   1 
ATOM   92  C CB  . ARG A 1 18 ? -8.200  4.484   20.168  1.00 15.64 ? 18  ARG A CB  1 
ATOM   93  C CG  . ARG A 1 18 ? -7.457  5.708   20.626  1.00 19.28 ? 18  ARG A CG  1 
ATOM   94  C CD  . ARG A 1 18 ? -5.977  5.654   20.310  1.00 26.73 ? 18  ARG A CD  1 
ATOM   95  N NE  . ARG A 1 18 ? -5.321  6.885   20.766  1.00 29.54 ? 18  ARG A NE  1 
ATOM   96  C CZ  . ARG A 1 18 ? -4.502  7.661   20.057  1.00 27.67 ? 18  ARG A CZ  1 
ATOM   97  N NH1 . ARG A 1 18 ? -4.039  8.762   20.629  1.00 37.08 ? 18  ARG A NH1 1 
ATOM   98  N NH2 . ARG A 1 18 ? -4.131  7.376   18.804  1.00 30.30 ? 18  ARG A NH2 1 
ATOM   99  N N   A GLU A 1 19 ? -10.521 2.963   18.590  0.70 14.44 ? 19  GLU A N   1 
ATOM   100 N N   B GLU A 1 19 ? -10.503 2.915   18.576  0.30 14.08 ? 19  GLU A N   1 
ATOM   101 C CA  A GLU A 1 19 ? -11.199 1.758   18.106  0.70 14.26 ? 19  GLU A CA  1 
ATOM   102 C CA  B GLU A 1 19 ? -10.969 1.632   18.079  0.30 13.38 ? 19  GLU A CA  1 
ATOM   103 C C   A GLU A 1 19 ? -11.255 1.752   16.567  0.70 15.22 ? 19  GLU A C   1 
ATOM   104 C C   B GLU A 1 19 ? -11.168 1.684   16.560  0.30 14.70 ? 19  GLU A C   1 
ATOM   105 O O   A GLU A 1 19 ? -11.026 0.728   15.921  0.70 15.93 ? 19  GLU A O   1 
ATOM   106 O O   B GLU A 1 19 ? -11.011 0.678   15.880  0.30 15.98 ? 19  GLU A O   1 
ATOM   107 C CB  A GLU A 1 19 ? -12.644 1.688   18.719  0.70 13.95 ? 19  GLU A CB  1 
ATOM   108 C CB  B GLU A 1 19 ? -12.244 1.215   18.773  0.30 14.01 ? 19  GLU A CB  1 
ATOM   109 C CG  A GLU A 1 19 ? -12.768 1.354   20.192  0.70 13.47 ? 19  GLU A CG  1 
ATOM   110 C CG  B GLU A 1 19 ? -12.823 -0.036  18.167  0.30 13.86 ? 19  GLU A CG  1 
ATOM   111 C CD  A GLU A 1 19 ? -14.129 1.618   20.817  0.70 14.93 ? 19  GLU A CD  1 
ATOM   112 C CD  B GLU A 1 19 ? -11.874 -1.217  18.278  0.30 14.83 ? 19  GLU A CD  1 
ATOM   113 O OE1 A GLU A 1 19 ? -15.194 1.876   20.195  0.70 18.92 ? 19  GLU A OE1 1 
ATOM   114 O OE1 B GLU A 1 19 ? -11.976 -2.146  17.452  0.30 19.77 ? 19  GLU A OE1 1 
ATOM   115 O OE2 A GLU A 1 19 ? -14.013 1.524   22.044  0.70 17.81 ? 19  GLU A OE2 1 
ATOM   116 O OE2 B GLU A 1 19 ? -11.043 -1.209  19.220  0.30 20.34 ? 19  GLU A OE2 1 
ATOM   117 N N   A GLU A 1 20 ? -11.637 2.872   16.028  0.70 14.53 ? 20  GLU A N   1 
ATOM   118 N N   B GLU A 1 20 ? -11.542 2.837   16.047  0.30 14.32 ? 20  GLU A N   1 
ATOM   119 C CA  A GLU A 1 20 ? -11.676 2.973   14.551  0.70 14.19 ? 20  GLU A CA  1 
ATOM   120 C CA  B GLU A 1 20 ? -11.653 2.970   14.587  0.30 13.79 ? 20  GLU A CA  1 
ATOM   121 C C   A GLU A 1 20 ? -10.292 2.810   13.995  0.70 13.47 ? 20  GLU A C   1 
ATOM   122 C C   B GLU A 1 20 ? -10.303 2.846   13.943  0.30 13.36 ? 20  GLU A C   1 
ATOM   123 O O   A GLU A 1 20 ? -10.150 2.160   12.907  0.70 15.26 ? 20  GLU A O   1 
ATOM   124 O O   B GLU A 1 20 ? -10.210 2.256   12.855  0.30 15.28 ? 20  GLU A O   1 
ATOM   125 C CB  A GLU A 1 20 ? -12.236 4.308   14.154  0.70 15.11 ? 20  GLU A CB  1 
ATOM   126 C CB  B GLU A 1 20 ? -12.288 4.290   14.250  0.30 16.84 ? 20  GLU A CB  1 
ATOM   127 C CG  A GLU A 1 20 ? -12.628 4.208   12.679  0.70 18.38 ? 20  GLU A CG  1 
ATOM   128 C CG  B GLU A 1 20 ? -13.775 4.235   14.493  0.30 19.31 ? 20  GLU A CG  1 
ATOM   129 C CD  A GLU A 1 20 ? -13.464 5.307   12.085  0.70 24.29 ? 20  GLU A CD  1 
ATOM   130 C CD  B GLU A 1 20 ? -14.388 2.959   13.966  0.30 20.78 ? 20  GLU A CD  1 
ATOM   131 O OE1 A GLU A 1 20 ? -13.851 6.210   12.853  0.70 30.88 ? 20  GLU A OE1 1 
ATOM   132 O OE1 B GLU A 1 20 ? -15.010 2.214   14.763  0.30 25.55 ? 20  GLU A OE1 1 
ATOM   133 O OE2 A GLU A 1 20 ? -13.760 5.227   10.884  0.70 28.12 ? 20  GLU A OE2 1 
ATOM   134 O OE2 B GLU A 1 20 ? -14.222 2.730   12.774  0.30 24.61 ? 20  GLU A OE2 1 
ATOM   135 N N   . ILE A 1 21 ? -9.246  3.385   14.511  1.00 13.79 ? 21  ILE A N   1 
ATOM   136 C CA  . ILE A 1 21 ? -7.881  3.158   13.998  1.00 14.10 ? 21  ILE A CA  1 
ATOM   137 C C   . ILE A 1 21 ? -7.526  1.699   14.091  1.00 13.89 ? 21  ILE A C   1 
ATOM   138 O O   . ILE A 1 21 ? -6.932  1.183   13.116  1.00 14.85 ? 21  ILE A O   1 
ATOM   139 C CB  . ILE A 1 21 ? -6.873  4.085   14.716  1.00 15.44 ? 21  ILE A CB  1 
ATOM   140 C CG1 . ILE A 1 21 ? -7.114  5.524   14.333  1.00 15.63 ? 21  ILE A CG1 1 
ATOM   141 C CG2 . ILE A 1 21 ? -5.438  3.648   14.467  1.00 15.22 ? 21  ILE A CG2 1 
ATOM   142 C CD1 . ILE A 1 21 ? -6.374  6.510   15.237  1.00 18.64 ? 21  ILE A CD1 1 
ATOM   143 N N   A ASN A 1 22 ? -7.863  0.970   15.159  0.70 13.57 ? 22  ASN A N   1 
ATOM   144 N N   B ASN A 1 22 ? -7.895  1.000   15.140  0.30 13.72 ? 22  ASN A N   1 
ATOM   145 C CA  A ASN A 1 22 ? -7.650  -0.469  15.206  0.70 13.27 ? 22  ASN A CA  1 
ATOM   146 C CA  B ASN A 1 22 ? -7.603  -0.391  15.154  0.30 12.62 ? 22  ASN A CA  1 
ATOM   147 C C   A ASN A 1 22 ? -8.279  -1.175  13.979  0.70 13.83 ? 22  ASN A C   1 
ATOM   148 C C   B ASN A 1 22 ? -8.266  -1.166  13.992  0.30 13.37 ? 22  ASN A C   1 
ATOM   149 O O   A ASN A 1 22 ? -7.665  -2.053  13.361  0.70 14.85 ? 22  ASN A O   1 
ATOM   150 O O   B ASN A 1 22 ? -7.659  -2.039  13.374  0.30 15.22 ? 22  ASN A O   1 
ATOM   151 C CB  A ASN A 1 22 ? -8.243  -1.064  16.526  0.70 13.41 ? 22  ASN A CB  1 
ATOM   152 C CB  B ASN A 1 22 ? -7.974  -0.972  16.484  0.30 13.18 ? 22  ASN A CB  1 
ATOM   153 C CG  A ASN A 1 22 ? -7.505  -0.638  17.826  0.70 14.21 ? 22  ASN A CG  1 
ATOM   154 C CG  B ASN A 1 22 ? -7.532  -2.375  16.566  0.30 15.93 ? 22  ASN A CG  1 
ATOM   155 O OD1 A ASN A 1 22 ? -6.445  -0.096  17.807  0.70 16.35 ? 22  ASN A OD1 1 
ATOM   156 O OD1 B ASN A 1 22 ? -6.336  -2.656  16.456  0.30 17.37 ? 22  ASN A OD1 1 
ATOM   157 N ND2 A ASN A 1 22 ? -8.159  -0.880  18.985  0.70 15.88 ? 22  ASN A ND2 1 
ATOM   158 N ND2 B ASN A 1 22 ? -8.477  -3.269  16.518  0.30 18.89 ? 22  ASN A ND2 1 
ATOM   159 N N   . ARG A 1 23 ? -9.502  -0.833  13.724  1.00 13.62 ? 23  ARG A N   1 
ATOM   160 C CA  A ARG A 1 23 ? -10.211 -1.492  12.602  0.50 14.10 ? 23  ARG A CA  1 
ATOM   161 C CA  B ARG A 1 23 ? -10.221 -1.440  12.590  0.50 13.68 ? 23  ARG A CA  1 
ATOM   162 C C   . ARG A 1 23 ? -9.594  -1.058  11.267  1.00 13.97 ? 23  ARG A C   1 
ATOM   163 O O   . ARG A 1 23 ? -9.520  -1.882  10.317  1.00 15.99 ? 23  ARG A O   1 
ATOM   164 C CB  A ARG A 1 23 ? -11.721 -1.235  12.676  0.50 17.10 ? 23  ARG A CB  1 
ATOM   165 C CB  B ARG A 1 23 ? -11.660 -0.983  12.649  0.50 14.26 ? 23  ARG A CB  1 
ATOM   166 C CG  A ARG A 1 23 ? -12.452 -1.981  13.791  0.50 18.61 ? 23  ARG A CG  1 
ATOM   167 C CG  B ARG A 1 23 ? -12.376 -1.601  13.819  0.50 14.62 ? 23  ARG A CG  1 
ATOM   168 C CD  A ARG A 1 23 ? -13.960 -1.872  13.603  0.50 20.03 ? 23  ARG A CD  1 
ATOM   169 C CD  B ARG A 1 23 ? -13.789 -1.127  13.908  0.50 15.57 ? 23  ARG A CD  1 
ATOM   170 N NE  A ARG A 1 23 ? -14.494 -0.506  13.744  0.50 19.88 ? 23  ARG A NE  1 
ATOM   171 N NE  B ARG A 1 23 ? -14.358 -1.548  15.174  0.50 16.84 ? 23  ARG A NE  1 
ATOM   172 C CZ  A ARG A 1 23 ? -14.864 0.043   14.904  0.50 18.75 ? 23  ARG A CZ  1 
ATOM   173 C CZ  B ARG A 1 23 ? -15.563 -1.180  15.621  0.50 17.02 ? 23  ARG A CZ  1 
ATOM   174 N NH1 A ARG A 1 23 ? -14.727 -0.640  16.025  0.50 21.06 ? 23  ARG A NH1 1 
ATOM   175 N NH1 B ARG A 1 23 ? -16.315 -0.405  14.872  0.50 20.70 ? 23  ARG A NH1 1 
ATOM   176 N NH2 A ARG A 1 23 ? -15.358 1.267   14.906  0.50 21.05 ? 23  ARG A NH2 1 
ATOM   177 N NH2 B ARG A 1 23 ? -16.003 -1.568  16.813  0.50 19.46 ? 23  ARG A NH2 1 
ATOM   178 N N   . LEU A 1 24 ? -9.156  0.159   11.110  1.00 13.66 ? 24  LEU A N   1 
ATOM   179 C CA  . LEU A 1 24 ? -8.484  0.571   9.853   1.00 14.57 ? 24  LEU A CA  1 
ATOM   180 C C   . LEU A 1 24 ? -7.190  -0.135  9.721   1.00 13.91 ? 24  LEU A C   1 
ATOM   181 O O   . LEU A 1 24 ? -6.831  -0.487  8.528   1.00 15.05 ? 24  LEU A O   1 
ATOM   182 C CB  . LEU A 1 24 ? -8.311  2.080   9.856   1.00 14.71 ? 24  LEU A CB  1 
ATOM   183 C CG  . LEU A 1 24 ? -9.573  2.857   9.595   1.00 16.16 ? 24  LEU A CG  1 
ATOM   184 C CD1 . LEU A 1 24 ? -9.505  4.309   10.024  1.00 16.89 ? 24  LEU A CD1 1 
ATOM   185 C CD2 . LEU A 1 24 ? -9.884  2.815   8.108   1.00 18.98 ? 24  LEU A CD2 1 
ATOM   186 N N   . ASP A 1 25 ? -6.427  -0.388  10.762  1.00 13.97 ? 25  ASP A N   1 
ATOM   187 C CA  . ASP A 1 25 ? -5.160  -1.129  10.586  1.00 13.30 ? 25  ASP A CA  1 
ATOM   188 C C   . ASP A 1 25 ? -5.452  -2.534  10.173  1.00 14.31 ? 25  ASP A C   1 
ATOM   189 O O   . ASP A 1 25 ? -4.736  -3.080  9.290   1.00 14.49 ? 25  ASP A O   1 
ATOM   190 C CB  . ASP A 1 25 ? -4.343  -1.037  11.881  1.00 13.26 ? 25  ASP A CB  1 
ATOM   191 C CG  . ASP A 1 25 ? -3.673  0.281   12.006  1.00 14.00 ? 25  ASP A CG  1 
ATOM   192 O OD1 . ASP A 1 25 ? -3.548  1.048   11.026  1.00 15.53 ? 25  ASP A OD1 1 
ATOM   193 O OD2 . ASP A 1 25 ? -3.215  0.566   13.186  1.00 16.05 ? 25  ASP A OD2 1 
ATOM   194 N N   . ARG A 1 26 ? -6.507  -3.145  10.621  1.00 14.41 ? 26  ARG A N   1 
ATOM   195 C CA  . ARG A 1 26 ? -6.932  -4.449  10.142  1.00 14.99 ? 26  ARG A CA  1 
ATOM   196 C C   . ARG A 1 26 ? -7.256  -4.402  8.638   1.00 15.68 ? 26  ARG A C   1 
ATOM   197 O O   . ARG A 1 26 ? -6.877  -5.322  7.891   1.00 17.99 ? 26  ARG A O   1 
ATOM   198 C CB  . ARG A 1 26 ? -8.135  -4.940  10.975  1.00 16.82 ? 26  ARG A CB  1 
ATOM   199 C CG  . ARG A 1 26 ? -9.047  -6.018  10.420  1.00 22.32 ? 26  ARG A CG  1 
ATOM   200 C CD  . ARG A 1 26 ? -8.546  -7.398  10.710  1.00 26.68 ? 26  ARG A CD  1 
ATOM   201 N NE  . ARG A 1 26 ? -7.481  -7.743  9.787   1.00 31.61 ? 26  ARG A NE  1 
ATOM   202 C CZ  . ARG A 1 26 ? -6.197  -7.849  10.111  1.00 29.92 ? 26  ARG A CZ  1 
ATOM   203 N NH1 . ARG A 1 26 ? -5.787  -7.686  11.372  1.00 30.46 ? 26  ARG A NH1 1 
ATOM   204 N NH2 . ARG A 1 26 ? -5.325  -8.119  9.170   1.00 29.36 ? 26  ARG A NH2 1 
ATOM   205 N N   A GLU A 1 27 ? -8.009  -3.406  8.230   0.70 14.51 ? 27  GLU A N   1 
ATOM   206 N N   B GLU A 1 27 ? -8.013  -3.390  8.230   0.30 14.54 ? 27  GLU A N   1 
ATOM   207 C CA  A GLU A 1 27 ? -8.323  -3.305  6.811   0.70 15.46 ? 27  GLU A CA  1 
ATOM   208 C CA  B GLU A 1 27 ? -8.368  -3.198  6.821   0.30 14.71 ? 27  GLU A CA  1 
ATOM   209 C C   A GLU A 1 27 ? -7.093  -3.042  5.999   0.70 13.99 ? 27  GLU A C   1 
ATOM   210 C C   B GLU A 1 27 ? -7.117  -3.030  5.973   0.30 13.70 ? 27  GLU A C   1 
ATOM   211 O O   A GLU A 1 27 ? -6.985  -3.574  4.849   0.70 16.25 ? 27  GLU A O   1 
ATOM   212 O O   B GLU A 1 27 ? -7.011  -3.631  4.874   0.30 16.22 ? 27  GLU A O   1 
ATOM   213 C CB  A GLU A 1 27 ? -9.310  -2.213  6.597   0.70 17.84 ? 27  GLU A CB  1 
ATOM   214 C CB  B GLU A 1 27 ? -9.267  -1.978  6.675   0.30 16.44 ? 27  GLU A CB  1 
ATOM   215 C CG  A GLU A 1 27 ? -10.699 -2.592  7.096   0.70 19.85 ? 27  GLU A CG  1 
ATOM   216 C CG  B GLU A 1 27 ? -9.546  -1.602  5.242   0.30 18.01 ? 27  GLU A CG  1 
ATOM   217 C CD  A GLU A 1 27 ? -11.731 -1.543  6.779   0.70 21.42 ? 27  GLU A CD  1 
ATOM   218 C CD  B GLU A 1 27 ? -10.628 -0.569  5.061   0.30 21.41 ? 27  GLU A CD  1 
ATOM   219 O OE1 A GLU A 1 27 ? -12.873 -1.703  7.281   0.70 30.83 ? 27  GLU A OE1 1 
ATOM   220 O OE1 B GLU A 1 27 ? -10.951 0.148   6.031   0.30 24.80 ? 27  GLU A OE1 1 
ATOM   221 O OE2 A GLU A 1 27 ? -11.432 -0.515  6.107   0.70 28.66 ? 27  GLU A OE2 1 
ATOM   222 O OE2 B GLU A 1 27 ? -11.161 -0.479  3.935   0.30 28.39 ? 27  GLU A OE2 1 
ATOM   223 N N   . ILE A 1 28 ? -6.181  -2.203  6.393   1.00 13.33 ? 28  ILE A N   1 
ATOM   224 C CA  . ILE A 1 28 ? -4.936  -1.970  5.653   1.00 12.53 ? 28  ILE A CA  1 
ATOM   225 C C   . ILE A 1 28 ? -4.161  -3.238  5.578   1.00 13.62 ? 28  ILE A C   1 
ATOM   226 O O   . ILE A 1 28 ? -3.734  -3.611  4.416   1.00 14.76 ? 28  ILE A O   1 
ATOM   227 C CB  . ILE A 1 28 ? -4.111  -0.858  6.341   1.00 12.77 ? 28  ILE A CB  1 
ATOM   228 C CG1 . ILE A 1 28 ? -4.799  0.472   6.209   1.00 13.14 ? 28  ILE A CG1 1 
ATOM   229 C CG2 . ILE A 1 28 ? -2.683  -0.832  5.797   1.00 12.53 ? 28  ILE A CG2 1 
ATOM   230 C CD1 . ILE A 1 28 ? -4.274  1.563   7.158   1.00 13.41 ? 28  ILE A CD1 1 
ATOM   231 N N   . LEU A 1 29 ? -3.961  -3.978  6.657   1.00 13.24 ? 29  LEU A N   1 
ATOM   232 C CA  . LEU A 1 29 ? -3.232  -5.219  6.632   1.00 13.68 ? 29  LEU A CA  1 
ATOM   233 C C   . LEU A 1 29 ? -3.917  -6.256  5.718   1.00 14.91 ? 29  LEU A C   1 
ATOM   234 O O   . LEU A 1 29 ? -3.212  -6.947  4.922   1.00 16.01 ? 29  LEU A O   1 
ATOM   235 C CB  . LEU A 1 29 ? -3.004  -5.766  8.005   1.00 13.79 ? 29  LEU A CB  1 
ATOM   236 C CG  . LEU A 1 29 ? -1.992  -4.960  8.830   1.00 16.10 ? 29  LEU A CG  1 
ATOM   237 C CD1 . LEU A 1 29 ? -2.146  -5.242  10.308  1.00 17.07 ? 29  LEU A CD1 1 
ATOM   238 C CD2 . LEU A 1 29 ? -0.574  -5.253  8.389   1.00 19.07 ? 29  LEU A CD2 1 
ATOM   239 N N   . ASP A 1 30 ? -5.219  -6.360  5.776   1.00 14.77 ? 30  ASP A N   1 
ATOM   240 C CA  . ASP A 1 30 ? -5.965  -7.300  4.915   1.00 15.70 ? 30  ASP A CA  1 
ATOM   241 C C   . ASP A 1 30 ? -5.684  -6.970  3.432   1.00 15.82 ? 30  ASP A C   1 
ATOM   242 O O   . ASP A 1 30 ? -5.485  -7.894  2.605   1.00 16.61 ? 30  ASP A O   1 
ATOM   243 C CB  . ASP A 1 30 ? -7.489  -7.190  5.181   1.00 17.32 ? 30  ASP A CB  1 
ATOM   244 C CG  . ASP A 1 30 ? -7.956  -7.859  6.456   1.00 20.70 ? 30  ASP A CG  1 
ATOM   245 O OD1 . ASP A 1 30 ? -7.184  -8.629  7.024   1.00 25.96 ? 30  ASP A OD1 1 
ATOM   246 O OD2 . ASP A 1 30 ? -9.137  -7.648  6.854   1.00 27.94 ? 30  ASP A OD2 1 
ATOM   247 N N   . ALA A 1 31 ? -5.804  -5.732  3.058   1.00 14.49 ? 31  ALA A N   1 
ATOM   248 C CA  . ALA A 1 31 ? -5.610  -5.322  1.659   1.00 13.63 ? 31  ALA A CA  1 
ATOM   249 C C   . ALA A 1 31 ? -4.158  -5.494  1.288   1.00 13.53 ? 31  ALA A C   1 
ATOM   250 O O   . ALA A 1 31 ? -3.907  -5.897  0.083   1.00 15.43 ? 31  ALA A O   1 
ATOM   251 C CB  . ALA A 1 31 ? -6.075  -3.906  1.464   1.00 14.62 ? 31  ALA A CB  1 
ATOM   252 N N   . VAL A 1 32 ? -3.176  -5.138  2.082   1.00 13.77 ? 32  VAL A N   1 
ATOM   253 C CA  . VAL A 1 32 ? -1.805  -5.410  1.772   1.00 13.48 ? 32  VAL A CA  1 
ATOM   254 C C   . VAL A 1 32 ? -1.507  -6.890  1.586   1.00 15.29 ? 32  VAL A C   1 
ATOM   255 O O   . VAL A 1 32 ? -0.810  -7.267  0.586   1.00 15.94 ? 32  VAL A O   1 
ATOM   256 C CB  . VAL A 1 32 ? -0.890  -4.792  2.896   1.00 14.52 ? 32  VAL A CB  1 
ATOM   257 C CG1 . VAL A 1 32 ? 0.532   -5.274  2.728   1.00 14.81 ? 32  VAL A CG1 1 
ATOM   258 C CG2 . VAL A 1 32 ? -1.030  -3.292  2.879   1.00 14.85 ? 32  VAL A CG2 1 
ATOM   259 N N   . LYS A 1 33 ? -2.072  -7.764  2.391   1.00 15.28 ? 33  LYS A N   1 
ATOM   260 C CA  . LYS A 1 33 ? -1.880  -9.186  2.223   1.00 15.02 ? 33  LYS A CA  1 
ATOM   261 C C   . LYS A 1 33 ? -2.482  -9.645  0.856   1.00 15.91 ? 33  LYS A C   1 
ATOM   262 O O   . LYS A 1 33 ? -1.852  -10.444 0.121   1.00 18.44 ? 33  LYS A O   1 
ATOM   263 C CB  . LYS A 1 33 ? -2.509  -9.944  3.365   1.00 15.56 ? 33  LYS A CB  1 
ATOM   264 C CG  . LYS A 1 33 ? -1.782  -9.757  4.678   1.00 17.13 ? 33  LYS A CG  1 
ATOM   265 C CD  . LYS A 1 33 ? -2.506  -10.558 5.778   1.00 20.33 ? 33  LYS A CD  1 
ATOM   266 C CE  . LYS A 1 33 ? -2.081  -10.211 7.155   1.00 22.37 ? 33  LYS A CE  1 
ATOM   267 N NZ  . LYS A 1 33 ? -2.715  -11.117 8.143   1.00 26.59 ? 33  LYS A NZ  1 
ATOM   268 N N   A ARG A 1 34 ? -3.696  -9.210  0.572   0.50 15.77 ? 34  ARG A N   1 
ATOM   269 N N   B ARG A 1 34 ? -3.710  -9.229  0.581   0.50 15.83 ? 34  ARG A N   1 
ATOM   270 C CA  A ARG A 1 34 ? -4.357  -9.599  -0.689  0.50 15.53 ? 34  ARG A CA  1 
ATOM   271 C CA  B ARG A 1 34 ? -4.382  -9.592  -0.688  0.50 15.55 ? 34  ARG A CA  1 
ATOM   272 C C   A ARG A 1 34 ? -3.546  -9.092  -1.870  0.50 14.99 ? 34  ARG A C   1 
ATOM   273 C C   B ARG A 1 34 ? -3.562  -9.086  -1.873  0.50 15.00 ? 34  ARG A C   1 
ATOM   274 O O   A ARG A 1 34 ? -3.313  -9.868  -2.856  0.50 16.33 ? 34  ARG A O   1 
ATOM   275 O O   B ARG A 1 34 ? -3.322  -9.867  -2.857  0.50 16.33 ? 34  ARG A O   1 
ATOM   276 C CB  A ARG A 1 34 ? -5.761  -9.033  -0.749  0.50 18.43 ? 34  ARG A CB  1 
ATOM   277 C CB  B ARG A 1 34 ? -5.789  -9.004  -0.746  0.50 18.46 ? 34  ARG A CB  1 
ATOM   278 C CG  A ARG A 1 34 ? -6.822  -9.831  -0.006  0.50 23.95 ? 34  ARG A CG  1 
ATOM   279 C CG  B ARG A 1 34 ? -6.879  -9.750  0.027   0.50 23.78 ? 34  ARG A CG  1 
ATOM   280 C CD  A ARG A 1 34 ? -8.226  -9.290  -0.211  0.50 27.53 ? 34  ARG A CD  1 
ATOM   281 C CD  B ARG A 1 34 ? -8.292  -9.231  -0.236  0.50 27.28 ? 34  ARG A CD  1 
ATOM   282 N NE  A ARG A 1 34 ? -8.478  -8.146  0.639   0.50 35.19 ? 34  ARG A NE  1 
ATOM   283 N NE  B ARG A 1 34 ? -8.396  -7.799  -0.057  0.50 36.30 ? 34  ARG A NE  1 
ATOM   284 C CZ  A ARG A 1 34 ? -9.039  -7.022  0.219   0.50 35.73 ? 34  ARG A CZ  1 
ATOM   285 C CZ  B ARG A 1 34 ? -9.143  -7.200  0.866   0.50 37.55 ? 34  ARG A CZ  1 
ATOM   286 N NH1 A ARG A 1 34 ? -9.432  -6.909  -1.030  0.50 42.44 ? 34  ARG A NH1 1 
ATOM   287 N NH1 B ARG A 1 34 ? -9.933  -7.896  1.681   0.50 43.37 ? 34  ARG A NH1 1 
ATOM   288 N NH2 A ARG A 1 34 ? -9.204  -6.022  1.050   0.50 35.44 ? 34  ARG A NH2 1 
ATOM   289 N NH2 B ARG A 1 34 ? -9.128  -5.895  0.904   0.50 33.84 ? 34  ARG A NH2 1 
ATOM   290 N N   . ARG A 1 35 ? -3.124  -7.852  -1.879  1.00 13.83 ? 35  ARG A N   1 
ATOM   291 C CA  . ARG A 1 35 ? -2.302  -7.263  -2.976  1.00 13.58 ? 35  ARG A CA  1 
ATOM   292 C C   . ARG A 1 35 ? -1.044  -8.046  -3.145  1.00 14.01 ? 35  ARG A C   1 
ATOM   293 O O   . ARG A 1 35 ? -0.685  -8.345  -4.337  1.00 17.51 ? 35  ARG A O   1 
ATOM   294 C CB  . ARG A 1 35 ? -1.948  -5.807  -2.542  1.00 13.85 ? 35  ARG A CB  1 
ATOM   295 C CG  . ARG A 1 35 ? -1.352  -5.013  -3.703  1.00 13.49 ? 35  ARG A CG  1 
ATOM   296 C CD  . ARG A 1 35 ? -0.446  -3.942  -3.157  1.00 13.82 ? 35  ARG A CD  1 
ATOM   297 N NE  . ARG A 1 35 ? -0.109  -2.993  -4.185  1.00 13.63 ? 35  ARG A NE  1 
ATOM   298 C CZ  . ARG A 1 35 ? 0.820   -3.189  -5.118  1.00 14.17 ? 35  ARG A CZ  1 
ATOM   299 N NH1 . ARG A 1 35 ? 0.958   -2.281  -6.083  1.00 15.09 ? 35  ARG A NH1 1 
ATOM   300 N NH2 . ARG A 1 35 ? 1.579   -4.269  -5.085  1.00 14.75 ? 35  ARG A NH2 1 
ATOM   301 N N   . THR A 1 36 ? -0.388  -8.456  -2.079  1.00 15.54 ? 36  THR A N   1 
ATOM   302 C CA  . THR A 1 36 ? 0.907   -9.092  -2.175  1.00 15.63 ? 36  THR A CA  1 
ATOM   303 C C   . THR A 1 36 ? 0.725   -10.501 -2.705  1.00 16.39 ? 36  THR A C   1 
ATOM   304 O O   . THR A 1 36 ? 1.462   -10.908 -3.593  1.00 18.23 ? 36  THR A O   1 
ATOM   305 C CB  . THR A 1 36 ? 1.559   -9.062  -0.808  1.00 16.37 ? 36  THR A CB  1 
ATOM   306 O OG1 . THR A 1 36 ? 1.784   -7.682  -0.437  1.00 17.60 ? 36  THR A OG1 1 
ATOM   307 C CG2 . THR A 1 36 ? 2.826   -9.836  -0.777  1.00 17.83 ? 36  THR A CG2 1 
ATOM   308 N N   . LYS A 1 37 ? -0.305  -11.213 -2.304  1.00 16.66 ? 37  LYS A N   1 
ATOM   309 C CA  . LYS A 1 37 ? -0.592  -12.549 -2.804  1.00 17.83 ? 37  LYS A CA  1 
ATOM   310 C C   . LYS A 1 37 ? -0.829  -12.485 -4.336  1.00 17.68 ? 37  LYS A C   1 
ATOM   311 O O   . LYS A 1 37 ? -0.307  -13.315 -5.087  1.00 20.41 ? 37  LYS A O   1 
ATOM   312 C CB  . LYS A 1 37 ? -1.807  -13.131 -2.098  1.00 18.59 ? 37  LYS A CB  1 
ATOM   313 C CG  . LYS A 1 37 ? -2.041  -14.590 -2.434  0.50 19.11 ? 37  LYS A CG  1 
ATOM   314 C CD  . LYS A 1 37 ? -3.071  -15.212 -1.514  0.50 24.22 ? 37  LYS A CD  1 
ATOM   315 C CE  . LYS A 1 37 ? -4.455  -14.971 -2.055  0.50 30.48 ? 37  LYS A CE  1 
ATOM   316 N NZ  . LYS A 1 37 ? -5.463  -15.902 -1.470  1.00 40.54 ? 37  LYS A NZ  1 
ATOM   317 N N   . ILE A 1 38 ? -1.643  -11.549 -4.782  1.00 16.10 ? 38  ILE A N   1 
ATOM   318 C CA  . ILE A 1 38 ? -1.910  -11.408 -6.235  1.00 16.48 ? 38  ILE A CA  1 
ATOM   319 C C   . ILE A 1 38 ? -0.628  -11.045 -6.937  1.00 16.83 ? 38  ILE A C   1 
ATOM   320 O O   . ILE A 1 38 ? -0.317  -11.647 -8.017  1.00 19.31 ? 38  ILE A O   1 
ATOM   321 C CB  . ILE A 1 38 ? -2.947  -10.338 -6.502  1.00 16.58 ? 38  ILE A CB  1 
ATOM   322 C CG1 . ILE A 1 38 ? -4.283  -10.777 -5.988  1.00 18.15 ? 38  ILE A CG1 1 
ATOM   323 C CG2 . ILE A 1 38 ? -3.066  -10.080 -8.027  1.00 16.88 ? 38  ILE A CG2 1 
ATOM   324 C CD1 . ILE A 1 38 ? -5.329  -9.708  -5.902  1.00 20.29 ? 38  ILE A CD1 1 
ATOM   325 N N   . SER A 1 39 ? 0.119   -10.087 -6.484  1.00 16.85 ? 39  SER A N   1 
ATOM   326 C CA  . SER A 1 39 ? 1.332   -9.686  -7.112  1.00 18.52 ? 39  SER A CA  1 
ATOM   327 C C   . SER A 1 39 ? 2.305   -10.822 -7.251  1.00 19.39 ? 39  SER A C   1 
ATOM   328 O O   . SER A 1 39 ? 2.859   -11.027 -8.355  1.00 24.03 ? 39  SER A O   1 
ATOM   329 C CB  . SER A 1 39 ? 1.940   -8.493  -6.387  1.00 17.89 ? 39  SER A CB  1 
ATOM   330 O OG  . SER A 1 39 ? 3.037   -8.021  -7.145  1.00 22.67 ? 39  SER A OG  1 
ATOM   331 N N   . GLN A 1 40 ? 2.476   -11.612 -6.203  1.00 22.14 ? 40  GLN A N   1 
ATOM   332 C CA  . GLN A 1 40 ? 3.441   -12.693 -6.268  1.00 22.82 ? 40  GLN A CA  1 
ATOM   333 C C   . GLN A 1 40 ? 2.989   -13.762 -7.257  1.00 25.98 ? 40  GLN A C   1 
ATOM   334 O O   . GLN A 1 40 ? 3.808   -14.442 -7.862  1.00 39.41 ? 40  GLN A O   1 
ATOM   335 C CB  . GLN A 1 40 ? 3.684   -13.301 -4.892  1.00 22.35 ? 40  GLN A CB  1 
ATOM   336 C CG  . GLN A 1 40 ? 4.346   -12.349 -3.909  1.00 23.89 ? 40  GLN A CG  1 
ATOM   337 C CD  . GLN A 1 40 ? 4.627   -12.955 -2.573  1.00 29.02 ? 40  GLN A CD  1 
ATOM   338 O OE1 . GLN A 1 40 ? 3.845   -13.750 -2.065  1.00 35.59 ? 40  GLN A OE1 1 
ATOM   339 N NE2 . GLN A 1 40 ? 5.729   -12.545 -1.955  1.00 35.33 ? 40  GLN A NE2 1 
ATOM   340 N N   . THR A 1 41 ? 1.683   -13.937 -7.374  1.00 26.34 ? 41  THR A N   1 
ATOM   341 C CA  . THR A 1 41 ? 1.160   -14.916 -8.302  1.00 28.67 ? 41  THR A CA  1 
ATOM   342 C C   . THR A 1 41 ? 1.417   -14.524 -9.765  1.00 28.09 ? 41  THR A C   1 
ATOM   343 O O   . THR A 1 41 ? 1.666   -15.413 -10.601 1.00 37.27 ? 41  THR A O   1 
ATOM   344 C CB  . THR A 1 41 ? -0.354  -15.187 -8.106  1.00 28.20 ? 41  THR A CB  1 
ATOM   345 O OG1 . THR A 1 41 ? -1.134  -14.096 -8.587  1.00 38.80 ? 41  THR A OG1 1 
ATOM   346 C CG2 . THR A 1 41 ? -0.700  -15.539 -6.714  1.00 26.59 ? 41  THR A CG2 1 
ATOM   347 N N   . ILE A 1 42 ? 1.408   -13.234 -10.079 1.00 25.96 ? 42  ILE A N   1 
ATOM   348 C CA  . ILE A 1 42 ? 1.495   -12.694 -11.466 1.00 25.77 ? 42  ILE A CA  1 
ATOM   349 C C   . ILE A 1 42 ? 2.858   -12.146 -11.989 1.00 29.39 ? 42  ILE A C   1 
ATOM   350 O O   . ILE A 1 42 ? 3.035   -11.870 -13.187 1.00 39.35 ? 42  ILE A O   1 
ATOM   351 C CB  . ILE A 1 42 ? 0.397   -11.600 -11.757 1.00 26.34 ? 42  ILE A CB  1 
ATOM   352 C CG1 . ILE A 1 42 ? 0.678   -10.219 -11.179 1.00 26.06 ? 42  ILE A CG1 1 
ATOM   353 C CG2 . ILE A 1 42 ? -0.966  -12.088 -11.363 1.00 30.16 ? 42  ILE A CG2 1 
ATOM   354 C CD1 . ILE A 1 42 ? -0.335  -9.190  -11.598 1.00 27.00 ? 42  ILE A CD1 1 
ATOM   355 N N   . GLY A 1 43 ? 3.790   -11.931 -11.061 1.00 37.90 ? 43  GLY A N   1 
ATOM   356 C CA  . GLY A 1 43 ? 5.036   -11.224 -11.337 1.00 39.07 ? 43  GLY A CA  1 
ATOM   357 C C   . GLY A 1 43 ? 5.816   -12.017 -12.343 1.00 43.69 ? 43  GLY A C   1 
ATOM   358 O O   . GLY A 1 43 ? 5.989   -13.234 -12.156 1.00 47.90 ? 43  GLY A O   1 
ATOM   359 N N   . LYS A 1 44 ? 6.263   -11.334 -13.405 1.00 44.74 ? 44  LYS A N   1 
ATOM   360 C CA  . LYS A 1 44 ? 6.794   -12.015 -14.577 1.00 40.60 ? 44  LYS A CA  1 
ATOM   361 C C   . LYS A 1 44 ? 8.137   -12.698 -14.335 1.00 42.57 ? 44  LYS A C   1 
ATOM   362 O O   . LYS A 1 44 ? 9.015   -12.281 -13.548 1.00 48.51 ? 44  LYS A O   1 
ATOM   363 C CB  . LYS A 1 44 ? 6.882   -11.121 -15.842 1.00 34.46 ? 44  LYS A CB  1 
ATOM   364 C CG  . LYS A 1 44 ? 6.417   -11.806 -17.141 1.00 38.26 ? 44  LYS A CG  1 
ATOM   365 C CD  . LYS A 1 44 ? 7.049   -11.227 -18.398 1.00 38.53 ? 44  LYS A CD  1 
ATOM   366 C CE  . LYS A 1 44 ? 6.231   -11.583 -19.648 1.00 40.34 ? 44  LYS A CE  1 
ATOM   367 N NZ  . LYS A 1 44 ? 7.021   -12.116 -20.805 1.00 41.26 ? 44  LYS A NZ  1 
ATOM   368 N N   . THR A 1 45 ? 8.194   -13.774 -15.084 1.00 44.24 ? 45  THR A N   1 
ATOM   369 C CA  . THR A 1 45 ? 9.246   -14.718 -15.291 1.00 34.41 ? 45  THR A CA  1 
ATOM   370 C C   . THR A 1 45 ? 10.523  -14.063 -15.880 1.00 31.13 ? 45  THR A C   1 
ATOM   371 O O   . THR A 1 45 ? 10.940  -13.005 -15.430 1.00 37.61 ? 45  THR A O   1 
ATOM   372 C CB  . THR A 1 45 ? 8.655   -15.743 -16.290 1.00 40.54 ? 45  THR A CB  1 
ATOM   373 O OG1 . THR A 1 45 ? 8.470   -15.113 -17.573 1.00 51.31 ? 45  THR A OG1 1 
ATOM   374 C CG2 . THR A 1 45 ? 7.272   -16.311 -15.814 1.00 37.48 ? 45  THR A CG2 1 
ATOM   375 N N   . ARG A 1 46 ? 11.151  -14.686 -16.872 1.00 33.73 ? 46  ARG A N   1 
ATOM   376 C CA  . ARG A 1 46 ? 12.372  -14.153 -17.394 1.00 27.97 ? 46  ARG A CA  1 
ATOM   377 C C   . ARG A 1 46 ? 11.968  -12.856 -18.106 1.00 32.31 ? 46  ARG A C   1 
ATOM   378 O O   . ARG A 1 46 ? 11.012  -12.882 -18.879 1.00 37.31 ? 46  ARG A O   1 
ATOM   379 C CB  . ARG A 1 46 ? 12.961  -15.154 -18.377 1.00 28.50 ? 46  ARG A CB  1 
ATOM   380 C CG  . ARG A 1 46 ? 14.444  -15.291 -18.305 1.00 33.46 ? 46  ARG A CG  1 
ATOM   381 C CD  . ARG A 1 46 ? 14.782  -16.698 -18.727 1.00 36.63 ? 46  ARG A CD  1 
ATOM   382 N NE  . ARG A 1 46 ? 14.583  -17.604 -17.614 1.00 37.87 ? 46  ARG A NE  1 
ATOM   383 C CZ  . ARG A 1 46 ? 14.351  -18.906 -17.701 1.00 34.19 ? 46  ARG A CZ  1 
ATOM   384 N NH1 . ARG A 1 46 ? 14.172  -19.529 -18.893 1.00 33.27 ? 46  ARG A NH1 1 
ATOM   385 N NH2 . ARG A 1 46 ? 14.236  -19.590 -16.568 1.00 39.91 ? 46  ARG A NH2 1 
ATOM   386 N N   . MET A 1 47 ? 12.642  -11.733 -17.826 1.00 21.99 ? 47  MET A N   1 
ATOM   387 C CA  . MET A 1 47 ? 12.357  -10.485 -18.550 1.00 21.11 ? 47  MET A CA  1 
ATOM   388 C C   . MET A 1 47 ? 13.496  -10.056 -19.487 1.00 18.72 ? 47  MET A C   1 
ATOM   389 O O   . MET A 1 47 ? 14.650  -10.288 -19.235 1.00 21.99 ? 47  MET A O   1 
ATOM   390 C CB  . MET A 1 47 ? 12.013  -9.345  -17.568 1.00 24.32 ? 47  MET A CB  1 
ATOM   391 C CG  . MET A 1 47 ? 10.708  -9.532  -16.715 1.00 24.63 ? 47  MET A CG  1 
ATOM   392 S SD  . MET A 1 47 ? 9.937   -7.981  -16.347 1.00 45.00 ? 47  MET A SD  1 
ATOM   393 C CE  . MET A 1 47 ? 10.926  -7.454  -14.943 1.00 49.18 ? 47  MET A CE  1 
ATOM   394 N N   . SER A 1 48 ? 13.135  -9.461  -20.611 1.00 16.45 ? 48  SER A N   1 
ATOM   395 C CA  . SER A 1 48 ? 14.108  -8.765  -21.435 1.00 16.14 ? 48  SER A CA  1 
ATOM   396 C C   . SER A 1 48 ? 14.301  -7.369  -20.915 1.00 15.38 ? 48  SER A C   1 
ATOM   397 O O   . SER A 1 48 ? 13.527  -6.892  -20.063 1.00 16.47 ? 48  SER A O   1 
ATOM   398 C CB  . SER A 1 48 ? 13.587  -8.693  -22.859 1.00 17.91 ? 48  SER A CB  1 
ATOM   399 O OG  . SER A 1 48 ? 12.407  -7.888  -22.893 1.00 20.14 ? 48  SER A OG  1 
ATOM   400 N N   . SER A 1 49 ? 15.281  -6.647  -21.418 1.00 15.29 ? 49  SER A N   1 
ATOM   401 C CA  . SER A 1 49 ? 15.413  -5.253  -21.081 1.00 15.58 ? 49  SER A CA  1 
ATOM   402 C C   . SER A 1 49 ? 14.233  -4.434  -21.493 1.00 15.71 ? 49  SER A C   1 
ATOM   403 O O   . SER A 1 49 ? 13.818  -3.521  -20.765 1.00 15.84 ? 49  SER A O   1 
ATOM   404 C CB  . SER A 1 49 ? 16.700  -4.647  -21.594 1.00 17.52 ? 49  SER A CB  1 
ATOM   405 O OG  . SER A 1 49 ? 17.833  -5.221  -21.002 1.00 19.28 ? 49  SER A OG  1 
ATOM   406 N N   . GLY A 1 50 ? 13.664  -4.728  -22.657 1.00 16.55 ? 50  GLY A N   1 
ATOM   407 C CA  . GLY A 1 50 ? 12.456  -4.041  -23.021 1.00 17.60 ? 50  GLY A CA  1 
ATOM   408 C C   . GLY A 1 50 ? 11.307  -4.296  -22.066 1.00 15.42 ? 50  GLY A C   1 
ATOM   409 O O   . GLY A 1 50 ? 10.570  -3.375  -21.693 1.00 17.70 ? 50  GLY A O   1 
ATOM   410 N N   . GLY A 1 51 ? 11.165  -5.515  -21.594 1.00 16.54 ? 51  GLY A N   1 
ATOM   411 C CA  . GLY A 1 51 ? 10.099  -5.857  -20.683 1.00 16.70 ? 51  GLY A CA  1 
ATOM   412 C C   . GLY A 1 51 ? 10.315  -5.187  -19.317 1.00 16.57 ? 51  GLY A C   1 
ATOM   413 O O   . GLY A 1 51 ? 9.349   -4.765  -18.657 1.00 17.02 ? 51  GLY A O   1 
ATOM   414 N N   A THR A 1 52 ? 11.565  -5.075  -18.911 0.50 15.94 ? 52  THR A N   1 
ATOM   415 N N   B THR A 1 52 ? 11.575  -5.013  -18.900 0.50 15.93 ? 52  THR A N   1 
ATOM   416 C CA  A THR A 1 52 ? 11.908  -4.490  -17.619 0.50 16.13 ? 52  THR A CA  1 
ATOM   417 C CA  B THR A 1 52 ? 11.870  -4.217  -17.662 0.50 16.05 ? 52  THR A CA  1 
ATOM   418 C C   A THR A 1 52 ? 11.592  -2.984  -17.697 0.50 14.79 ? 52  THR A C   1 
ATOM   419 C C   B THR A 1 52 ? 11.473  -2.783  -17.796 0.50 14.70 ? 52  THR A C   1 
ATOM   420 O O   A THR A 1 52 ? 11.166  -2.349  -16.695 0.50 15.04 ? 52  THR A O   1 
ATOM   421 O O   B THR A 1 52 ? 11.053  -2.187  -16.770 0.50 15.06 ? 52  THR A O   1 
ATOM   422 C CB  A THR A 1 52 ? 13.365  -4.906  -17.335 0.50 15.65 ? 52  THR A CB  1 
ATOM   423 C CB  B THR A 1 52 ? 13.358  -4.211  -17.235 0.50 18.96 ? 52  THR A CB  1 
ATOM   424 O OG1 A THR A 1 52 ? 13.415  -6.339  -17.203 0.50 17.25 ? 52  THR A OG1 1 
ATOM   425 O OG1 B THR A 1 52 ? 14.152  -3.266  -18.000 0.50 16.77 ? 52  THR A OG1 1 
ATOM   426 C CG2 A THR A 1 52 ? 13.850  -4.315  -16.052 0.50 13.77 ? 52  THR A CG2 1 
ATOM   427 C CG2 B THR A 1 52 ? 13.930  -5.619  -17.223 0.50 18.47 ? 52  THR A CG2 1 
ATOM   428 N N   A ARG A 1 53 ? 11.738  -2.375  -18.852 0.50 14.59 ? 53  ARG A N   1 
ATOM   429 N N   B ARG A 1 53 ? 11.664  -2.153  -18.954 0.50 14.32 ? 53  ARG A N   1 
ATOM   430 C CA  A ARG A 1 53 ? 11.393  -0.993  -19.054 0.50 13.75 ? 53  ARG A CA  1 
ATOM   431 C CA  B ARG A 1 53 ? 11.231  -0.765  -19.156 0.50 13.71 ? 53  ARG A CA  1 
ATOM   432 C C   A ARG A 1 53 ? 9.854   -0.703  -18.862 0.50 13.76 ? 53  ARG A C   1 
ATOM   433 C C   B ARG A 1 53 ? 9.775   -0.652  -18.839 0.50 13.66 ? 53  ARG A C   1 
ATOM   434 O O   A ARG A 1 53 ? 9.477   0.323   -18.250 0.50 15.24 ? 53  ARG A O   1 
ATOM   435 O O   B ARG A 1 53 ? 9.357   0.335   -18.213 0.50 15.32 ? 53  ARG A O   1 
ATOM   436 C CB  A ARG A 1 53 ? 11.955  -0.624  -20.416 0.50 13.22 ? 53  ARG A CB  1 
ATOM   437 C CB  B ARG A 1 53 ? 11.339  -0.293  -20.610 0.50 14.08 ? 53  ARG A CB  1 
ATOM   438 C CG  A ARG A 1 53 ? 11.513  0.694   -20.897 0.50 12.70 ? 53  ARG A CG  1 
ATOM   439 C CG  B ARG A 1 53 ? 12.683  0.218   -21.015 0.50 14.14 ? 53  ARG A CG  1 
ATOM   440 C CD  A ARG A 1 53 ? 12.037  0.845   -22.327 0.50 14.69 ? 53  ARG A CD  1 
ATOM   441 C CD  B ARG A 1 53 ? 12.725  0.603   -22.489 0.50 15.52 ? 53  ARG A CD  1 
ATOM   442 N NE  A ARG A 1 53 ? 11.665  2.109   -22.859 0.50 16.39 ? 53  ARG A NE  1 
ATOM   443 N NE  B ARG A 1 53 ? 12.066  1.866   -22.773 0.50 16.84 ? 53  ARG A NE  1 
ATOM   444 C CZ  A ARG A 1 53 ? 11.910  2.534   -24.070 0.50 15.47 ? 53  ARG A CZ  1 
ATOM   445 C CZ  B ARG A 1 53 ? 12.020  2.419   -23.977 0.50 15.42 ? 53  ARG A CZ  1 
ATOM   446 N NH1 A ARG A 1 53 ? 11.494  3.722   -24.399 0.50 16.70 ? 53  ARG A NH1 1 
ATOM   447 N NH1 B ARG A 1 53 ? 11.425  3.563   -24.201 0.50 17.05 ? 53  ARG A NH1 1 
ATOM   448 N NH2 A ARG A 1 53 ? 12.503  1.756   -24.970 0.50 15.95 ? 53  ARG A NH2 1 
ATOM   449 N NH2 B ARG A 1 53 ? 12.547  1.767   -24.999 0.50 15.90 ? 53  ARG A NH2 1 
ATOM   450 N N   . LEU A 1 54 ? 8.984   -1.601  -19.331 1.00 14.09 ? 54  LEU A N   1 
ATOM   451 C CA  . LEU A 1 54 ? 7.575   -1.501  -19.157 1.00 15.10 ? 54  LEU A CA  1 
ATOM   452 C C   . LEU A 1 54 ? 7.204   -1.579  -17.644 1.00 14.52 ? 54  LEU A C   1 
ATOM   453 O O   . LEU A 1 54 ? 6.367   -0.843  -17.171 1.00 16.24 ? 54  LEU A O   1 
ATOM   454 C CB  . LEU A 1 54 ? 6.880   -2.608  -19.941 1.00 16.48 ? 54  LEU A CB  1 
ATOM   455 C CG  . LEU A 1 54 ? 7.001   -2.568  -21.482 1.00 20.11 ? 54  LEU A CG  1 
ATOM   456 C CD1 . LEU A 1 54 ? 6.466   -3.837  -22.129 1.00 22.30 ? 54  LEU A CD1 1 
ATOM   457 C CD2 . LEU A 1 54 ? 6.220   -1.385  -21.967 1.00 25.34 ? 54  LEU A CD2 1 
ATOM   458 N N   . VAL A 1 55 ? 7.825   -2.482  -16.927 1.00 13.54 ? 55  VAL A N   1 
ATOM   459 C CA  . VAL A 1 55 ? 7.619   -2.635  -15.519 1.00 13.22 ? 55  VAL A CA  1 
ATOM   460 C C   . VAL A 1 55 ? 8.041   -1.381  -14.794 1.00 13.28 ? 55  VAL A C   1 
ATOM   461 O O   . VAL A 1 55 ? 7.332   -0.894  -13.886 1.00 14.67 ? 55  VAL A O   1 
ATOM   462 C CB  . VAL A 1 55 ? 8.340   -3.873  -14.966 1.00 15.50 ? 55  VAL A CB  1 
ATOM   463 C CG1 . VAL A 1 55 ? 8.313   -3.909  -13.474 1.00 15.75 ? 55  VAL A CG1 1 
ATOM   464 C CG2 . VAL A 1 55 ? 7.712   -5.134  -15.538 1.00 18.22 ? 55  VAL A CG2 1 
ATOM   465 N N   . HIS A 1 56 ? 9.178   -0.831  -15.137 1.00 12.54 ? 56  HIS A N   1 
ATOM   466 C CA  . HIS A 1 56 ? 9.661   0.382   -14.468 1.00 12.93 ? 56  HIS A CA  1 
ATOM   467 C C   . HIS A 1 56 ? 8.691   1.495   -14.636 1.00 12.83 ? 56  HIS A C   1 
ATOM   468 O O   . HIS A 1 56 ? 8.362   2.229   -13.658 1.00 13.76 ? 56  HIS A O   1 
ATOM   469 C CB  . HIS A 1 56 ? 11.047  0.777   -14.992 1.00 14.20 ? 56  HIS A CB  1 
ATOM   470 C CG  . HIS A 1 56 ? 11.531  2.066   -14.484 1.00 15.07 ? 56  HIS A CG  1 
ATOM   471 N ND1 . HIS A 1 56 ? 12.021  2.196   -13.207 1.00 17.45 ? 56  HIS A ND1 1 
ATOM   472 C CD2 . HIS A 1 56 ? 11.529  3.304   -15.018 1.00 17.99 ? 56  HIS A CD2 1 
ATOM   473 C CE1 . HIS A 1 56 ? 12.344  3.456   -12.999 1.00 19.37 ? 56  HIS A CE1 1 
ATOM   474 N NE2 . HIS A 1 56 ? 12.056  4.152   -14.082 1.00 20.67 ? 56  HIS A NE2 1 
ATOM   475 N N   . THR A 1 57 ? 8.163   1.679   -15.848 1.00 13.02 ? 57  THR A N   1 
ATOM   476 C CA  . THR A 1 57 ? 7.201   2.741   -16.098 1.00 12.67 ? 57  THR A CA  1 
ATOM   477 C C   . THR A 1 57 ? 5.928   2.536   -15.250 1.00 12.81 ? 57  THR A C   1 
ATOM   478 O O   . THR A 1 57 ? 5.402   3.532   -14.708 1.00 14.22 ? 57  THR A O   1 
ATOM   479 C CB  . THR A 1 57 ? 6.896   2.831   -17.638 1.00 14.67 ? 57  THR A CB  1 
ATOM   480 O OG1 . THR A 1 57 ? 8.125   2.998   -18.323 1.00 16.62 ? 57  THR A OG1 1 
ATOM   481 C CG2 . THR A 1 57 ? 5.981   3.938   -17.963 1.00 15.85 ? 57  THR A CG2 1 
ATOM   482 N N   . ARG A 1 58 ? 5.479   1.308   -15.106 1.00 12.88 ? 58  ARG A N   1 
ATOM   483 C CA  . ARG A 1 58 ? 4.335   1.057   -14.242 1.00 13.59 ? 58  ARG A CA  1 
ATOM   484 C C   . ARG A 1 58 ? 4.684   1.369   -12.767 1.00 13.62 ? 58  ARG A C   1 
ATOM   485 O O   . ARG A 1 58 ? 3.800   1.860   -12.045 1.00 15.82 ? 58  ARG A O   1 
ATOM   486 C CB  . ARG A 1 58 ? 3.900   -0.393  -14.337 1.00 14.79 ? 58  ARG A CB  1 
ATOM   487 C CG  . ARG A 1 58 ? 3.192   -0.731  -15.636 1.00 17.52 ? 58  ARG A CG  1 
ATOM   488 C CD  . ARG A 1 58 ? 2.285   -1.965  -15.551 1.00 26.33 ? 58  ARG A CD  1 
ATOM   489 N NE  . ARG A 1 58 ? 2.952   -3.122  -15.003 1.00 26.40 ? 58  ARG A NE  1 
ATOM   490 C CZ  . ARG A 1 58 ? 3.522   -4.105  -15.673 1.00 23.03 ? 58  ARG A CZ  1 
ATOM   491 N NH1 . ARG A 1 58 ? 3.491   -4.117  -16.994 1.00 33.23 ? 58  ARG A NH1 1 
ATOM   492 N NH2 . ARG A 1 58 ? 4.120   -5.091  -15.013 1.00 28.04 ? 58  ARG A NH2 1 
ATOM   493 N N   . GLU A 1 59 ? 5.868   1.036   -12.308 1.00 13.54 ? 59  GLU A N   1 
ATOM   494 C CA  . GLU A 1 59 ? 6.248   1.269   -10.897 1.00 13.84 ? 59  GLU A CA  1 
ATOM   495 C C   . GLU A 1 59 ? 6.316   2.739   -10.671 1.00 13.84 ? 59  GLU A C   1 
ATOM   496 O O   . GLU A 1 59 ? 5.876   3.189   -9.576  1.00 14.95 ? 59  GLU A O   1 
ATOM   497 C CB  . GLU A 1 59 ? 7.558   0.562   -10.619 1.00 14.83 ? 59  GLU A CB  1 
ATOM   498 C CG  . GLU A 1 59 ? 7.503   -0.962  -10.557 1.00 15.14 ? 59  GLU A CG  1 
ATOM   499 C CD  . GLU A 1 59 ? 8.854   -1.640  -10.275 1.00 16.80 ? 59  GLU A CD  1 
ATOM   500 O OE1 . GLU A 1 59 ? 9.883   -0.971  -10.344 1.00 25.40 ? 59  GLU A OE1 1 
ATOM   501 O OE2 . GLU A 1 59 ? 8.840   -2.832  -9.963  1.00 20.58 ? 59  GLU A OE2 1 
ATOM   502 N N   . VAL A 1 60 ? 6.831   3.544   -11.582 1.00 13.58 ? 60  VAL A N   1 
ATOM   503 C CA  . VAL A 1 60 ? 6.835   4.986   -11.409 1.00 14.25 ? 60  VAL A CA  1 
ATOM   504 C C   . VAL A 1 60 ? 5.447   5.562   -11.295 1.00 14.51 ? 60  VAL A C   1 
ATOM   505 O O   . VAL A 1 60 ? 5.206   6.455   -10.462 1.00 15.43 ? 60  VAL A O   1 
ATOM   506 C CB  . VAL A 1 60 ? 7.648   5.654   -12.541 1.00 16.51 ? 60  VAL A CB  1 
ATOM   507 C CG1 . VAL A 1 60 ? 7.454   7.174   -12.476 1.00 17.55 ? 60  VAL A CG1 1 
ATOM   508 C CG2 . VAL A 1 60 ? 9.111   5.266   -12.386 1.00 19.25 ? 60  VAL A CG2 1 
ATOM   509 N N   . ALA A 1 61 ? 4.489   5.086   -12.082 1.00 14.52 ? 61  ALA A N   1 
ATOM   510 C CA  . ALA A 1 61 ? 3.113   5.553   -11.959 1.00 14.23 ? 61  ALA A CA  1 
ATOM   511 C C   . ALA A 1 61 ? 2.572   5.288   -10.542 1.00 14.78 ? 61  ALA A C   1 
ATOM   512 O O   . ALA A 1 61 ? 1.811   6.097   -10.016 1.00 16.30 ? 61  ALA A O   1 
ATOM   513 C CB  . ALA A 1 61 ? 2.241   4.818   -12.953 1.00 15.89 ? 61  ALA A CB  1 
ATOM   514 N N   . ILE A 1 62 ? 2.852   4.123   -10.012 1.00 14.51 ? 62  ILE A N   1 
ATOM   515 C CA  . ILE A 1 62 ? 2.356   3.736   -8.693  1.00 14.47 ? 62  ILE A CA  1 
ATOM   516 C C   . ILE A 1 62 ? 2.992   4.677   -7.656  1.00 15.02 ? 62  ILE A C   1 
ATOM   517 O O   . ILE A 1 62 ? 2.300   5.202   -6.766  1.00 16.72 ? 62  ILE A O   1 
ATOM   518 C CB  . ILE A 1 62 ? 2.660   2.252   -8.387  1.00 15.01 ? 62  ILE A CB  1 
ATOM   519 C CG1 . ILE A 1 62 ? 1.830   1.377   -9.356  1.00 16.45 ? 62  ILE A CG1 1 
ATOM   520 C CG2 . ILE A 1 62 ? 2.377   1.961   -6.884  1.00 15.63 ? 62  ILE A CG2 1 
ATOM   521 C CD1 . ILE A 1 62 ? 2.194   -0.076  -9.310  1.00 18.40 ? 62  ILE A CD1 1 
ATOM   522 N N   . ILE A 1 63 ? 4.283   4.877   -7.713  1.00 14.16 ? 63  ILE A N   1 
ATOM   523 C CA  . ILE A 1 63 ? 4.991   5.766   -6.788  1.00 15.21 ? 63  ILE A CA  1 
ATOM   524 C C   . ILE A 1 63 ? 4.397   7.161   -6.858  1.00 14.96 ? 63  ILE A C   1 
ATOM   525 O O   . ILE A 1 63 ? 4.105   7.795   -5.857  1.00 16.54 ? 63  ILE A O   1 
ATOM   526 C CB  . ILE A 1 63 ? 6.521   5.733   -7.053  1.00 16.18 ? 63  ILE A CB  1 
ATOM   527 C CG1 . ILE A 1 63 ? 7.079   4.366   -6.686  1.00 16.74 ? 63  ILE A CG1 1 
ATOM   528 C CG2 . ILE A 1 63 ? 7.218   6.881   -6.362  1.00 16.54 ? 63  ILE A CG2 1 
ATOM   529 C CD1 . ILE A 1 63 ? 8.449   4.037   -7.290  1.00 18.67 ? 63  ILE A CD1 1 
ATOM   530 N N   . ASN A 1 64 ? 4.150   7.649   -8.060  1.00 16.56 ? 64  ASN A N   1 
ATOM   531 C CA  . ASN A 1 64 ? 3.594   8.968   -8.300  1.00 16.25 ? 64  ASN A CA  1 
ATOM   532 C C   . ASN A 1 64 ? 2.183   9.059   -7.758  1.00 15.83 ? 64  ASN A C   1 
ATOM   533 O O   . ASN A 1 64 ? 1.786   10.076  -7.192  1.00 17.84 ? 64  ASN A O   1 
ATOM   534 C CB  . ASN A 1 64 ? 3.581   9.352   -9.786  1.00 18.50 ? 64  ASN A CB  1 
ATOM   535 C CG  . ASN A 1 64 ? 4.966   9.655   -10.342 1.00 21.16 ? 64  ASN A CG  1 
ATOM   536 O OD1 . ASN A 1 64 ? 5.919   9.899   -9.600  1.00 26.74 ? 64  ASN A OD1 1 
ATOM   537 N ND2 . ASN A 1 64 ? 5.071   9.689   -11.655 1.00 24.19 ? 64  ASN A ND2 1 
ATOM   538 N N   . GLN A 1 65 ? 1.382   8.035   -7.986  1.00 15.44 ? 65  GLN A N   1 
ATOM   539 C CA  . GLN A 1 65 ? 0.045   8.028   -7.438  1.00 15.33 ? 65  GLN A CA  1 
ATOM   540 C C   . GLN A 1 65 ? 0.081   8.137   -5.906  1.00 15.59 ? 65  GLN A C   1 
ATOM   541 O O   . GLN A 1 65 ? -0.685  8.904   -5.316  1.00 16.86 ? 65  GLN A O   1 
ATOM   542 C CB  . GLN A 1 65 ? -0.691  6.745   -7.818  1.00 15.47 ? 65  GLN A CB  1 
ATOM   543 C CG  . GLN A 1 65 ? -2.058  6.584   -7.109  1.00 16.51 ? 65  GLN A CG  1 
ATOM   544 C CD  . GLN A 1 65 ? -2.713  5.276   -7.425  1.00 18.19 ? 65  GLN A CD  1 
ATOM   545 O OE1 . GLN A 1 65 ? -2.086  4.388   -7.988  1.00 23.55 ? 65  GLN A OE1 1 
ATOM   546 N NE2 . GLN A 1 65 ? -3.978  5.136   -7.081  1.00 21.34 ? 65  GLN A NE2 1 
ATOM   547 N N   . PHE A 1 66 ? 0.906   7.321   -5.292  1.00 15.36 ? 66  PHE A N   1 
ATOM   548 C CA  . PHE A 1 66 ? 0.959   7.351   -3.801  1.00 15.34 ? 66  PHE A CA  1 
ATOM   549 C C   . PHE A 1 66 ? 1.451   8.720   -3.341  1.00 15.90 ? 66  PHE A C   1 
ATOM   550 O O   . PHE A 1 66 ? 0.874   9.280   -2.374  1.00 16.53 ? 66  PHE A O   1 
ATOM   551 C CB  . PHE A 1 66 ? 1.841   6.223   -3.304  1.00 15.44 ? 66  PHE A CB  1 
ATOM   552 C CG  . PHE A 1 66 ? 1.143   4.898   -3.190  1.00 15.52 ? 66  PHE A CG  1 
ATOM   553 C CD1 . PHE A 1 66 ? 0.591   4.267   -4.267  1.00 16.83 ? 66  PHE A CD1 1 
ATOM   554 C CD2 . PHE A 1 66 ? 0.958   4.315   -1.946  1.00 18.60 ? 66  PHE A CD2 1 
ATOM   555 C CE1 . PHE A 1 66 ? -0.052  3.066   -4.163  1.00 17.28 ? 66  PHE A CE1 1 
ATOM   556 C CE2 . PHE A 1 66 ? 0.271   3.131   -1.820  1.00 18.39 ? 66  PHE A CE2 1 
ATOM   557 C CZ  . PHE A 1 66 ? -0.231  2.496   -2.939  1.00 17.93 ? 66  PHE A CZ  1 
ATOM   558 N N   . ARG A 1 67 ? 2.417   9.329   -3.985  1.00 16.17 ? 67  ARG A N   1 
ATOM   559 C CA  . ARG A 1 67 ? 2.870   10.663  -3.628  1.00 17.92 ? 67  ARG A CA  1 
ATOM   560 C C   . ARG A 1 67 ? 1.741   11.653  -3.770  1.00 17.09 ? 67  ARG A C   1 
ATOM   561 O O   . ARG A 1 67 ? 1.528   12.511  -2.897  1.00 18.57 ? 67  ARG A O   1 
ATOM   562 C CB  . ARG A 1 67 ? 4.053   11.074  -4.525  1.00 18.82 ? 67  ARG A CB  1 
ATOM   563 C CG  . ARG A 1 67 ? 4.642   12.412  -4.079  1.00 21.53 ? 67  ARG A CG  1 
ATOM   564 C CD  . ARG A 1 67 ? 5.639   13.017  -5.062  1.00 23.92 ? 67  ARG A CD  1 
ATOM   565 N NE  . ARG A 1 67 ? 6.785   12.133  -5.278  1.00 27.01 ? 67  ARG A NE  1 
ATOM   566 C CZ  . ARG A 1 67 ? 6.984   11.368  -6.357  1.00 25.81 ? 67  ARG A CZ  1 
ATOM   567 N NH1 . ARG A 1 67 ? 6.150   11.389  -7.402  1.00 27.38 ? 67  ARG A NH1 1 
ATOM   568 N NH2 . ARG A 1 67 ? 8.063   10.595  -6.418  1.00 29.08 ? 67  ARG A NH2 1 
ATOM   569 N N   . GLU A 1 68 ? 0.991   11.598  -4.859  1.00 17.76 ? 68  GLU A N   1 
ATOM   570 C CA  . GLU A 1 68 ? -0.089  12.562  -5.108  1.00 16.78 ? 68  GLU A CA  1 
ATOM   571 C C   . GLU A 1 68 ? -1.199  12.437  -4.063  1.00 17.43 ? 68  GLU A C   1 
ATOM   572 O O   . GLU A 1 68 ? -1.777  13.451  -3.656  1.00 19.76 ? 68  GLU A O   1 
ATOM   573 C CB  . GLU A 1 68 ? -0.679  12.393  -6.499  1.00 15.90 ? 68  GLU A CB  1 
ATOM   574 C CG  . GLU A 1 68 ? 0.281   12.895  -7.540  1.00 16.47 ? 68  GLU A CG  1 
ATOM   575 C CD  . GLU A 1 68 ? -0.044  12.392  -8.937  1.00 18.45 ? 68  GLU A CD  1 
ATOM   576 O OE1 . GLU A 1 68 ? -1.224  12.010  -9.210  1.00 18.58 ? 68  GLU A OE1 1 
ATOM   577 O OE2 . GLU A 1 68 ? 0.887   12.424  -9.800  1.00 20.06 ? 68  GLU A OE2 1 
ATOM   578 N N   A GLU A 1 69 ? -1.496  11.221  -3.643  0.50 16.55 ? 69  GLU A N   1 
ATOM   579 N N   B GLU A 1 69 ? -1.483  11.223  -3.638  0.50 16.57 ? 69  GLU A N   1 
ATOM   580 C CA  A GLU A 1 69 ? -2.607  10.953  -2.735  0.50 17.12 ? 69  GLU A CA  1 
ATOM   581 C CA  B GLU A 1 69 ? -2.594  10.953  -2.736  0.50 17.06 ? 69  GLU A CA  1 
ATOM   582 C C   A GLU A 1 69 ? -2.299  11.197  -1.271  0.50 16.76 ? 69  GLU A C   1 
ATOM   583 C C   B GLU A 1 69 ? -2.299  11.194  -1.271  0.50 16.78 ? 69  GLU A C   1 
ATOM   584 O O   A GLU A 1 69 ? -3.166  11.688  -0.554  0.50 19.91 ? 69  GLU A O   1 
ATOM   585 O O   B GLU A 1 69 ? -3.170  11.678  -0.558  0.50 19.89 ? 69  GLU A O   1 
ATOM   586 C CB  A GLU A 1 69 ? -3.100  9.520   -2.941  0.50 17.08 ? 69  GLU A CB  1 
ATOM   587 C CB  B GLU A 1 69 ? -3.090  9.527   -2.959  0.50 17.34 ? 69  GLU A CB  1 
ATOM   588 C CG  A GLU A 1 69 ? -3.519  9.217   -4.367  0.50 19.23 ? 69  GLU A CG  1 
ATOM   589 C CG  B GLU A 1 69 ? -3.851  9.370   -4.257  0.50 19.01 ? 69  GLU A CG  1 
ATOM   590 C CD  A GLU A 1 69 ? -5.012  9.291   -4.601  0.50 22.83 ? 69  GLU A CD  1 
ATOM   591 C CD  B GLU A 1 69 ? -4.852  8.250   -4.202  0.50 20.65 ? 69  GLU A CD  1 
ATOM   592 O OE1 A GLU A 1 69 ? -5.645  10.295  -4.194  0.50 25.40 ? 69  GLU A OE1 1 
ATOM   593 O OE1 B GLU A 1 69 ? -5.508  8.117   -3.155  0.50 23.01 ? 69  GLU A OE1 1 
ATOM   594 O OE2 A GLU A 1 69 ? -5.549  8.307   -5.166  0.50 31.94 ? 69  GLU A OE2 1 
ATOM   595 O OE2 B GLU A 1 69 ? -5.007  7.532   -5.215  0.50 26.28 ? 69  GLU A OE2 1 
ATOM   596 N N   . ILE A 1 70 ? -1.098  10.831  -0.832  1.00 16.05 ? 70  ILE A N   1 
ATOM   597 C CA  . ILE A 1 70 ? -0.800  10.956  0.629   1.00 18.53 ? 70  ILE A CA  1 
ATOM   598 C C   . ILE A 1 70 ? 0.397   11.833  0.892   1.00 18.18 ? 70  ILE A C   1 
ATOM   599 O O   . ILE A 1 70 ? 0.647   12.080  2.052   1.00 21.35 ? 70  ILE A O   1 
ATOM   600 C CB  . ILE A 1 70 ? -0.650  9.602   1.340   1.00 19.60 ? 70  ILE A CB  1 
ATOM   601 C CG1 . ILE A 1 70 ? 0.544   8.759   0.830   1.00 17.91 ? 70  ILE A CG1 1 
ATOM   602 C CG2 . ILE A 1 70 ? -1.938  8.829   1.330   1.00 19.25 ? 70  ILE A CG2 1 
ATOM   603 C CD1 . ILE A 1 70 ? 0.818   7.569   1.736   1.00 18.62 ? 70  ILE A CD1 1 
ATOM   604 N N   . GLY A 1 71 ? 1.122   12.330  -0.098  1.00 19.29 ? 71  GLY A N   1 
ATOM   605 C CA  . GLY A 1 71 ? 2.234   13.251  0.080   1.00 19.56 ? 71  GLY A CA  1 
ATOM   606 C C   . GLY A 1 71 ? 3.559   12.571  0.319   1.00 19.56 ? 71  GLY A C   1 
ATOM   607 O O   . GLY A 1 71 ? 3.887   11.587  -0.351  1.00 21.31 ? 71  GLY A O   1 
ATOM   608 N N   . GLU A 1 72 ? 4.334   13.117  1.256   1.00 21.38 ? 72  GLU A N   1 
ATOM   609 C CA  . GLU A 1 72 ? 5.748   12.797  1.319   1.00 23.27 ? 72  GLU A CA  1 
ATOM   610 C C   . GLU A 1 72 ? 6.068   11.346  1.618   1.00 19.45 ? 72  GLU A C   1 
ATOM   611 O O   . GLU A 1 72 ? 7.101   10.867  1.186   1.00 23.67 ? 72  GLU A O   1 
ATOM   612 C CB  . GLU A 1 72 ? 6.513   13.739  2.241   1.00 29.21 ? 72  GLU A CB  1 
ATOM   613 C CG  . GLU A 1 72 ? 6.212   13.601  3.710   1.00 30.58 ? 72  GLU A CG  1 
ATOM   614 C CD  . GLU A 1 72 ? 7.004   14.585  4.563   1.00 37.05 ? 72  GLU A CD  1 
ATOM   615 O OE1 . GLU A 1 72 ? 7.410   15.649  4.053   1.00 46.90 ? 72  GLU A OE1 1 
ATOM   616 O OE2 . GLU A 1 72 ? 7.221   14.276  5.747   1.00 45.17 ? 72  GLU A OE2 1 
ATOM   617 N N   . GLU A 1 73 ? 5.209   10.635  2.331   1.00 17.64 ? 73  GLU A N   1 
ATOM   618 C CA  . GLU A 1 73 ? 5.427   9.229   2.610   1.00 16.78 ? 73  GLU A CA  1 
ATOM   619 C C   . GLU A 1 73 ? 4.933   8.303   1.507   1.00 16.60 ? 73  GLU A C   1 
ATOM   620 O O   . GLU A 1 73 ? 5.156   7.090   1.567   1.00 17.47 ? 73  GLU A O   1 
ATOM   621 C CB  . GLU A 1 73 ? 4.689   8.827   3.893   1.00 16.77 ? 73  GLU A CB  1 
ATOM   622 C CG  . GLU A 1 73 ? 5.069   9.655   5.119   1.00 19.77 ? 73  GLU A CG  1 
ATOM   623 C CD  . GLU A 1 73 ? 6.421   9.312   5.658   1.00 21.52 ? 73  GLU A CD  1 
ATOM   624 O OE1 . GLU A 1 73 ? 7.055   8.341   5.243   1.00 23.89 ? 73  GLU A OE1 1 
ATOM   625 O OE2 . GLU A 1 73 ? 6.806   9.985   6.625   1.00 28.60 ? 73  GLU A OE2 1 
ATOM   626 N N   . GLY A 1 74 ? 4.312   8.876   0.474   1.00 17.75 ? 74  GLY A N   1 
ATOM   627 C CA  . GLY A 1 74 ? 3.766   8.033   -0.593  1.00 16.58 ? 74  GLY A CA  1 
ATOM   628 C C   . GLY A 1 74 ? 4.807   7.134   -1.255  1.00 17.10 ? 74  GLY A C   1 
ATOM   629 O O   . GLY A 1 74 ? 4.614   5.957   -1.404  1.00 16.82 ? 74  GLY A O   1 
ATOM   630 N N   . PRO A 1 75 ? 5.911   7.720   -1.705  1.00 18.16 ? 75  PRO A N   1 
ATOM   631 C CA  . PRO A 1 75 ? 6.934   6.886   -2.321  1.00 17.67 ? 75  PRO A CA  1 
ATOM   632 C C   . PRO A 1 75 ? 7.459   5.724   -1.474  1.00 18.10 ? 75  PRO A C   1 
ATOM   633 O O   . PRO A 1 75 ? 7.649   4.588   -1.943  1.00 18.35 ? 75  PRO A O   1 
ATOM   634 C CB  . PRO A 1 75 ? 8.028   7.898   -2.677  1.00 19.94 ? 75  PRO A CB  1 
ATOM   635 C CG  . PRO A 1 75 ? 7.260   9.129   -2.937  1.00 18.84 ? 75  PRO A CG  1 
ATOM   636 C CD  . PRO A 1 75 ? 6.181   9.157   -1.864  1.00 18.03 ? 75  PRO A CD  1 
ATOM   637 N N   . ALA A 1 76 ? 7.642   5.978   -0.177  1.00 18.02 ? 76  ALA A N   1 
ATOM   638 C CA  . ALA A 1 76 ? 8.106   4.940   0.677   1.00 19.14 ? 76  ALA A CA  1 
ATOM   639 C C   . ALA A 1 76 ? 7.047   3.827   0.851   1.00 16.41 ? 76  ALA A C   1 
ATOM   640 O O   . ALA A 1 76 ? 7.376   2.646   0.876   1.00 17.79 ? 76  ALA A O   1 
ATOM   641 C CB  . ALA A 1 76 ? 8.435   5.539   2.044   1.00 18.76 ? 76  ALA A CB  1 
ATOM   642 N N   . LEU A 1 77 ? 5.798   4.216   0.993   1.00 16.22 ? 77  LEU A N   1 
ATOM   643 C CA  . LEU A 1 77 ? 4.755   3.243   1.119   1.00 15.94 ? 77  LEU A CA  1 
ATOM   644 C C   . LEU A 1 77 ? 4.645   2.373   -0.175  1.00 14.77 ? 77  LEU A C   1 
ATOM   645 O O   . LEU A 1 77 ? 4.549   1.145   -0.116  1.00 15.68 ? 77  LEU A O   1 
ATOM   646 C CB  . LEU A 1 77 ? 3.417   3.928   1.432   1.00 16.29 ? 77  LEU A CB  1 
ATOM   647 C CG  . LEU A 1 77 ? 2.158   3.036   1.404   1.00 19.23 ? 77  LEU A CG  1 
ATOM   648 C CD1 . LEU A 1 77 ? 2.298   1.879   2.383   1.00 19.06 ? 77  LEU A CD1 1 
ATOM   649 C CD2 . LEU A 1 77 ? 0.920   3.859   1.732   1.00 19.63 ? 77  LEU A CD2 1 
ATOM   650 N N   . ALA A 1 78 ? 4.620   3.035   -1.338  1.00 15.75 ? 78  ALA A N   1 
ATOM   651 C CA  . ALA A 1 78 ? 4.635   2.325   -2.606  1.00 14.98 ? 78  ALA A CA  1 
ATOM   652 C C   . ALA A 1 78 ? 5.836   1.339   -2.698  1.00 15.80 ? 78  ALA A C   1 
ATOM   653 O O   . ALA A 1 78 ? 5.679   0.206   -3.141  1.00 16.49 ? 78  ALA A O   1 
ATOM   654 C CB  . ALA A 1 78 ? 4.680   3.323   -3.785  1.00 16.18 ? 78  ALA A CB  1 
ATOM   655 N N   . GLY A 1 79 ? 7.009   1.792   -2.231  1.00 16.86 ? 79  GLY A N   1 
ATOM   656 C CA  . GLY A 1 79 ? 8.220   0.980   -2.219  1.00 18.64 ? 79  GLY A CA  1 
ATOM   657 C C   . GLY A 1 79 ? 8.106   -0.300  -1.417  1.00 18.19 ? 79  GLY A C   1 
ATOM   658 O O   . GLY A 1 79 ? 8.502   -1.365  -1.824  1.00 19.71 ? 79  GLY A O   1 
ATOM   659 N N   . ILE A 1 80 ? 7.455   -0.201  -0.251  1.00 16.14 ? 80  ILE A N   1 
ATOM   660 C CA  . ILE A 1 80 ? 7.143   -1.388  0.500   1.00 15.91 ? 80  ILE A CA  1 
ATOM   661 C C   . ILE A 1 80 ? 6.287   -2.379  -0.286  1.00 14.89 ? 80  ILE A C   1 
ATOM   662 O O   . ILE A 1 80 ? 6.564   -3.582  -0.320  1.00 17.10 ? 80  ILE A O   1 
ATOM   663 C CB  . ILE A 1 80 ? 6.443   -1.016  1.860   1.00 16.01 ? 80  ILE A CB  1 
ATOM   664 C CG1 . ILE A 1 80 ? 7.469   -0.372  2.769   1.00 18.02 ? 80  ILE A CG1 1 
ATOM   665 C CG2 . ILE A 1 80 ? 5.924   -2.269  2.538   1.00 17.43 ? 80  ILE A CG2 1 
ATOM   666 C CD1 . ILE A 1 80 ? 6.833   0.259   4.034   1.00 19.93 ? 80  ILE A CD1 1 
ATOM   667 N N   . LEU A 1 81 ? 5.214   -1.881  -0.858  1.00 14.62 ? 81  LEU A N   1 
ATOM   668 C CA  . LEU A 1 81 ? 4.262   -2.737  -1.541  1.00 14.93 ? 81  LEU A CA  1 
ATOM   669 C C   . LEU A 1 81 ? 4.955   -3.410  -2.753  1.00 15.08 ? 81  LEU A C   1 
ATOM   670 O O   . LEU A 1 81 ? 4.747   -4.567  -3.039  1.00 15.94 ? 81  LEU A O   1 
ATOM   671 C CB  . LEU A 1 81 ? 3.059   -1.945  -1.970  1.00 15.20 ? 81  LEU A CB  1 
ATOM   672 C CG  . LEU A 1 81 ? 2.233   -1.351  -0.843  1.00 15.12 ? 81  LEU A CG  1 
ATOM   673 C CD1 . LEU A 1 81 ? 1.080   -0.534  -1.396  1.00 15.52 ? 81  LEU A CD1 1 
ATOM   674 C CD2 . LEU A 1 81 ? 1.786   -2.409  0.134   1.00 15.57 ? 81  LEU A CD2 1 
ATOM   675 N N   . LEU A 1 82 ? 5.756   -2.630  -3.497  1.00 15.92 ? 82  LEU A N   1 
ATOM   676 C CA  . LEU A 1 82 ? 6.505   -3.173  -4.639  1.00 16.76 ? 82  LEU A CA  1 
ATOM   677 C C   . LEU A 1 82 ? 7.486   -4.219  -4.206  1.00 17.76 ? 82  LEU A C   1 
ATOM   678 O O   . LEU A 1 82 ? 7.578   -5.275  -4.872  1.00 21.38 ? 82  LEU A O   1 
ATOM   679 C CB  . LEU A 1 82 ? 7.176   -2.045  -5.401  1.00 17.54 ? 82  LEU A CB  1 
ATOM   680 C CG  . LEU A 1 82 ? 6.223   -1.076  -6.100  1.00 18.55 ? 82  LEU A CG  1 
ATOM   681 C CD1 . LEU A 1 82 ? 7.016   0.051   -6.759  1.00 19.90 ? 82  LEU A CD1 1 
ATOM   682 C CD2 . LEU A 1 82 ? 5.371   -1.802  -7.169  1.00 19.46 ? 82  LEU A CD2 1 
ATOM   683 N N   . ARG A 1 83 ? 8.252   -3.992  -3.144  1.00 19.38 ? 83  ARG A N   1 
ATOM   684 C CA  . ARG A 1 83 ? 9.162   -5.048  -2.623  1.00 20.59 ? 83  ARG A CA  1 
ATOM   685 C C   . ARG A 1 83 ? 8.426   -6.306  -2.202  1.00 19.35 ? 83  ARG A C   1 
ATOM   686 O O   . ARG A 1 83 ? 8.786   -7.414  -2.582  1.00 23.82 ? 83  ARG A O   1 
ATOM   687 C CB  . ARG A 1 83 ? 10.010  -4.574  -1.450  1.00 22.11 ? 83  ARG A CB  1 
ATOM   688 C CG  . ARG A 1 83 ? 11.102  -3.574  -1.763  1.00 25.13 ? 83  ARG A CG  1 
ATOM   689 C CD  . ARG A 1 83 ? 12.086  -3.452  -0.586  1.00 25.65 ? 83  ARG A CD  1 
ATOM   690 N NE  . ARG A 1 83 ? 11.513  -2.892  0.632   1.00 25.82 ? 83  ARG A NE  1 
ATOM   691 C CZ  . ARG A 1 83 ? 11.320  -1.585  0.866   1.00 25.71 ? 83  ARG A CZ  1 
ATOM   692 N NH1 . ARG A 1 83 ? 10.780  -1.240  1.985   1.00 26.92 ? 83  ARG A NH1 1 
ATOM   693 N NH2 . ARG A 1 83 ? 11.598  -0.629  -0.036  1.00 31.17 ? 83  ARG A NH2 1 
ATOM   694 N N   . MET A 1 84 ? 7.344   -6.136  -1.467  1.00 18.64 ? 84  MET A N   1 
ATOM   695 C CA  . MET A 1 84 ? 6.553   -7.279  -1.068  1.00 18.66 ? 84  MET A CA  1 
ATOM   696 C C   . MET A 1 84 ? 5.994   -8.102  -2.234  1.00 19.26 ? 84  MET A C   1 
ATOM   697 O O   . MET A 1 84 ? 5.893   -9.343  -2.157  1.00 22.60 ? 84  MET A O   1 
ATOM   698 C CB  . MET A 1 84 ? 5.401   -6.818  -0.210  1.00 16.50 ? 84  MET A CB  1 
ATOM   699 C CG  . MET A 1 84 ? 5.811   -6.336  1.180   1.00 16.92 ? 84  MET A CG  1 
ATOM   700 S SD  . MET A 1 84 ? 4.434   -5.768  2.188   1.00 20.00 ? 84  MET A SD  1 
ATOM   701 C CE  . MET A 1 84 ? 3.731   -7.351  2.599   1.00 17.81 ? 84  MET A CE  1 
ATOM   702 N N   . GLY A 1 85 ? 5.626   -7.402  -3.303  1.00 18.71 ? 85  GLY A N   1 
ATOM   703 C CA  . GLY A 1 85 ? 4.941   -8.024  -4.439  1.00 19.89 ? 85  GLY A CA  1 
ATOM   704 C C   . GLY A 1 85 ? 5.851   -8.782  -5.359  1.00 22.20 ? 85  GLY A C   1 
ATOM   705 O O   . GLY A 1 85 ? 5.337   -9.337  -6.318  1.00 27.24 ? 85  GLY A O   1 
ATOM   706 N N   . ARG A 1 86 ? 7.167   -8.795  -5.123  1.00 22.99 ? 86  ARG A N   1 
ATOM   707 C CA  . ARG A 1 86 ? 8.087   -9.620  -5.935  1.00 28.16 ? 86  ARG A CA  1 
ATOM   708 C C   . ARG A 1 86 ? 8.186   -11.007 -5.326  1.00 38.02 ? 86  ARG A C   1 
ATOM   709 O O   . ARG A 1 86 ? 8.619   -11.163 -4.176  1.00 54.69 ? 86  ARG A O   1 
ATOM   710 C CB  . ARG A 1 86 ? 9.450   -8.947  -5.965  1.00 29.90 ? 86  ARG A CB  1 
ATOM   711 C CG  . ARG A 1 86 ? 9.381   -7.590  -6.658  1.00 30.75 ? 86  ARG A CG  1 
ATOM   712 C CD  . ARG A 1 86 ? 10.687  -7.023  -7.191  1.00 34.18 ? 86  ARG A CD  1 
ATOM   713 N NE  . ARG A 1 86 ? 10.427  -5.647  -7.669  1.00 31.62 ? 86  ARG A NE  1 
ATOM   714 C CZ  . ARG A 1 86 ? 10.652  -4.512  -6.995  1.00 28.42 ? 86  ARG A CZ  1 
ATOM   715 N NH1 . ARG A 1 86 ? 11.156  -4.518  -5.744  1.00 32.96 ? 86  ARG A NH1 1 
ATOM   716 N NH2 . ARG A 1 86 ? 10.292  -3.356  -7.527  1.00 26.96 ? 86  ARG A NH2 1 
HETATM 717 C C   . FMT B 2 .  ? -6.048  6.429   24.205  0.70 29.57 ? 101 FMT A C   1 
HETATM 718 O O1  . FMT B 2 .  ? -5.675  7.403   23.545  0.70 31.30 ? 101 FMT A O1  1 
HETATM 719 O O2  . FMT B 2 .  ? -7.219  6.484   24.849  0.70 31.83 ? 101 FMT A O2  1 
HETATM 720 C C   . FMT C 2 .  ? 9.388   5.790   -16.957 1.00 24.17 ? 102 FMT A C   1 
HETATM 721 O O1  . FMT C 2 .  ? 10.120  5.747   -17.966 1.00 40.21 ? 102 FMT A O1  1 
HETATM 722 O O2  . FMT C 2 .  ? 9.677   6.364   -15.713 1.00 27.61 ? 102 FMT A O2  1 
HETATM 723 O O   A HOH D 3 .  ? -5.678  7.343   -7.324  0.70 32.73 ? 201 HOH A O   1 
HETATM 724 O O   B HOH D 3 .  ? -5.324  8.963   -7.658  0.30 23.91 ? 201 HOH A O   1 
HETATM 725 O O   . HOH D 3 .  ? -16.023 0.114   18.542  1.00 26.95 ? 202 HOH A O   1 
HETATM 726 O O   A HOH D 3 .  ? -4.704  10.820  -6.408  0.50 25.75 ? 203 HOH A O   1 
HETATM 727 O O   B HOH D 3 .  ? -4.972  12.547  -6.637  0.50 33.92 ? 203 HOH A O   1 
HETATM 728 O O   . HOH D 3 .  ? 10.535  3.427   -21.027 1.00 32.85 ? 204 HOH A O   1 
HETATM 729 O O   . HOH D 3 .  ? 6.660   -4.190  -9.858  1.00 25.48 ? 205 HOH A O   1 
HETATM 730 O O   A HOH D 3 .  ? -10.657 -1.495  19.258  0.70 26.01 ? 206 HOH A O   1 
HETATM 731 O O   B HOH D 3 .  ? -16.372 2.202   17.397  0.25 14.77 ? 207 HOH A O   1 
HETATM 732 O O   C HOH D 3 .  ? -15.589 3.402   16.820  0.50 24.48 ? 207 HOH A O   1 
HETATM 733 O O   . HOH D 3 .  ? -16.708 2.084   12.375  1.00 47.05 ? 208 HOH A O   1 
HETATM 734 O O   . HOH D 3 .  ? 1.479   -3.540  -18.537 1.00 42.67 ? 209 HOH A O   1 
HETATM 735 O O   . HOH D 3 .  ? -11.955 0.033   9.013   1.00 48.79 ? 210 HOH A O   1 
HETATM 736 O O   . HOH D 3 .  ? -6.045  -4.025  14.244  1.00 30.92 ? 211 HOH A O   1 
HETATM 737 O O   . HOH D 3 .  ? -12.441 1.747   11.123  1.00 36.78 ? 212 HOH A O   1 
HETATM 738 O O   . HOH D 3 .  ? 13.124  6.506   -13.618 1.00 29.96 ? 213 HOH A O   1 
HETATM 739 O O   . HOH D 3 .  ? -18.113 12.711  24.854  1.00 27.76 ? 214 HOH A O   1 
HETATM 740 O O   . HOH D 3 .  ? 8.431   8.599   0.856   1.00 23.30 ? 215 HOH A O   1 
HETATM 741 O O   A HOH D 3 .  ? -10.954 -0.923  3.500   0.70 35.09 ? 216 HOH A O   1 
HETATM 742 O O   . HOH D 3 .  ? 7.161   -6.243  -19.150 1.00 30.17 ? 217 HOH A O   1 
HETATM 743 O O   . HOH D 3 .  ? -8.870  -7.764  -3.518  1.00 52.57 ? 218 HOH A O   1 
HETATM 744 O O   . HOH D 3 .  ? 8.456   9.229   -8.985  1.00 41.75 ? 219 HOH A O   1 
HETATM 745 O O   . HOH D 3 .  ? -12.016 9.548   31.870  1.00 29.12 ? 220 HOH A O   1 
HETATM 746 O O   . HOH D 3 .  ? 8.798   12.002  -0.583  1.00 42.38 ? 221 HOH A O   1 
HETATM 747 O O   . HOH D 3 .  ? 0.071   -12.001 1.220   1.00 23.80 ? 222 HOH A O   1 
HETATM 748 O O   . HOH D 3 .  ? 8.225   12.899  -3.117  1.00 49.07 ? 223 HOH A O   1 
HETATM 749 O O   . HOH D 3 .  ? 10.004  2.137   1.296   1.00 32.28 ? 224 HOH A O   1 
HETATM 750 O O   . HOH D 3 .  ? 1.830   -15.591 -2.088  1.00 49.58 ? 225 HOH A O   1 
HETATM 751 O O   . HOH D 3 .  ? -9.625  7.741   25.892  1.00 24.09 ? 226 HOH A O   1 
HETATM 752 O O   . HOH D 3 .  ? -9.135  -4.488  3.376   1.00 27.23 ? 227 HOH A O   1 
HETATM 753 O O   . HOH D 3 .  ? -14.386 -3.809  16.719  1.00 42.58 ? 228 HOH A O   1 
HETATM 754 O O   . HOH D 3 .  ? -3.846  12.785  1.864   1.00 30.04 ? 229 HOH A O   1 
HETATM 755 O O   . HOH D 3 .  ? -15.449 1.660   24.387  1.00 20.50 ? 230 HOH A O   1 
HETATM 756 O O   . HOH D 3 .  ? 3.527   -5.303  -7.088  1.00 21.45 ? 231 HOH A O   1 
HETATM 757 O O   . HOH D 3 .  ? 2.833   11.540  3.661   1.00 22.85 ? 232 HOH A O   1 
HETATM 758 O O   . HOH D 3 .  ? 9.971   -1.359  -23.496 1.00 34.53 ? 233 HOH A O   1 
HETATM 759 O O   . HOH D 3 .  ? -15.542 6.164   15.047  1.00 37.24 ? 234 HOH A O   1 
HETATM 760 O O   . HOH D 3 .  ? 2.370   -5.952  -2.693  1.00 17.74 ? 235 HOH A O   1 
HETATM 761 O O   . HOH D 3 .  ? 1.308   15.273  -2.696  1.00 37.56 ? 236 HOH A O   1 
HETATM 762 O O   . HOH D 3 .  ? -8.628  15.955  24.275  1.00 35.85 ? 237 HOH A O   1 
HETATM 763 O O   A HOH D 3 .  ? -8.610  4.238   23.967  0.50 24.63 ? 238 HOH A O   1 
HETATM 764 O O   . HOH D 3 .  ? -15.649 17.444  22.153  1.00 48.92 ? 239 HOH A O   1 
HETATM 765 O O   . HOH D 3 .  ? -2.805  9.887   -8.323  1.00 19.91 ? 240 HOH A O   1 
HETATM 766 O O   . HOH D 3 .  ? 10.260  9.531   -5.044  1.00 49.07 ? 241 HOH A O   1 
HETATM 767 O O   . HOH D 3 .  ? -2.810  14.323  -9.169  1.00 30.11 ? 242 HOH A O   1 
HETATM 768 O O   . HOH D 3 .  ? 9.681   4.204   -3.844  1.00 28.28 ? 243 HOH A O   1 
HETATM 769 O O   . HOH D 3 .  ? 1.766   -13.687 -0.175  1.00 45.73 ? 244 HOH A O   1 
HETATM 770 O O   . HOH D 3 .  ? 5.121   12.029  7.577   1.00 42.40 ? 245 HOH A O   1 
HETATM 771 O O   . HOH D 3 .  ? 9.312   8.431   3.563   1.00 32.61 ? 246 HOH A O   1 
HETATM 772 O O   . HOH D 3 .  ? 1.139   1.189   -12.682 1.00 20.26 ? 247 HOH A O   1 
HETATM 773 O O   . HOH D 3 .  ? -12.934 -0.905  22.993  1.00 18.45 ? 248 HOH A O   1 
HETATM 774 O O   . HOH D 3 .  ? -5.129  13.438  -1.584  1.00 41.50 ? 249 HOH A O   1 
HETATM 775 O O   . HOH D 3 .  ? -13.908 -0.945  3.377   1.00 42.85 ? 250 HOH A O   1 
HETATM 776 O O   . HOH D 3 .  ? 4.288   0.336   -18.722 1.00 19.83 ? 251 HOH A O   1 
HETATM 777 O O   . HOH D 3 .  ? -6.170  -10.583 3.280   1.00 28.60 ? 252 HOH A O   1 
HETATM 778 O O   . HOH D 3 .  ? 6.216   -5.631  -7.382  1.00 22.84 ? 253 HOH A O   1 
HETATM 779 O O   . HOH D 3 .  ? 11.930  -2.632  -13.933 1.00 22.75 ? 254 HOH A O   1 
HETATM 780 O O   . HOH D 3 .  ? 11.056  2.732   -18.247 1.00 19.92 ? 255 HOH A O   1 
HETATM 781 O O   . HOH D 3 .  ? 6.438   -10.447 0.448   1.00 31.50 ? 256 HOH A O   1 
HETATM 782 O O   A HOH D 3 .  ? 15.588  -2.727  -18.613 0.50 19.58 ? 257 HOH A O   1 
HETATM 783 O O   . HOH D 3 .  ? -14.277 8.994   12.129  1.00 54.06 ? 258 HOH A O   1 
HETATM 784 O O   . HOH D 3 .  ? -11.620 -3.903  10.318  1.00 41.20 ? 259 HOH A O   1 
HETATM 785 O O   . HOH D 3 .  ? 10.234  -9.379  -20.950 1.00 31.86 ? 260 HOH A O   1 
HETATM 786 O O   A HOH D 3 .  ? -12.449 -1.964  17.297  0.70 37.60 ? 261 HOH A O   1 
HETATM 787 O O   . HOH D 3 .  ? -6.632  -13.348 -0.605  1.00 47.77 ? 262 HOH A O   1 
HETATM 788 O O   . HOH D 3 .  ? 0.815   -15.910 -4.262  1.00 37.18 ? 263 HOH A O   1 
HETATM 789 O O   . HOH D 3 .  ? -5.532  -11.824 -2.998  1.00 32.27 ? 264 HOH A O   1 
HETATM 790 O O   . HOH D 3 .  ? 3.274   15.433  2.786   1.00 35.50 ? 265 HOH A O   1 
HETATM 791 O O   . HOH D 3 .  ? -15.303 9.842   18.374  1.00 29.51 ? 266 HOH A O   1 
HETATM 792 O O   . HOH D 3 .  ? -15.208 11.067  28.391  1.00 21.19 ? 267 HOH A O   1 
HETATM 793 O O   . HOH D 3 .  ? 2.250   -3.527  -8.515  1.00 20.50 ? 268 HOH A O   1 
HETATM 794 O O   . HOH D 3 .  ? 2.493   9.042   -13.155 1.00 29.86 ? 269 HOH A O   1 
HETATM 795 O O   . HOH D 3 .  ? -16.260 12.762  18.041  1.00 44.53 ? 270 HOH A O   1 
HETATM 796 O O   . HOH D 3 .  ? 3.797   -8.626  -10.076 1.00 33.40 ? 271 HOH A O   1 
HETATM 797 O O   . HOH D 3 .  ? 6.163   -8.026  -9.003  1.00 33.80 ? 272 HOH A O   1 
HETATM 798 O O   . HOH D 3 .  ? 9.056   -6.084  -10.422 1.00 45.51 ? 273 HOH A O   1 
HETATM 799 O O   . HOH D 3 .  ? -7.946  9.860   26.291  1.00 48.02 ? 274 HOH A O   1 
HETATM 800 O O   . HOH D 3 .  ? 3.030   -9.770  -15.554 1.00 44.56 ? 275 HOH A O   1 
HETATM 801 O O   . HOH D 3 .  ? 5.571   -7.834  -15.810 1.00 48.63 ? 276 HOH A O   1 
HETATM 802 O O   . HOH D 3 .  ? -9.927  -5.214  14.404  1.00 39.06 ? 277 HOH A O   1 
HETATM 803 O O   . HOH D 3 .  ? -17.930 8.271   21.984  1.00 42.33 ? 278 HOH A O   1 
HETATM 804 O O   . HOH D 3 .  ? 9.995   -17.978 -17.798 1.00 36.66 ? 279 HOH A O   1 
HETATM 805 O O   . HOH D 3 .  ? 10.121  -16.413 -20.075 1.00 67.25 ? 280 HOH A O   1 
HETATM 806 O O   . HOH D 3 .  ? -14.029 1.459   9.759   1.00 37.93 ? 281 HOH A O   1 
HETATM 807 O O   . HOH D 3 .  ? 11.153  -20.671 -17.212 1.00 29.78 ? 282 HOH A O   1 
HETATM 808 O O   . HOH D 3 .  ? 8.236   10.774  -11.968 1.00 42.93 ? 283 HOH A O   1 
HETATM 809 O O   . HOH D 3 .  ? -7.386  -6.637  14.159  1.00 34.95 ? 284 HOH A O   1 
HETATM 810 O O   . HOH D 3 .  ? 7.177   -8.074  -13.322 1.00 48.64 ? 285 HOH A O   1 
HETATM 811 O O   . HOH D 3 .  ? -4.725  -12.457 1.405   1.00 38.34 ? 286 HOH A O   1 
HETATM 812 O O   . HOH D 3 .  ? -16.245 0.681   10.522  1.00 34.89 ? 287 HOH A O   1 
HETATM 813 O O   . HOH D 3 .  ? -3.832  1.568   19.843  1.00 31.36 ? 288 HOH A O   1 
HETATM 814 O O   . HOH D 3 .  ? -2.581  4.070   19.854  1.00 58.04 ? 289 HOH A O   1 
HETATM 815 O O   . HOH D 3 .  ? 11.344  2.448   -2.505  1.00 37.69 ? 290 HOH A O   1 
HETATM 816 O O   . HOH D 3 .  ? -14.954 -1.011  24.948  1.00 17.64 ? 291 HOH A O   1 
HETATM 817 O O   . HOH D 3 .  ? -1.903  -13.733 2.368   1.00 46.00 ? 292 HOH A O   1 
HETATM 818 O O   . HOH D 3 .  ? -17.686 12.021  28.315  1.00 27.19 ? 293 HOH A O   1 
HETATM 819 O O   . HOH D 3 .  ? -12.947 -5.557  8.768   1.00 51.36 ? 294 HOH A O   1 
HETATM 820 O O   . HOH D 3 .  ? -8.248  -10.448 -3.370  1.00 42.03 ? 295 HOH A O   1 
HETATM 821 O O   . HOH D 3 .  ? 3.773   -13.723 -18.527 1.00 50.79 ? 296 HOH A O   1 
HETATM 822 O O   . HOH D 3 .  ? -1.205  13.303  5.798   1.00 41.10 ? 297 HOH A O   1 
HETATM 823 O O   . HOH D 3 .  ? 4.213   -2.685  -10.657 1.00 28.64 ? 298 HOH A O   1 
HETATM 824 O O   . HOH D 3 .  ? 10.797  8.992   -0.700  1.00 35.86 ? 299 HOH A O   1 
HETATM 825 O O   . HOH D 3 .  ? 3.141   15.010  -6.728  1.00 49.82 ? 300 HOH A O   1 
HETATM 826 O O   . HOH D 3 .  ? -16.253 8.554   15.945  1.00 45.85 ? 301 HOH A O   1 
HETATM 827 O O   . HOH D 3 .  ? -3.282  11.297  4.282   1.00 25.46 ? 302 HOH A O   1 
HETATM 828 O O   . HOH D 3 .  ? 10.987  6.344   -4.824  1.00 41.53 ? 303 HOH A O   1 
HETATM 829 O O   . HOH D 3 .  ? 8.206   -9.093  2.330   1.00 25.66 ? 304 HOH A O   1 
HETATM 830 O O   . HOH D 3 .  ? 0.503   -4.291  -10.582 1.00 26.25 ? 305 HOH A O   1 
HETATM 831 O O   . HOH D 3 .  ? 3.894   -10.666 3.455   1.00 49.83 ? 306 HOH A O   1 
HETATM 832 O O   . HOH D 3 .  ? -1.664  -2.900  -10.970 1.00 24.00 ? 307 HOH A O   1 
HETATM 833 O O   . HOH D 3 .  ? -8.827  7.821   -10.667 1.00 47.13 ? 308 HOH A O   1 
# 
loop_
_atom_site_anisotrop.id 
_atom_site_anisotrop.type_symbol 
_atom_site_anisotrop.pdbx_label_atom_id 
_atom_site_anisotrop.pdbx_label_alt_id 
_atom_site_anisotrop.pdbx_label_comp_id 
_atom_site_anisotrop.pdbx_label_asym_id 
_atom_site_anisotrop.pdbx_label_seq_id 
_atom_site_anisotrop.pdbx_PDB_ins_code 
_atom_site_anisotrop.U[1][1] 
_atom_site_anisotrop.U[2][2] 
_atom_site_anisotrop.U[3][3] 
_atom_site_anisotrop.U[1][2] 
_atom_site_anisotrop.U[1][3] 
_atom_site_anisotrop.U[2][3] 
_atom_site_anisotrop.pdbx_auth_seq_id 
_atom_site_anisotrop.pdbx_auth_comp_id 
_atom_site_anisotrop.pdbx_auth_asym_id 
_atom_site_anisotrop.pdbx_auth_atom_id 
1   N N   . PRO A 8  ? 0.5795 0.2366 0.3993 -0.0223 0.0366  -0.0965 8   PRO A N   
2   C CA  . PRO A 8  ? 0.4964 0.3161 0.4206 -0.0256 0.0732  -0.1063 8   PRO A CA  
3   C C   . PRO A 8  ? 0.5256 0.2324 0.3776 0.0213  0.0592  -0.1463 8   PRO A C   
4   O O   . PRO A 8  ? 0.5909 0.3094 0.2883 0.0745  0.0930  -0.1308 8   PRO A O   
5   C CB  . PRO A 8  ? 0.4955 0.2789 0.3854 -0.0845 0.0638  -0.1147 8   PRO A CB  
6   C CG  . PRO A 8  ? 0.5276 0.2713 0.3958 -0.0286 0.0671  -0.0854 8   PRO A CG  
7   C CD  . PRO A 8  ? 0.5457 0.2809 0.4454 -0.0064 0.0718  -0.1738 8   PRO A CD  
8   N N   . LEU A 9  ? 0.4627 0.2428 0.2443 -0.0065 0.1346  -0.0928 9   LEU A N   
9   C CA  . LEU A 9  ? 0.3565 0.2424 0.1719 0.0118  0.0831  -0.0686 9   LEU A CA  
10  C C   . LEU A 9  ? 0.3293 0.1880 0.1640 0.0026  0.0629  -0.0877 9   LEU A C   
11  O O   . LEU A 9  ? 0.3585 0.2512 0.2132 -0.0180 0.0532  -0.1255 9   LEU A O   
12  C CB  . LEU A 9  ? 0.3311 0.2444 0.1622 0.0096  0.0671  -0.0705 9   LEU A CB  
13  C CG  . LEU A 9  ? 0.3912 0.2699 0.1720 -0.0106 0.0867  -0.0528 9   LEU A CG  
14  C CD1 . LEU A 9  ? 0.3737 0.3052 0.2380 -0.0068 0.0952  -0.0764 9   LEU A CD1 
15  C CD2 . LEU A 9  ? 0.4081 0.3156 0.2362 -0.0086 0.0626  -0.0800 9   LEU A CD2 
16  N N   . SER A 10 ? 0.3160 0.2161 0.1641 0.0093  0.0637  -0.0721 10  SER A N   
17  C CA  . SER A 10 ? 0.3222 0.2191 0.1172 0.0146  0.0367  -0.0911 10  SER A CA  
18  C C   . SER A 10 ? 0.3527 0.2074 0.0536 0.0175  0.0583  -0.0540 10  SER A C   
19  O O   . SER A 10 ? 0.3418 0.2234 0.0682 -0.0009 0.0763  -0.0699 10  SER A O   
20  C CB  . SER A 10 ? 0.3215 0.2480 0.1155 0.0237  0.0587  -0.0893 10  SER A CB  
21  O OG  . SER A 10 ? 0.3457 0.2652 0.0990 0.0138  0.0361  -0.0790 10  SER A OG  
22  N N   . ASP A 11 ? 0.3202 0.2243 0.0651 0.0066  0.0276  -0.0720 11  ASP A N   
23  C CA  . ASP A 11 ? 0.2845 0.2184 0.0973 -0.0006 0.0403  -0.0697 11  ASP A CA  
24  C C   . ASP A 11 ? 0.3023 0.2052 0.0763 0.0010  0.0363  -0.0825 11  ASP A C   
25  O O   . ASP A 11 ? 0.3274 0.2214 0.0758 -0.0046 0.0704  -0.0829 11  ASP A O   
26  C CB  . ASP A 11 ? 0.2957 0.2264 0.1029 0.0203  0.0461  -0.0711 11  ASP A CB  
27  C CG  . ASP A 11 ? 0.3533 0.3006 0.1244 -0.0172 -0.0002 -0.0580 11  ASP A CG  
28  O OD1 . ASP A 11 ? 0.3644 0.3252 0.2160 -0.0418 0.0371  -0.1144 11  ASP A OD1 
29  O OD2 . ASP A 11 ? 0.4980 0.4003 0.1356 -0.0126 -0.0418 -0.0449 11  ASP A OD2 
30  N N   . ALA A 12 ? 0.2970 0.2246 0.0674 -0.0108 0.0532  -0.0814 12  ALA A N   
31  C CA  . ALA A 12 ? 0.2903 0.2266 0.0811 -0.0136 0.0727  -0.0886 12  ALA A CA  
32  C C   . ALA A 12 ? 0.3017 0.2276 0.0730 -0.0022 0.0543  -0.0869 12  ALA A C   
33  O O   . ALA A 12 ? 0.3706 0.2526 0.0720 -0.0438 0.0584  -0.0977 12  ALA A O   
34  C CB  . ALA A 12 ? 0.2925 0.2463 0.1097 -0.0236 0.0749  -0.0880 12  ALA A CB  
35  N N   . GLU A 13 ? 0.3005 0.2235 0.0786 0.0003  0.0531  -0.0908 13  GLU A N   
36  C CA  . GLU A 13 ? 0.3159 0.2779 0.0721 0.0022  0.0522  -0.0967 13  GLU A CA  
37  C C   . GLU A 13 ? 0.3136 0.2227 0.0622 0.0051  0.0638  -0.0628 13  GLU A C   
38  O O   . GLU A 13 ? 0.3653 0.2607 0.0663 0.0087  0.0608  -0.0787 13  GLU A O   
39  C CB  . GLU A 13 ? 0.3390 0.2880 0.1054 0.0089  0.0422  -0.0680 13  GLU A CB  
40  C CG  . GLU A 13 ? 0.3600 0.3207 0.1810 0.0295  0.0130  -0.0563 13  GLU A CG  
41  C CD  . GLU A 13 ? 0.4524 0.3367 0.2689 0.0253  -0.0237 -0.0587 13  GLU A CD  
42  O OE1 . GLU A 13 ? 0.4552 0.3811 0.2169 0.0384  0.0438  -0.1272 13  GLU A OE1 
43  O OE2 . GLU A 13 ? 0.5738 0.5133 0.3841 0.0714  -0.1088 -0.0024 13  GLU A OE2 
44  N N   . ILE A 14 ? 0.2905 0.2350 0.0715 0.0049  0.0659  -0.0686 14  ILE A N   
45  C CA  . ILE A 14 ? 0.2792 0.2221 0.0701 -0.0025 0.0710  -0.0363 14  ILE A CA  
46  C C   . ILE A 14 ? 0.3315 0.2029 0.0654 -0.0107 0.0869  -0.0552 14  ILE A C   
47  O O   . ILE A 14 ? 0.3521 0.2070 0.0748 -0.0217 0.0892  -0.0731 14  ILE A O   
48  C CB  . ILE A 14 ? 0.2845 0.2294 0.1230 -0.0133 0.0649  -0.0720 14  ILE A CB  
49  C CG1 . ILE A 14 ? 0.2921 0.2370 0.1819 0.0038  0.0666  -0.0661 14  ILE A CG1 
50  C CG2 . ILE A 14 ? 0.2836 0.2307 0.1337 0.0015  0.0376  -0.0707 14  ILE A CG2 
51  C CD1 . ILE A 14 ? 0.3210 0.2462 0.2262 -0.0075 0.0519  -0.0980 14  ILE A CD1 
52  N N   . GLN A 15 ? 0.3284 0.2066 0.0584 -0.0235 0.0748  -0.0570 15  GLN A N   
53  C CA  A GLN A 15 ? 0.2582 0.2225 0.0482 -0.0120 0.0504  -0.0511 15  GLN A CA  
54  C CA  B GLN A 15 ? 0.2813 0.2204 0.0405 -0.0205 0.0495  -0.0368 15  GLN A CA  
55  C C   . GLN A 15 ? 0.2964 0.2268 0.0605 -0.0196 0.0524  -0.0745 15  GLN A C   
56  O O   . GLN A 15 ? 0.3347 0.2377 0.0673 -0.0199 0.0682  -0.0799 15  GLN A O   
57  C CB  A GLN A 15 ? 0.2034 0.1904 0.0479 0.0327  0.0372  -0.0417 15  GLN A CB  
58  C CB  B GLN A 15 ? 0.1883 0.2552 0.0379 -0.0111 0.0390  -0.0298 15  GLN A CB  
59  C CG  A GLN A 15 ? 0.2373 0.1860 0.0677 0.0279  0.0518  -0.0573 15  GLN A CG  
60  C CG  B GLN A 15 ? 0.2391 0.2518 0.0898 -0.0015 0.0273  -0.0333 15  GLN A CG  
61  C CD  A GLN A 15 ? 0.2360 0.2033 0.0568 0.0064  0.0266  -0.0406 15  GLN A CD  
62  C CD  B GLN A 15 ? 0.2442 0.2523 0.1123 0.0312  0.0390  -0.0564 15  GLN A CD  
63  O OE1 A GLN A 15 ? 0.3320 0.2627 0.0575 -0.0056 -0.0149 -0.0408 15  GLN A OE1 
64  O OE1 B GLN A 15 ? 0.3199 0.2484 0.0847 0.0202  0.0255  -0.0955 15  GLN A OE1 
65  N NE2 A GLN A 15 ? 0.2159 0.2027 0.0413 0.0281  0.0359  -0.0346 15  GLN A NE2 
66  N NE2 B GLN A 15 ? 0.2145 0.2307 0.1082 -0.0022 0.0202  -0.0641 15  GLN A NE2 
67  N N   . LYS A 16 ? 0.2984 0.2507 0.0819 -0.0070 0.0740  -0.0926 16  LYS A N   
68  C CA  . LYS A 16 ? 0.3380 0.2407 0.0673 -0.0063 0.0466  -0.0785 16  LYS A CA  
69  C C   . LYS A 16 ? 0.3189 0.2382 0.0659 0.0312  0.0539  -0.0744 16  LYS A C   
70  O O   . LYS A 16 ? 0.2941 0.2714 0.0774 0.0090  0.0484  -0.1016 16  LYS A O   
71  C CB  . LYS A 16 ? 0.3243 0.2644 0.1814 -0.0100 0.0312  -0.0985 16  LYS A CB  
72  C CG  . LYS A 16 ? 0.3196 0.2564 0.0855 0.0026  0.0607  -0.0861 16  LYS A CG  
73  C CD  . LYS A 16 ? 0.2871 0.2779 0.2222 0.0159  -0.0001 -0.0185 16  LYS A CD  
74  C CE  . LYS A 16 ? 0.2642 0.2953 0.2330 0.0138  0.0233  -0.0382 16  LYS A CE  
75  N NZ  . LYS A 16 ? 0.2698 0.2702 0.1449 -0.0496 0.0161  -0.0443 16  LYS A NZ  
76  N N   . TYR A 17 ? 0.2753 0.2426 0.0661 0.0194  0.0661  -0.0657 17  TYR A N   
77  C CA  . TYR A 17 ? 0.2810 0.2480 0.0522 0.0187  0.0583  -0.0504 17  TYR A CA  
78  C C   . TYR A 17 ? 0.2803 0.1870 0.0523 0.0168  0.0510  -0.0484 17  TYR A C   
79  O O   . TYR A 17 ? 0.2879 0.2065 0.0657 0.0087  0.0656  -0.0637 17  TYR A O   
80  C CB  . TYR A 17 ? 0.3024 0.2445 0.0696 0.0245  0.0783  -0.0624 17  TYR A CB  
81  C CG  . TYR A 17 ? 0.3736 0.2887 0.0876 0.0369  0.0622  -0.0465 17  TYR A CG  
82  C CD1 . TYR A 17 ? 0.3982 0.3222 0.1389 0.0605  0.0171  -0.0392 17  TYR A CD1 
83  C CD2 . TYR A 17 ? 0.4225 0.3004 0.1376 0.0734  0.0174  -0.0683 17  TYR A CD2 
84  C CE1 . TYR A 17 ? 0.5011 0.3519 0.2549 0.0712  -0.0197 0.0255  17  TYR A CE1 
85  C CE2 . TYR A 17 ? 0.4988 0.3335 0.2402 0.0831  -0.0163 -0.0401 17  TYR A CE2 
86  C CZ  . TYR A 17 ? 0.5400 0.3452 0.2943 0.0883  -0.0874 0.0028  17  TYR A CZ  
87  O OH  . TYR A 17 ? 0.6954 0.4212 0.4650 0.1790  -0.1301 0.0138  17  TYR A OH  
88  N N   . ARG A 18 ? 0.3014 0.2024 0.0452 0.0112  0.0305  -0.0528 18  ARG A N   
89  C CA  . ARG A 18 ? 0.2748 0.2096 0.0487 -0.0037 0.0268  -0.0457 18  ARG A CA  
90  C C   . ARG A 18 ? 0.2738 0.2149 0.0419 0.0040  0.0022  -0.0560 18  ARG A C   
91  O O   . ARG A 18 ? 0.3057 0.2341 0.0560 0.0111  0.0335  -0.0733 18  ARG A O   
92  C CB  . ARG A 18 ? 0.3076 0.2326 0.0538 0.0179  0.0135  -0.0673 18  ARG A CB  
93  C CG  . ARG A 18 ? 0.3382 0.2376 0.1564 0.0269  -0.0231 -0.0671 18  ARG A CG  
94  C CD  . ARG A 18 ? 0.3791 0.3162 0.3202 -0.0031 0.0211  -0.0239 18  ARG A CD  
95  N NE  . ARG A 18 ? 0.4006 0.3509 0.3708 -0.0439 0.0476  -0.0323 18  ARG A NE  
96  C CZ  . ARG A 18 ? 0.4347 0.3517 0.2650 -0.0388 0.0671  -0.0864 18  ARG A CZ  
97  N NH1 . ARG A 18 ? 0.5529 0.3833 0.4725 -0.0692 -0.0586 -0.1262 18  ARG A NH1 
98  N NH2 . ARG A 18 ? 0.5380 0.4103 0.2029 -0.0079 -0.0172 -0.0978 18  ARG A NH2 
99  N N   A GLU A 19 ? 0.2872 0.2103 0.0511 -0.0089 0.0156  -0.0683 19  GLU A N   
100 N N   B GLU A 19 ? 0.2833 0.2058 0.0457 -0.0082 0.0172  -0.0594 19  GLU A N   
101 C CA  A GLU A 19 ? 0.2769 0.2079 0.0569 -0.0021 0.0307  -0.0716 19  GLU A CA  
102 C CA  B GLU A 19 ? 0.2622 0.1948 0.0513 0.0029  0.0303  -0.0597 19  GLU A CA  
103 C C   A GLU A 19 ? 0.2903 0.2228 0.0651 0.0121  0.0326  -0.0825 19  GLU A C   
104 C C   B GLU A 19 ? 0.2844 0.2179 0.0560 0.0126  0.0258  -0.0722 19  GLU A C   
105 O O   A GLU A 19 ? 0.3046 0.2324 0.0684 0.0106  0.0213  -0.0917 19  GLU A O   
106 O O   B GLU A 19 ? 0.3190 0.2304 0.0578 0.0180  0.0180  -0.0788 19  GLU A O   
107 C CB  A GLU A 19 ? 0.2770 0.2020 0.0507 -0.0045 0.0304  -0.0600 19  GLU A CB  
108 C CB  B GLU A 19 ? 0.2571 0.1869 0.0882 0.0050  0.0329  -0.0423 19  GLU A CB  
109 C CG  A GLU A 19 ? 0.2531 0.1984 0.0600 0.0148  0.0428  -0.0649 19  GLU A CG  
110 C CG  B GLU A 19 ? 0.2338 0.2015 0.0911 -0.0065 0.0382  -0.0444 19  GLU A CG  
111 C CD  A GLU A 19 ? 0.2581 0.2201 0.0891 -0.0031 0.0475  -0.0833 19  GLU A CD  
112 C CD  B GLU A 19 ? 0.2355 0.2360 0.0917 0.0161  0.0715  -0.0587 19  GLU A CD  
113 O OE1 A GLU A 19 ? 0.2666 0.3441 0.1082 0.0728  0.1061  -0.0223 19  GLU A OE1 
114 O OE1 B GLU A 19 ? 0.3946 0.2650 0.0914 0.0207  -0.0149 -0.0641 19  GLU A OE1 
115 O OE2 A GLU A 19 ? 0.2902 0.2863 0.1001 0.0631  -0.0055 -0.1367 19  GLU A OE2 
116 O OE2 B GLU A 19 ? 0.2952 0.2993 0.1780 0.0375  0.0071  -0.0529 19  GLU A OE2 
117 N N   A GLU A 20 ? 0.2739 0.2177 0.0603 0.0188  0.0434  -0.0691 20  GLU A N   
118 N N   B GLU A 20 ? 0.2686 0.2217 0.0536 0.0242  0.0364  -0.0629 20  GLU A N   
119 C CA  A GLU A 20 ? 0.2375 0.2436 0.0578 0.0217  0.0233  -0.0782 20  GLU A CA  
120 C CA  B GLU A 20 ? 0.2317 0.2399 0.0523 0.0154  0.0267  -0.0689 20  GLU A CA  
121 C C   A GLU A 20 ? 0.2350 0.2274 0.0492 0.0258  0.0329  -0.0570 20  GLU A C   
122 C C   B GLU A 20 ? 0.2343 0.2252 0.0480 0.0282  0.0323  -0.0547 20  GLU A C   
123 O O   A GLU A 20 ? 0.2775 0.2505 0.0519 0.0314  0.0324  -0.0664 20  GLU A O   
124 O O   B GLU A 20 ? 0.2782 0.2500 0.0522 0.0403  0.0346  -0.0639 20  GLU A O   
125 C CB  A GLU A 20 ? 0.2603 0.2765 0.0372 0.0197  0.0479  -0.0189 20  GLU A CB  
126 C CB  B GLU A 20 ? 0.2857 0.2749 0.0790 0.0389  0.0086  -0.0473 20  GLU A CB  
127 C CG  A GLU A 20 ? 0.3482 0.3065 0.0434 -0.0117 0.0282  -0.0184 20  GLU A CG  
128 C CG  B GLU A 20 ? 0.2905 0.3198 0.1234 0.0177  -0.0047 0.0045  20  GLU A CG  
129 C CD  A GLU A 20 ? 0.4440 0.3932 0.0855 0.0422  0.0108  -0.0107 20  GLU A CD  
130 C CD  B GLU A 20 ? 0.3495 0.3454 0.0945 0.0019  -0.0155 0.0108  20  GLU A CD  
131 O OE1 A GLU A 20 ? 0.5820 0.4068 0.1840 0.0905  0.0349  -0.0267 20  GLU A OE1 
132 O OE1 B GLU A 20 ? 0.4162 0.4387 0.1158 0.0265  0.0849  0.0231  20  GLU A OE1 
133 O OE2 A GLU A 20 ? 0.5039 0.4703 0.0942 0.0879  -0.0183 -0.0141 20  GLU A OE2 
134 O OE2 B GLU A 20 ? 0.3597 0.4806 0.0947 -0.0037 0.0032  0.0130  20  GLU A OE2 
135 N N   . ILE A 21 ? 0.2337 0.2427 0.0477 0.0152  0.0426  -0.0513 21  ILE A N   
136 C CA  . ILE A 21 ? 0.2378 0.2292 0.0687 0.0033  0.0368  -0.0435 21  ILE A CA  
137 C C   . ILE A 21 ? 0.2733 0.2030 0.0516 0.0085  0.0587  -0.0447 21  ILE A C   
138 O O   . ILE A 21 ? 0.2618 0.2331 0.0693 -0.0050 0.0603  -0.0784 21  ILE A O   
139 C CB  . ILE A 21 ? 0.2531 0.2436 0.0896 0.0134  0.0271  -0.0868 21  ILE A CB  
140 C CG1 . ILE A 21 ? 0.2582 0.2754 0.0601 0.0211  0.0349  -0.0825 21  ILE A CG1 
141 C CG2 . ILE A 21 ? 0.2562 0.2297 0.0920 0.0035  0.0143  -0.0756 21  ILE A CG2 
142 C CD1 . ILE A 21 ? 0.2991 0.2308 0.1781 0.0113  0.0035  -0.0749 21  ILE A CD1 
143 N N   A ASN A 22 ? 0.2747 0.2059 0.0347 0.0178  0.0290  -0.0308 22  ASN A N   
144 N N   B ASN A 22 ? 0.2826 0.2058 0.0328 0.0089  0.0202  -0.0319 22  ASN A N   
145 C CA  A ASN A 22 ? 0.2558 0.2140 0.0343 0.0113  0.0077  -0.0401 22  ASN A CA  
146 C CA  B ASN A 22 ? 0.2354 0.2112 0.0328 0.0110  0.0101  -0.0355 22  ASN A CA  
147 C C   A ASN A 22 ? 0.2617 0.2212 0.0424 0.0049  0.0202  -0.0545 22  ASN A C   
148 C C   B ASN A 22 ? 0.2525 0.2150 0.0406 0.0055  0.0211  -0.0496 22  ASN A C   
149 O O   A ASN A 22 ? 0.2692 0.2373 0.0575 0.0103  0.0397  -0.0708 22  ASN A O   
150 O O   B ASN A 22 ? 0.2800 0.2394 0.0589 0.0135  0.0397  -0.0687 22  ASN A O   
151 C CB  A ASN A 22 ? 0.2596 0.2104 0.0395 0.0264  0.0213  -0.0448 22  ASN A CB  
152 C CB  B ASN A 22 ? 0.2308 0.2378 0.0323 0.0137  0.0144  -0.0343 22  ASN A CB  
153 C CG  A ASN A 22 ? 0.2198 0.2565 0.0635 0.0226  0.0385  -0.0792 22  ASN A CG  
154 C CG  B ASN A 22 ? 0.2711 0.2379 0.0960 0.0114  -0.0182 -0.0407 22  ASN A CG  
155 O OD1 A ASN A 22 ? 0.2626 0.3217 0.0368 0.0003  0.0125  -0.0566 22  ASN A OD1 
156 O OD1 B ASN A 22 ? 0.2828 0.2821 0.0951 0.0093  -0.0142 -0.0617 22  ASN A OD1 
157 N ND2 A ASN A 22 ? 0.2760 0.2679 0.0595 0.0189  0.0610  -0.0636 22  ASN A ND2 
158 N ND2 B ASN A 22 ? 0.2640 0.2558 0.1978 0.0176  0.0407  -0.0231 22  ASN A ND2 
159 N N   . ARG A 23 ? 0.2351 0.2309 0.0514 0.0030  0.0324  -0.0652 23  ARG A N   
160 C CA  A ARG A 23 ? 0.2763 0.2140 0.0455 0.0040  0.0186  -0.0592 23  ARG A CA  
161 C CA  B ARG A 23 ? 0.2607 0.2121 0.0466 0.0071  0.0209  -0.0596 23  ARG A CA  
162 C C   . ARG A 23 ? 0.2539 0.2285 0.0484 0.0250  0.0312  -0.0581 23  ARG A C   
163 O O   . ARG A 23 ? 0.2816 0.2677 0.0581 -0.0013 0.0323  -0.0836 23  ARG A O   
164 C CB  A ARG A 23 ? 0.2916 0.2602 0.0978 0.0191  0.0195  -0.0239 23  ARG A CB  
165 C CB  B ARG A 23 ? 0.2746 0.2313 0.0358 0.0261  0.0276  -0.0360 23  ARG A CB  
166 C CG  A ARG A 23 ? 0.3128 0.2578 0.1365 0.0125  0.0491  -0.0288 23  ARG A CG  
167 C CG  B ARG A 23 ? 0.2729 0.2280 0.0544 0.0267  0.0561  -0.0512 23  ARG A CG  
168 C CD  A ARG A 23 ? 0.3155 0.2493 0.1961 0.0012  0.0448  -0.0427 23  ARG A CD  
169 C CD  B ARG A 23 ? 0.2710 0.1995 0.1211 0.0288  0.0255  -0.0237 23  ARG A CD  
170 N NE  A ARG A 23 ? 0.3425 0.2817 0.1311 0.0318  0.0335  -0.0544 23  ARG A NE  
171 N NE  B ARG A 23 ? 0.2757 0.2637 0.1001 0.0290  0.0477  -0.0655 23  ARG A NE  
172 C CZ  A ARG A 23 ? 0.3304 0.2801 0.1019 0.0298  0.0203  -0.0363 23  ARG A CZ  
173 C CZ  B ARG A 23 ? 0.2736 0.2952 0.0777 0.0224  0.0691  -0.0534 23  ARG A CZ  
174 N NH1 A ARG A 23 ? 0.3720 0.2810 0.1470 0.0586  0.0663  -0.0051 23  ARG A NH1 
175 N NH1 B ARG A 23 ? 0.2710 0.3785 0.1368 0.0312  0.0358  -0.0364 23  ARG A NH1 
176 N NH2 A ARG A 23 ? 0.3612 0.2683 0.1700 0.0312  0.0296  -0.0148 23  ARG A NH2 
177 N NH2 B ARG A 23 ? 0.2603 0.3640 0.1150 0.0113  0.0623  0.0128  23  ARG A NH2 
178 N N   . LEU A 24 ? 0.2488 0.2267 0.0433 0.0119  0.0256  -0.0537 24  LEU A N   
179 C CA  . LEU A 24 ? 0.2626 0.2523 0.0386 0.0288  0.0280  -0.0437 24  LEU A CA  
180 C C   . LEU A 24 ? 0.2505 0.2258 0.0519 0.0143  0.0116  -0.0713 24  LEU A C   
181 O O   . LEU A 24 ? 0.2555 0.2568 0.0595 0.0197  0.0198  -0.0847 24  LEU A O   
182 C CB  . LEU A 24 ? 0.2684 0.2563 0.0340 0.0087  0.0375  -0.0244 24  LEU A CB  
183 C CG  . LEU A 24 ? 0.2981 0.2560 0.0597 0.0129  0.0418  -0.0592 24  LEU A CG  
184 C CD1 . LEU A 24 ? 0.2944 0.2568 0.0903 0.0255  0.0419  -0.0609 24  LEU A CD1 
185 C CD2 . LEU A 24 ? 0.3460 0.2989 0.0761 0.0434  0.0152  -0.0516 24  LEU A CD2 
186 N N   . ASP A 25 ? 0.2597 0.2211 0.0499 0.0112  -0.0070 -0.0692 25  ASP A N   
187 C CA  . ASP A 25 ? 0.2547 0.2077 0.0428 0.0012  0.0076  -0.0559 25  ASP A CA  
188 C C   . ASP A 25 ? 0.2666 0.2178 0.0592 -0.0129 0.0411  -0.0741 25  ASP A C   
189 O O   . ASP A 25 ? 0.2583 0.2355 0.0567 -0.0128 0.0393  -0.0741 25  ASP A O   
190 C CB  . ASP A 25 ? 0.2423 0.2195 0.0419 0.0122  0.0142  -0.0542 25  ASP A CB  
191 C CG  . ASP A 25 ? 0.2613 0.2283 0.0420 0.0105  0.0271  -0.0513 25  ASP A CG  
192 O OD1 . ASP A 25 ? 0.3228 0.2197 0.0473 -0.0008 0.0424  -0.0559 25  ASP A OD1 
193 O OD2 . ASP A 25 ? 0.2996 0.2562 0.0537 0.0073  0.0132  -0.0796 25  ASP A OD2 
194 N N   . ARG A 26 ? 0.2706 0.2173 0.0594 -0.0224 0.0260  -0.0796 26  ARG A N   
195 C CA  . ARG A 26 ? 0.2950 0.2067 0.0675 -0.0037 0.0618  -0.0721 26  ARG A CA  
196 C C   . ARG A 26 ? 0.2857 0.2439 0.0658 -0.0192 0.0600  -0.0806 26  ARG A C   
197 O O   . ARG A 26 ? 0.3235 0.2669 0.0928 -0.0533 0.0885  -0.1137 26  ARG A O   
198 C CB  . ARG A 26 ? 0.3263 0.2517 0.0609 -0.0273 0.0594  -0.0397 26  ARG A CB  
199 C CG  . ARG A 26 ? 0.3669 0.3350 0.1461 -0.0632 0.0696  -0.0923 26  ARG A CG  
200 C CD  . ARG A 26 ? 0.3923 0.3669 0.2542 -0.0146 0.0599  -0.0805 26  ARG A CD  
201 N NE  . ARG A 26 ? 0.4550 0.4883 0.2576 -0.0041 0.0789  -0.1087 26  ARG A NE  
202 C CZ  . ARG A 26 ? 0.4956 0.5002 0.1408 -0.0327 0.0370  -0.1295 26  ARG A CZ  
203 N NH1 . ARG A 26 ? 0.4944 0.5281 0.1348 0.0003  0.0341  -0.1027 26  ARG A NH1 
204 N NH2 . ARG A 26 ? 0.4303 0.4631 0.2219 -0.0383 0.0685  -0.0366 26  ARG A NH2 
205 N N   A GLU A 27 ? 0.2590 0.2300 0.0622 -0.0226 0.0413  -0.0814 27  GLU A N   
206 N N   B GLU A 27 ? 0.2691 0.2225 0.0606 -0.0224 0.0348  -0.0800 27  GLU A N   
207 C CA  A GLU A 27 ? 0.2417 0.2779 0.0676 -0.0393 0.0285  -0.1024 27  GLU A CA  
208 C CA  B GLU A 27 ? 0.2332 0.2662 0.0594 -0.0307 0.0323  -0.0877 27  GLU A CA  
209 C C   A GLU A 27 ? 0.2435 0.2324 0.0555 -0.0074 0.0491  -0.0645 27  GLU A C   
210 C C   B GLU A 27 ? 0.2416 0.2263 0.0523 -0.0081 0.0445  -0.0615 27  GLU A C   
211 O O   A GLU A 27 ? 0.2880 0.2763 0.0530 -0.0232 0.0223  -0.0822 27  GLU A O   
212 O O   B GLU A 27 ? 0.2956 0.2684 0.0523 -0.0169 0.0193  -0.0799 27  GLU A O   
213 C CB  A GLU A 27 ? 0.2504 0.3399 0.0873 -0.0050 0.0137  -0.0817 27  GLU A CB  
214 C CB  B GLU A 27 ? 0.2382 0.3095 0.0767 -0.0115 0.0161  -0.0662 27  GLU A CB  
215 C CG  A GLU A 27 ? 0.2696 0.3586 0.1259 -0.0157 0.0442  -0.0946 27  GLU A CG  
216 C CG  B GLU A 27 ? 0.2650 0.3325 0.0868 -0.0315 0.0013  -0.0562 27  GLU A CG  
217 C CD  A GLU A 27 ? 0.2885 0.4148 0.1106 -0.0032 0.0448  -0.0490 27  GLU A CD  
218 C CD  B GLU A 27 ? 0.2608 0.3840 0.1686 -0.0261 0.0527  -0.0287 27  GLU A CD  
219 O OE1 A GLU A 27 ? 0.3238 0.6668 0.1807 0.0295  0.1206  -0.0748 27  GLU A OE1 
220 O OE1 B GLU A 27 ? 0.2634 0.4810 0.1975 -0.0078 0.0565  -0.0730 27  GLU A OE1 
221 O OE2 A GLU A 27 ? 0.3913 0.4926 0.2048 0.0166  0.0480  0.0496  27  GLU A OE2 
222 O OE2 B GLU A 27 ? 0.3737 0.4987 0.2060 -0.0094 0.0003  -0.0011 27  GLU A OE2 
223 N N   . ILE A 28 ? 0.2282 0.2403 0.0378 -0.0113 0.0360  -0.0383 28  ILE A N   
224 C CA  . ILE A 28 ? 0.2190 0.2173 0.0397 -0.0165 0.0223  -0.0444 28  ILE A CA  
225 C C   . ILE A 28 ? 0.2710 0.1965 0.0497 0.0032  0.0332  -0.0580 28  ILE A C   
226 O O   . ILE A 28 ? 0.2565 0.2268 0.0775 -0.0175 0.0411  -0.0979 28  ILE A O   
227 C CB  . ILE A 28 ? 0.2067 0.2254 0.0530 -0.0008 0.0140  -0.0730 28  ILE A CB  
228 C CG1 . ILE A 28 ? 0.2225 0.2310 0.0455 -0.0033 0.0204  -0.0614 28  ILE A CG1 
229 C CG2 . ILE A 28 ? 0.2219 0.1987 0.0553 0.0069  0.0168  -0.0696 28  ILE A CG2 
230 C CD1 . ILE A 28 ? 0.2448 0.2127 0.0521 0.0025  0.0246  -0.0614 28  ILE A CD1 
231 N N   . LEU A 29 ? 0.2561 0.2106 0.0361 0.0039  0.0109  -0.0435 29  LEU A N   
232 C CA  . LEU A 29 ? 0.2703 0.2146 0.0346 -0.0181 0.0216  -0.0362 29  LEU A CA  
233 C C   . LEU A 29 ? 0.2965 0.2170 0.0528 0.0021  0.0183  -0.0708 29  LEU A C   
234 O O   . LEU A 29 ? 0.3445 0.2124 0.0512 -0.0003 0.0429  -0.0613 29  LEU A O   
235 C CB  . LEU A 29 ? 0.2861 0.1959 0.0416 0.0112  0.0311  -0.0449 29  LEU A CB  
236 C CG  . LEU A 29 ? 0.3193 0.2251 0.0672 0.0176  -0.0189 -0.0568 29  LEU A CG  
237 C CD1 . LEU A 29 ? 0.3380 0.2574 0.0531 0.0153  -0.0436 -0.0540 29  LEU A CD1 
238 C CD2 . LEU A 29 ? 0.3227 0.2654 0.1363 -0.0033 0.0113  -0.0385 29  LEU A CD2 
239 N N   . ASP A 30 ? 0.2866 0.2288 0.0457 -0.0253 0.0210  -0.0634 30  ASP A N   
240 C CA  . ASP A 30 ? 0.3203 0.2174 0.0586 -0.0120 0.0188  -0.0791 30  ASP A CA  
241 C C   . ASP A 30 ? 0.3119 0.2266 0.0624 -0.0139 0.0370  -0.0822 30  ASP A C   
242 O O   . ASP A 30 ? 0.3456 0.2282 0.0571 -0.0221 0.0291  -0.0787 30  ASP A O   
243 C CB  . ASP A 30 ? 0.3246 0.2696 0.0638 -0.0609 0.0380  -0.0960 30  ASP A CB  
244 C CG  . ASP A 30 ? 0.3753 0.3225 0.0886 -0.0583 0.0750  -0.0898 30  ASP A CG  
245 O OD1 . ASP A 30 ? 0.5363 0.3176 0.1322 -0.0492 0.0196  -0.0301 30  ASP A OD1 
246 O OD2 . ASP A 30 ? 0.3939 0.4904 0.1770 -0.1066 0.0854  -0.0834 30  ASP A OD2 
247 N N   . ALA A 31 ? 0.2859 0.2152 0.0493 -0.0251 0.0337  -0.0638 31  ALA A N   
248 C CA  . ALA A 31 ? 0.2331 0.2411 0.0434 -0.0218 0.0072  -0.0626 31  ALA A CA  
249 C C   . ALA A 31 ? 0.2343 0.2112 0.0685 -0.0027 0.0100  -0.0892 31  ALA A C   
250 O O   . ALA A 31 ? 0.2954 0.2247 0.0662 -0.0039 0.0216  -0.0886 31  ALA A O   
251 C CB  . ALA A 31 ? 0.2392 0.2718 0.0445 -0.0213 0.0320  -0.0626 31  ALA A CB  
252 N N   . VAL A 32 ? 0.2366 0.2413 0.0451 -0.0156 0.0196  -0.0635 32  VAL A N   
253 C CA  . VAL A 32 ? 0.2462 0.2264 0.0395 -0.0164 0.0196  -0.0513 32  VAL A CA  
254 C C   . VAL A 32 ? 0.3042 0.2189 0.0577 -0.0204 0.0560  -0.0679 32  VAL A C   
255 O O   . VAL A 32 ? 0.2996 0.2478 0.0581 -0.0104 0.0468  -0.0760 32  VAL A O   
256 C CB  . VAL A 32 ? 0.2598 0.2553 0.0367 -0.0186 0.0100  -0.0507 32  VAL A CB  
257 C CG1 . VAL A 32 ? 0.2766 0.2308 0.0550 -0.0152 -0.0116 -0.0765 32  VAL A CG1 
258 C CG2 . VAL A 32 ? 0.2487 0.2612 0.0541 -0.0067 0.0336  -0.0759 32  VAL A CG2 
259 N N   . LYS A 33 ? 0.3209 0.2133 0.0461 -0.0103 0.0524  -0.0483 33  LYS A N   
260 C CA  . LYS A 33 ? 0.3110 0.2253 0.0343 -0.0048 0.0263  -0.0367 33  LYS A CA  
261 C C   . LYS A 33 ? 0.3356 0.2260 0.0428 -0.0070 0.0289  -0.0552 33  LYS A C   
262 O O   . LYS A 33 ? 0.3880 0.2492 0.0633 -0.0167 0.0529  -0.0844 33  LYS A O   
263 C CB  . LYS A 33 ? 0.3272 0.2235 0.0405 0.0092  0.0268  -0.0196 33  LYS A CB  
264 C CG  . LYS A 33 ? 0.3667 0.2477 0.0361 0.0448  0.0196  -0.0407 33  LYS A CG  
265 C CD  . LYS A 33 ? 0.4076 0.2899 0.0749 0.0294  0.0106  0.0166  33  LYS A CD  
266 C CE  . LYS A 33 ? 0.3558 0.3489 0.1452 0.0137  0.0148  -0.0647 33  LYS A CE  
267 N NZ  . LYS A 33 ? 0.4266 0.3665 0.2169 -0.0201 0.0678  -0.0732 33  LYS A NZ  
268 N N   A ARG A 34 ? 0.3199 0.2373 0.0419 -0.0225 0.0281  -0.0561 34  ARG A N   
269 N N   B ARG A 34 ? 0.3217 0.2370 0.0425 -0.0231 0.0279  -0.0574 34  ARG A N   
270 C CA  A ARG A 34 ? 0.3347 0.2079 0.0471 -0.0380 0.0273  -0.0622 34  ARG A CA  
271 C CA  B ARG A 34 ? 0.3345 0.2090 0.0473 -0.0385 0.0269  -0.0627 34  ARG A CA  
272 C C   A ARG A 34 ? 0.3237 0.2029 0.0426 0.0022  0.0377  -0.0469 34  ARG A C   
273 C C   B ARG A 34 ? 0.3240 0.2034 0.0425 0.0017  0.0375  -0.0470 34  ARG A C   
274 O O   A ARG A 34 ? 0.3633 0.2119 0.0452 0.0078  0.0029  -0.0608 34  ARG A O   
275 O O   B ARG A 34 ? 0.3638 0.2115 0.0451 0.0067  0.0037  -0.0605 34  ARG A O   
276 C CB  A ARG A 34 ? 0.3240 0.3059 0.0703 -0.0485 0.0221  -0.0988 34  ARG A CB  
277 C CB  B ARG A 34 ? 0.3259 0.3037 0.0718 -0.0492 0.0220  -0.0978 34  ARG A CB  
278 C CG  A ARG A 34 ? 0.3877 0.3544 0.1679 -0.0489 0.0769  -0.0789 34  ARG A CG  
279 C CG  B ARG A 34 ? 0.3841 0.3509 0.1683 -0.0454 0.0803  -0.0833 34  ARG A CG  
280 C CD  A ARG A 34 ? 0.3954 0.4464 0.2037 -0.0523 0.0658  -0.1358 34  ARG A CD  
281 C CD  B ARG A 34 ? 0.4078 0.4225 0.2063 -0.0291 0.0837  -0.1441 34  ARG A CD  
282 N NE  A ARG A 34 ? 0.5334 0.4051 0.3985 0.0267  0.0809  -0.1373 34  ARG A NE  
283 N NE  B ARG A 34 ? 0.5240 0.4409 0.4144 0.0208  0.1232  -0.0945 34  ARG A NE  
284 C CZ  A ARG A 34 ? 0.5255 0.3888 0.4432 0.0379  0.1287  -0.1274 34  ARG A CZ  
285 C CZ  B ARG A 34 ? 0.5109 0.4486 0.4673 0.0443  0.1594  -0.0762 34  ARG A CZ  
286 N NH1 A ARG A 34 ? 0.5560 0.5842 0.4722 -0.0100 0.0929  0.0287  34  ARG A NH1 
287 N NH1 B ARG A 34 ? 0.6224 0.5788 0.4465 0.0089  0.1265  0.0341  34  ARG A NH1 
288 N NH2 A ARG A 34 ? 0.5439 0.4977 0.3047 -0.0416 0.1355  -0.1617 34  ARG A NH2 
289 N NH2 B ARG A 34 ? 0.5981 0.4607 0.2269 -0.0089 0.2238  -0.2152 34  ARG A NH2 
290 N N   . ARG A 35 ? 0.2886 0.1939 0.0430 -0.0040 0.0415  -0.0440 35  ARG A N   
291 C CA  . ARG A 35 ? 0.2800 0.2043 0.0314 0.0129  0.0268  -0.0228 35  ARG A CA  
292 C C   . ARG A 35 ? 0.2700 0.2036 0.0585 0.0145  0.0209  -0.0735 35  ARG A C   
293 O O   . ARG A 35 ? 0.3112 0.2581 0.0959 0.0275  0.0582  -0.1106 35  ARG A O   
294 C CB  . ARG A 35 ? 0.2661 0.2145 0.0455 0.0082  0.0580  -0.0322 35  ARG A CB  
295 C CG  . ARG A 35 ? 0.2463 0.2203 0.0460 0.0116  0.0561  -0.0323 35  ARG A CG  
296 C CD  . ARG A 35 ? 0.2487 0.2306 0.0457 0.0135  0.0427  -0.0404 35  ARG A CD  
297 N NE  . ARG A 35 ? 0.2512 0.2204 0.0461 0.0242  0.0393  -0.0475 35  ARG A NE  
298 C CZ  . ARG A 35 ? 0.2722 0.2181 0.0481 0.0271  0.0429  -0.0492 35  ARG A CZ  
299 N NH1 . ARG A 35 ? 0.2716 0.2440 0.0577 0.0288  0.0488  -0.0343 35  ARG A NH1 
300 N NH2 . ARG A 35 ? 0.2764 0.2344 0.0495 0.0359  0.0666  -0.0269 35  ARG A NH2 
301 N N   . THR A 36 ? 0.3191 0.2222 0.0490 0.0393  0.0013  -0.0671 36  THR A N   
302 C CA  . THR A 36 ? 0.3153 0.2380 0.0403 0.0191  0.0195  -0.0524 36  THR A CA  
303 C C   . THR A 36 ? 0.3125 0.2523 0.0575 0.0143  0.0046  -0.0851 36  THR A C   
304 O O   . THR A 36 ? 0.3691 0.2693 0.0543 0.0445  0.0303  -0.0752 36  THR A O   
305 C CB  . THR A 36 ? 0.3115 0.2742 0.0360 0.0052  0.0252  -0.0455 36  THR A CB  
306 O OG1 . THR A 36 ? 0.3545 0.2655 0.0485 0.0130  0.0413  -0.0557 36  THR A OG1 
307 C CG2 . THR A 36 ? 0.3215 0.2807 0.0752 0.0117  0.0234  -0.0570 36  THR A CG2 
308 N N   . LYS A 37 ? 0.3528 0.2406 0.0393 0.0085  0.0057  -0.0520 37  LYS A N   
309 C CA  . LYS A 37 ? 0.3672 0.2391 0.0712 0.0043  0.0051  -0.0555 37  LYS A CA  
310 C C   . LYS A 37 ? 0.3687 0.2439 0.0590 0.0386  0.0312  -0.0778 37  LYS A C   
311 O O   . LYS A 37 ? 0.4344 0.2703 0.0707 0.0924  0.0174  -0.0837 37  LYS A O   
312 C CB  . LYS A 37 ? 0.3564 0.2248 0.1250 0.0147  -0.0013 -0.0440 37  LYS A CB  
313 C CG  . LYS A 37 ? 0.3260 0.2243 0.1755 0.0017  0.0175  -0.0393 37  LYS A CG  
314 C CD  . LYS A 37 ? 0.3649 0.2784 0.2765 -0.0396 0.0462  -0.0166 37  LYS A CD  
315 C CE  . LYS A 37 ? 0.4280 0.3924 0.3375 0.0315  -0.0098 -0.0093 37  LYS A CE  
316 N NZ  . LYS A 37 ? 0.5239 0.5069 0.5095 -0.0474 0.0091  -0.0211 37  LYS A NZ  
317 N N   . ILE A 38 ? 0.3397 0.2197 0.0523 0.0255  0.0233  -0.0677 38  ILE A N   
318 C CA  . ILE A 38 ? 0.3222 0.2529 0.0508 0.0197  0.0072  -0.0752 38  ILE A CA  
319 C C   . ILE A 38 ? 0.3311 0.2607 0.0477 0.0574  0.0390  -0.0551 38  ILE A C   
320 O O   . ILE A 38 ? 0.4073 0.2690 0.0571 0.0587  0.0240  -0.0807 38  ILE A O   
321 C CB  . ILE A 38 ? 0.3264 0.2564 0.0469 0.0227  -0.0115 -0.0706 38  ILE A CB  
322 C CG1 . ILE A 38 ? 0.3155 0.2848 0.0889 0.0271  -0.0099 -0.0741 38  ILE A CG1 
323 C CG2 . ILE A 38 ? 0.3419 0.2531 0.0464 0.0256  -0.0005 -0.0690 38  ILE A CG2 
324 C CD1 . ILE A 38 ? 0.3086 0.3138 0.1483 0.0254  0.0116  -0.0760 38  ILE A CD1 
325 N N   . SER A 39 ? 0.3208 0.2623 0.0570 0.0461  0.0424  -0.0485 39  SER A N   
326 C CA  . SER A 39 ? 0.3279 0.2835 0.0921 0.0510  0.0471  -0.0711 39  SER A CA  
327 C C   . SER A 39 ? 0.3352 0.3266 0.0748 0.0828  0.0329  -0.0811 39  SER A C   
328 O O   . SER A 39 ? 0.4118 0.4088 0.0925 0.1161  0.0547  -0.1221 39  SER A O   
329 C CB  . SER A 39 ? 0.3137 0.2805 0.0854 0.0517  0.0583  -0.0340 39  SER A CB  
330 O OG  . SER A 39 ? 0.3515 0.4109 0.0988 0.0324  0.0840  -0.0378 39  SER A OG  
331 N N   . GLN A 40 ? 0.3948 0.3560 0.0902 0.1351  0.0047  -0.0895 40  GLN A N   
332 C CA  . GLN A 40 ? 0.3718 0.3263 0.1689 0.0974  0.0053  -0.0886 40  GLN A CA  
333 C C   . GLN A 40 ? 0.4225 0.4135 0.1509 0.1184  0.0158  -0.1492 40  GLN A C   
334 O O   . GLN A 40 ? 0.5748 0.5623 0.3600 0.2588  -0.0103 -0.3105 40  GLN A O   
335 C CB  . GLN A 40 ? 0.3654 0.2947 0.1890 0.0612  -0.0030 -0.0603 40  GLN A CB  
336 C CG  . GLN A 40 ? 0.4072 0.3493 0.1510 0.0476  0.0225  -0.0932 40  GLN A CG  
337 C CD  . GLN A 40 ? 0.4833 0.3484 0.2709 0.0081  -0.0662 -0.0225 40  GLN A CD  
338 O OE1 . GLN A 40 ? 0.7157 0.3895 0.2470 -0.0341 0.0053  -0.0248 40  GLN A OE1 
339 N NE2 . GLN A 40 ? 0.5481 0.4710 0.3231 -0.0322 -0.1129 -0.0646 40  GLN A NE2 
340 N N   . THR A 41 ? 0.4543 0.3391 0.2072 0.0990  -0.0594 -0.1410 41  THR A N   
341 C CA  . THR A 41 ? 0.5486 0.3391 0.2018 0.0553  -0.1200 -0.1025 41  THR A CA  
342 C C   . THR A 41 ? 0.5670 0.3382 0.1620 0.1501  -0.0572 -0.1605 41  THR A C   
343 O O   . THR A 41 ? 0.6374 0.5129 0.2656 0.2389  -0.0370 -0.2750 41  THR A O   
344 C CB  . THR A 41 ? 0.5759 0.2677 0.2277 0.0235  -0.1584 -0.1619 41  THR A CB  
345 O OG1 . THR A 41 ? 0.5957 0.3840 0.4944 0.0756  -0.0574 -0.0625 41  THR A OG1 
346 C CG2 . THR A 41 ? 0.5119 0.2544 0.2440 0.0070  -0.1251 -0.1305 41  THR A CG2 
347 N N   . ILE A 42 ? 0.5071 0.3687 0.1102 0.1408  0.0045  -0.1340 42  ILE A N   
348 C CA  . ILE A 42 ? 0.3912 0.4987 0.0891 0.0782  0.0543  -0.1008 42  ILE A CA  
349 C C   . ILE A 42 ? 0.4729 0.4425 0.2010 0.0145  0.1292  -0.1997 42  ILE A C   
350 O O   . ILE A 42 ? 0.6860 0.5717 0.2371 0.0700  0.1568  -0.0911 42  ILE A O   
351 C CB  . ILE A 42 ? 0.4632 0.3324 0.2049 0.0540  0.0623  -0.1191 42  ILE A CB  
352 C CG1 . ILE A 42 ? 0.4444 0.3593 0.1864 0.0344  0.1113  -0.1346 42  ILE A CG1 
353 C CG2 . ILE A 42 ? 0.4287 0.3890 0.3282 0.0679  -0.0043 -0.0896 42  ILE A CG2 
354 C CD1 . ILE A 42 ? 0.4050 0.4259 0.1947 0.0420  0.1099  -0.1275 42  ILE A CD1 
355 N N   . GLY A 43 ? 0.5126 0.6760 0.2513 0.0023  0.0924  -0.2254 43  GLY A N   
356 C CA  . GLY A 43 ? 0.5810 0.5731 0.3304 -0.0083 0.0960  -0.0550 43  GLY A CA  
357 C C   . GLY A 43 ? 0.5924 0.6406 0.4271 0.0075  0.1500  -0.0750 43  GLY A C   
358 O O   . GLY A 43 ? 0.6164 0.6646 0.5389 -0.0083 0.2451  -0.0015 43  GLY A O   
359 N N   . LYS A 44 ? 0.6261 0.5412 0.5324 0.0282  0.1506  -0.0153 44  LYS A N   
360 C CA  . LYS A 44 ? 0.5613 0.5310 0.4501 -0.0161 0.0478  -0.0227 44  LYS A CA  
361 C C   . LYS A 44 ? 0.5799 0.5692 0.4681 -0.0162 -0.0114 -0.0721 44  LYS A C   
362 O O   . LYS A 44 ? 0.6789 0.9321 0.2319 -0.0614 0.0414  -0.1501 44  LYS A O   
363 C CB  . LYS A 44 ? 0.4398 0.5254 0.3440 0.0203  0.1089  -0.0806 44  LYS A CB  
364 C CG  . LYS A 44 ? 0.4845 0.5163 0.4527 0.0220  0.0033  -0.0617 44  LYS A CG  
365 C CD  . LYS A 44 ? 0.5072 0.4868 0.4696 0.0044  -0.0075 -0.0238 44  LYS A CD  
366 C CE  . LYS A 44 ? 0.5389 0.5285 0.4654 -0.0118 0.0017  -0.0303 44  LYS A CE  
367 N NZ  . LYS A 44 ? 0.5309 0.5343 0.5025 0.0191  0.0183  -0.0294 44  LYS A NZ  
368 N N   . THR A 45 ? 0.5477 0.5247 0.6084 0.0618  0.0917  -0.0857 45  THR A N   
369 C CA  . THR A 45 ? 0.4296 0.4047 0.4730 -0.0303 0.0682  0.0321  45  THR A CA  
370 C C   . THR A 45 ? 0.4702 0.4363 0.2761 -0.0197 0.1232  0.0120  45  THR A C   
371 O O   . THR A 45 ? 0.5323 0.5896 0.3069 -0.1610 0.0929  -0.0072 45  THR A O   
372 C CB  . THR A 45 ? 0.4832 0.5495 0.5076 -0.0287 0.0306  -0.0280 45  THR A CB  
373 O OG1 . THR A 45 ? 0.7253 0.6436 0.5806 -0.0069 -0.0084 0.0522  45  THR A OG1 
374 C CG2 . THR A 45 ? 0.4893 0.4941 0.4406 -0.0045 0.0523  -0.0289 45  THR A CG2 
375 N N   . ARG A 46 ? 0.4567 0.5033 0.3213 -0.0295 0.0928  -0.0103 46  ARG A N   
376 C CA  . ARG A 46 ? 0.4314 0.4187 0.2124 0.0046  0.0611  -0.0368 46  ARG A CA  
377 C C   . ARG A 46 ? 0.4665 0.3450 0.4159 -0.0476 -0.0268 -0.0130 46  ARG A C   
378 O O   . ARG A 46 ? 0.5272 0.4253 0.4648 -0.0717 -0.0714 0.0076  46  ARG A O   
379 C CB  . ARG A 46 ? 0.4647 0.3422 0.2760 0.0056  0.0374  -0.0616 46  ARG A CB  
380 C CG  . ARG A 46 ? 0.4797 0.3662 0.4253 -0.0201 -0.0056 -0.0863 46  ARG A CG  
381 C CD  . ARG A 46 ? 0.5474 0.3624 0.4819 -0.0119 -0.0461 -0.0777 46  ARG A CD  
382 N NE  . ARG A 46 ? 0.6633 0.3472 0.4284 -0.0723 -0.0651 -0.1030 46  ARG A NE  
383 C CZ  . ARG A 46 ? 0.5767 0.3524 0.3699 -0.0746 -0.0891 -0.1088 46  ARG A CZ  
384 N NH1 . ARG A 46 ? 0.5231 0.3921 0.3486 -0.1325 -0.0978 -0.0974 46  ARG A NH1 
385 N NH2 . ARG A 46 ? 0.6560 0.4625 0.3976 -0.0675 -0.0800 -0.0764 46  ARG A NH2 
386 N N   . MET A 47 ? 0.3840 0.3010 0.1504 0.0236  0.0280  -0.0411 47  MET A N   
387 C CA  . MET A 47 ? 0.3517 0.2747 0.1755 0.0205  0.0190  -0.0718 47  MET A CA  
388 C C   . MET A 47 ? 0.3438 0.2198 0.1475 0.0155  0.0056  -0.0597 47  MET A C   
389 O O   . MET A 47 ? 0.3683 0.3302 0.1370 -0.0146 -0.0256 -0.0041 47  MET A O   
390 C CB  . MET A 47 ? 0.4619 0.3200 0.1421 0.0094  0.0802  -0.0775 47  MET A CB  
391 C CG  . MET A 47 ? 0.4583 0.3611 0.1162 0.0267  0.0576  -0.1001 47  MET A CG  
392 S SD  . MET A 47 ? 0.6426 0.4363 0.6308 0.1443  0.1813  -0.0865 47  MET A SD  
393 C CE  . MET A 47 ? 0.6227 0.6059 0.6399 0.0212  0.0936  0.0595  47  MET A CE  
394 N N   . SER A 48 ? 0.2852 0.2031 0.1365 0.0215  0.0152  -0.0819 48  SER A N   
395 C CA  . SER A 48 ? 0.3169 0.2037 0.0922 0.0164  0.0006  -0.0685 48  SER A CA  
396 C C   . SER A 48 ? 0.3227 0.2030 0.0586 0.0168  0.0210  -0.0653 48  SER A C   
397 O O   . SER A 48 ? 0.3402 0.2160 0.0695 0.0413  0.0284  -0.0739 48  SER A O   
398 C CB  . SER A 48 ? 0.3492 0.2294 0.1018 0.0043  -0.0179 -0.0766 48  SER A CB  
399 O OG  . SER A 48 ? 0.3654 0.2762 0.1234 0.0386  -0.0282 -0.1179 48  SER A OG  
400 N N   . SER A 49 ? 0.3201 0.2038 0.0571 0.0181  0.0376  -0.0668 49  SER A N   
401 C CA  . SER A 49 ? 0.3114 0.2022 0.0784 0.0131  0.0255  -0.0899 49  SER A CA  
402 C C   . SER A 49 ? 0.3403 0.1968 0.0597 0.0162  0.0233  -0.0735 49  SER A C   
403 O O   . SER A 49 ? 0.3459 0.2023 0.0533 0.0386  0.0343  -0.0606 49  SER A O   
404 C CB  . SER A 49 ? 0.3164 0.2318 0.1174 0.0147  0.0241  -0.0939 49  SER A CB  
405 O OG  . SER A 49 ? 0.3278 0.2954 0.1091 0.0228  0.0647  -0.0914 49  SER A OG  
406 N N   . GLY A 50 ? 0.3430 0.2232 0.0623 0.0118  0.0188  -0.0835 50  GLY A N   
407 C CA  . GLY A 50 ? 0.3949 0.2277 0.0457 0.0442  0.0488  -0.0382 50  GLY A CA  
408 C C   . GLY A 50 ? 0.3119 0.2218 0.0520 0.0216  -0.0037 -0.0722 50  GLY A C   
409 O O   . GLY A 50 ? 0.3675 0.2390 0.0658 0.0464  0.0027  -0.0903 50  GLY A O   
410 N N   . GLY A 51 ? 0.3178 0.2247 0.0856 0.0178  0.0016  -0.0796 51  GLY A N   
411 C CA  . GLY A 51 ? 0.2969 0.2199 0.1175 0.0176  0.0085  -0.0730 51  GLY A CA  
412 C C   . GLY A 51 ? 0.2859 0.2633 0.0803 0.0317  0.0281  -0.0538 51  GLY A C   
413 O O   . GLY A 51 ? 0.3039 0.2545 0.0880 0.0480  0.0255  -0.0736 51  GLY A O   
414 N N   A THR A 52 ? 0.2881 0.2576 0.0599 0.0452  0.0228  -0.0672 52  THR A N   
415 N N   B THR A 52 ? 0.2867 0.2545 0.0640 0.0470  0.0241  -0.0666 52  THR A N   
416 C CA  A THR A 52 ? 0.3061 0.2673 0.0392 0.0303  0.0299  -0.0473 52  THR A CA  
417 C CA  B THR A 52 ? 0.3058 0.2634 0.0407 0.0357  0.0276  -0.0508 52  THR A CA  
418 C C   A THR A 52 ? 0.2751 0.2379 0.0488 0.0094  0.0508  -0.0508 52  THR A C   
419 C C   B THR A 52 ? 0.2712 0.2370 0.0499 0.0116  0.0552  -0.0483 52  THR A C   
420 O O   A THR A 52 ? 0.2755 0.2437 0.0522 0.0022  0.0459  -0.0630 52  THR A O   
421 O O   B THR A 52 ? 0.2743 0.2452 0.0524 0.0066  0.0471  -0.0620 52  THR A O   
422 C CB  A THR A 52 ? 0.2983 0.2596 0.0365 0.0184  0.0158  -0.0478 52  THR A CB  
423 C CB  B THR A 52 ? 0.3000 0.3278 0.0925 0.0347  0.0257  0.0058  52  THR A CB  
424 O OG1 A THR A 52 ? 0.3159 0.2741 0.0654 0.0311  0.0418  -0.0415 52  THR A OG1 
425 O OG1 B THR A 52 ? 0.2868 0.2430 0.1070 0.0259  0.0314  -0.0941 52  THR A OG1 
426 C CG2 A THR A 52 ? 0.2212 0.2295 0.0724 0.0315  0.0326  -0.0858 52  THR A CG2 
427 C CG2 B THR A 52 ? 0.2385 0.3276 0.1357 0.0289  0.0320  -0.0221 52  THR A CG2 
428 N N   A ARG A 53 ? 0.2756 0.2400 0.0386 -0.0108 0.0289  -0.0474 53  ARG A N   
429 N N   B ARG A 53 ? 0.2649 0.2389 0.0400 -0.0048 0.0347  -0.0462 53  ARG A N   
430 C CA  A ARG A 53 ? 0.2539 0.2324 0.0361 -0.0202 0.0301  -0.0400 53  ARG A CA  
431 C CA  B ARG A 53 ? 0.2544 0.2286 0.0375 -0.0215 0.0297  -0.0438 53  ARG A CA  
432 C C   A ARG A 53 ? 0.2655 0.2202 0.0369 -0.0078 0.0063  -0.0476 53  ARG A C   
433 C C   B ARG A 53 ? 0.2616 0.2211 0.0362 -0.0095 0.0112  -0.0455 53  ARG A C   
434 O O   A ARG A 53 ? 0.3198 0.2179 0.0413 -0.0099 0.0407  -0.0459 53  ARG A O   
435 O O   B ARG A 53 ? 0.3206 0.2198 0.0414 -0.0098 0.0388  -0.0476 53  ARG A O   
436 C CB  A ARG A 53 ? 0.2352 0.2307 0.0362 -0.0023 0.0302  -0.0371 53  ARG A CB  
437 C CB  B ARG A 53 ? 0.2522 0.2450 0.0378 0.0102  0.0364  -0.0365 53  ARG A CB  
438 C CG  A ARG A 53 ? 0.2182 0.2306 0.0337 0.0014  -0.0174 -0.0228 53  ARG A CG  
439 C CG  B ARG A 53 ? 0.2441 0.2183 0.0748 0.0122  0.0266  -0.0212 53  ARG A CG  
440 C CD  A ARG A 53 ? 0.2424 0.2467 0.0690 0.0026  0.0280  -0.0169 53  ARG A CD  
441 C CD  B ARG A 53 ? 0.2635 0.2471 0.0788 -0.0088 0.0406  -0.0137 53  ARG A CD  
442 N NE  A ARG A 53 ? 0.3133 0.2448 0.0645 0.0021  0.0324  -0.0216 53  ARG A NE  
443 N NE  B ARG A 53 ? 0.3238 0.2383 0.0775 0.0055  0.0297  -0.0159 53  ARG A NE  
444 C CZ  A ARG A 53 ? 0.2960 0.2342 0.0575 0.0071  0.0475  -0.0369 53  ARG A CZ  
445 C CZ  B ARG A 53 ? 0.2993 0.2325 0.0541 0.0029  0.0541  -0.0356 53  ARG A CZ  
446 N NH1 A ARG A 53 ? 0.3116 0.2314 0.0914 0.0127  0.0442  -0.0631 53  ARG A NH1 
447 N NH1 B ARG A 53 ? 0.3282 0.2313 0.0883 0.0122  0.0448  -0.0631 53  ARG A NH1 
448 N NH2 A ARG A 53 ? 0.3359 0.2164 0.0536 0.0248  0.0051  -0.0601 53  ARG A NH2 
449 N NH2 B ARG A 53 ? 0.3346 0.2166 0.0525 0.0214  0.0144  -0.0609 53  ARG A NH2 
450 N N   . LEU A 54 ? 0.2744 0.2234 0.0372 -0.0136 0.0140  -0.0477 54  LEU A N   
451 C CA  . LEU A 54 ? 0.2894 0.2405 0.0436 0.0162  -0.0101 -0.0626 54  LEU A CA  
452 C C   . LEU A 54 ? 0.2702 0.2272 0.0543 0.0077  0.0059  -0.0501 54  LEU A C   
453 O O   . LEU A 54 ? 0.2759 0.2370 0.1040 0.0192  0.0201  -0.0725 54  LEU A O   
454 C CB  . LEU A 54 ? 0.2648 0.2379 0.1230 0.0102  -0.0210 -0.0597 54  LEU A CB  
455 C CG  . LEU A 54 ? 0.3184 0.3217 0.1235 0.0053  -0.0322 -0.1050 54  LEU A CG  
456 C CD1 . LEU A 54 ? 0.3280 0.2888 0.2303 0.0222  -0.0399 -0.1064 54  LEU A CD1 
457 C CD2 . LEU A 54 ? 0.3830 0.3214 0.2583 0.0292  -0.0303 -0.0780 54  LEU A CD2 
458 N N   . VAL A 55 ? 0.2597 0.2151 0.0396 0.0147  0.0451  -0.0296 55  VAL A N   
459 C CA  . VAL A 55 ? 0.2323 0.2319 0.0377 -0.0068 0.0386  -0.0245 55  VAL A CA  
460 C C   . VAL A 55 ? 0.2350 0.2255 0.0436 0.0225  0.0282  -0.0448 55  VAL A C   
461 O O   . VAL A 55 ? 0.2631 0.2436 0.0505 0.0218  0.0609  -0.0354 55  VAL A O   
462 C CB  . VAL A 55 ? 0.2837 0.2474 0.0578 0.0138  0.0604  -0.0228 55  VAL A CB  
463 C CG1 . VAL A 55 ? 0.2975 0.2425 0.0584 0.0201  0.0526  -0.0198 55  VAL A CG1 
464 C CG2 . VAL A 55 ? 0.2967 0.2423 0.1532 0.0067  0.0465  -0.0372 55  VAL A CG2 
465 N N   . HIS A 56 ? 0.2301 0.2040 0.0419 0.0144  0.0313  -0.0437 56  HIS A N   
466 C CA  . HIS A 56 ? 0.2325 0.2139 0.0450 0.0061  0.0309  -0.0523 56  HIS A CA  
467 C C   . HIS A 56 ? 0.2471 0.1992 0.0412 0.0117  0.0286  -0.0445 56  HIS A C   
468 O O   . HIS A 56 ? 0.2521 0.2218 0.0487 0.0324  0.0453  -0.0460 56  HIS A O   
469 C CB  . HIS A 56 ? 0.2349 0.2131 0.0912 0.0107  0.0174  -0.0428 56  HIS A CB  
470 C CG  . HIS A 56 ? 0.2404 0.2471 0.0850 0.0010  0.0264  -0.0486 56  HIS A CG  
471 N ND1 . HIS A 56 ? 0.2712 0.3070 0.0845 0.0020  0.0191  -0.0531 56  HIS A ND1 
472 C CD2 . HIS A 56 ? 0.2843 0.2534 0.1456 0.0074  0.0280  -0.0537 56  HIS A CD2 
473 C CE1 . HIS A 56 ? 0.2820 0.2793 0.1745 0.0272  0.0591  -0.0789 56  HIS A CE1 
474 N NE2 . HIS A 56 ? 0.3010 0.2803 0.2040 0.0106  0.0259  -0.0932 56  HIS A NE2 
475 N N   . THR A 57 ? 0.2599 0.2001 0.0347 0.0060  0.0195  -0.0365 57  THR A N   
476 C CA  . THR A 57 ? 0.2380 0.2041 0.0390 -0.0040 0.0247  -0.0446 57  THR A CA  
477 C C   . THR A 57 ? 0.2381 0.2068 0.0415 0.0164  0.0304  -0.0439 57  THR A C   
478 O O   . THR A 57 ? 0.2724 0.2199 0.0479 0.0226  0.0299  -0.0530 57  THR A O   
479 C CB  . THR A 57 ? 0.2736 0.2469 0.0368 0.0183  0.0434  -0.0263 57  THR A CB  
480 O OG1 . THR A 57 ? 0.2931 0.2776 0.0608 0.0061  0.0665  -0.0032 57  THR A OG1 
481 C CG2 . THR A 57 ? 0.2625 0.2508 0.0887 0.0152  0.0605  -0.0467 57  THR A CG2 
482 N N   . ARG A 58 ? 0.2327 0.2135 0.0429 0.0064  0.0369  -0.0445 58  ARG A N   
483 C CA  . ARG A 58 ? 0.2325 0.2427 0.0411 0.0262  0.0397  -0.0306 58  ARG A CA  
484 C C   . ARG A 58 ? 0.2511 0.2202 0.0461 0.0245  0.0463  -0.0380 58  ARG A C   
485 O O   . ARG A 58 ? 0.2480 0.2908 0.0622 0.0127  0.0609  -0.0681 58  ARG A O   
486 C CB  . ARG A 58 ? 0.2591 0.2524 0.0501 0.0164  0.0524  -0.0324 58  ARG A CB  
487 C CG  . ARG A 58 ? 0.2782 0.2783 0.1090 0.0294  0.0156  -0.0397 58  ARG A CG  
488 C CD  . ARG A 58 ? 0.3874 0.3385 0.2742 -0.0208 0.0119  -0.0459 58  ARG A CD  
489 N NE  . ARG A 58 ? 0.4437 0.3214 0.2377 0.0210  0.0469  -0.1158 58  ARG A NE  
490 C CZ  . ARG A 58 ? 0.4218 0.2968 0.1563 0.0340  0.0360  -0.0467 58  ARG A CZ  
491 N NH1 . ARG A 58 ? 0.6368 0.4772 0.1483 0.0583  -0.0336 -0.0667 58  ARG A NH1 
492 N NH2 . ARG A 58 ? 0.4263 0.3290 0.3100 0.0005  -0.0022 0.0279  58  ARG A NH2 
493 N N   . GLU A 59 ? 0.2407 0.2299 0.0440 0.0046  0.0403  -0.0468 59  GLU A N   
494 C CA  . GLU A 59 ? 0.2621 0.2258 0.0378 -0.0009 0.0426  -0.0313 59  GLU A CA  
495 C C   . GLU A 59 ? 0.2623 0.2115 0.0519 -0.0035 0.0651  -0.0410 59  GLU A C   
496 O O   . GLU A 59 ? 0.2787 0.2359 0.0533 0.0262  0.0545  -0.0526 59  GLU A O   
497 C CB  . GLU A 59 ? 0.2804 0.2465 0.0364 0.0125  0.0375  -0.0331 59  GLU A CB  
498 C CG  . GLU A 59 ? 0.2741 0.2389 0.0620 0.0160  0.0359  -0.0517 59  GLU A CG  
499 C CD  . GLU A 59 ? 0.2944 0.2950 0.0489 0.0193  0.0680  -0.0245 59  GLU A CD  
500 O OE1 . GLU A 59 ? 0.2717 0.3829 0.3104 0.0108  -0.0021 -0.0138 59  GLU A OE1 
501 O OE2 . GLU A 59 ? 0.3499 0.2781 0.1541 0.0220  0.0196  -0.0397 59  GLU A OE2 
502 N N   . VAL A 60 ? 0.2624 0.2145 0.0390 -0.0050 0.0453  -0.0316 60  VAL A N   
503 C CA  . VAL A 60 ? 0.2617 0.2280 0.0517 -0.0029 0.0406  -0.0349 60  VAL A CA  
504 C C   . VAL A 60 ? 0.2746 0.2281 0.0485 0.0227  0.0311  -0.0479 60  VAL A C   
505 O O   . VAL A 60 ? 0.3006 0.2329 0.0526 0.0090  0.0645  -0.0481 60  VAL A O   
506 C CB  . VAL A 60 ? 0.3022 0.2260 0.0989 0.0012  0.0788  -0.0357 60  VAL A CB  
507 C CG1 . VAL A 60 ? 0.3030 0.2349 0.1290 -0.0111 0.0891  -0.0364 60  VAL A CG1 
508 C CG2 . VAL A 60 ? 0.3135 0.2408 0.1769 -0.0045 0.0770  -0.0807 60  VAL A CG2 
509 N N   . ALA A 61 ? 0.2751 0.2302 0.0464 0.0095  0.0392  -0.0536 61  ALA A N   
510 C CA  . ALA A 61 ? 0.2877 0.2107 0.0419 0.0156  0.0324  -0.0342 61  ALA A CA  
511 C C   . ALA A 61 ? 0.2773 0.2400 0.0442 0.0366  0.0424  -0.0288 61  ALA A C   
512 O O   . ALA A 61 ? 0.3029 0.2592 0.0572 0.0594  0.0507  -0.0444 61  ALA A O   
513 C CB  . ALA A 61 ? 0.2817 0.2411 0.0806 0.0313  0.0002  -0.0440 61  ALA A CB  
514 N N   . ILE A 62 ? 0.2751 0.2241 0.0521 0.0415  0.0625  -0.0357 62  ILE A N   
515 C CA  . ILE A 62 ? 0.2398 0.2496 0.0602 0.0145  0.0491  -0.0130 62  ILE A CA  
516 C C   . ILE A 62 ? 0.2611 0.2460 0.0633 0.0264  0.0606  -0.0334 62  ILE A C   
517 O O   . ILE A 62 ? 0.2968 0.2634 0.0749 0.0410  0.0894  -0.0274 62  ILE A O   
518 C CB  . ILE A 62 ? 0.2630 0.2554 0.0518 0.0205  0.0675  -0.0228 62  ILE A CB  
519 C CG1 . ILE A 62 ? 0.2429 0.2578 0.1240 0.0173  0.0695  -0.0432 62  ILE A CG1 
520 C CG2 . ILE A 62 ? 0.2822 0.2525 0.0590 -0.0046 0.0582  -0.0076 62  ILE A CG2 
521 C CD1 . ILE A 62 ? 0.2954 0.2546 0.1489 0.0106  0.0614  -0.0312 62  ILE A CD1 
522 N N   . ILE A 63 ? 0.2590 0.2221 0.0568 0.0157  0.0628  -0.0470 63  ILE A N   
523 C CA  . ILE A 63 ? 0.2688 0.2323 0.0768 0.0152  0.0488  -0.0598 63  ILE A CA  
524 C C   . ILE A 63 ? 0.2863 0.2270 0.0549 0.0215  0.0675  -0.0406 63  ILE A C   
525 O O   . ILE A 63 ? 0.3174 0.2438 0.0670 0.0432  0.0612  -0.0594 63  ILE A O   
526 C CB  . ILE A 63 ? 0.2733 0.2618 0.0793 0.0000  0.0320  -0.0699 63  ILE A CB  
527 C CG1 . ILE A 63 ? 0.2801 0.2694 0.0865 -0.0013 0.0582  -0.0653 63  ILE A CG1 
528 C CG2 . ILE A 63 ? 0.2469 0.2451 0.1361 -0.0124 0.0541  -0.0450 63  ILE A CG2 
529 C CD1 . ILE A 63 ? 0.2773 0.2758 0.1562 0.0037  0.0528  -0.0388 63  ILE A CD1 
530 N N   . ASN A 64 ? 0.3218 0.2437 0.0636 0.0283  0.0750  -0.0251 64  ASN A N   
531 C CA  . ASN A 64 ? 0.2996 0.2428 0.0750 0.0152  0.0586  -0.0217 64  ASN A CA  
532 C C   . ASN A 64 ? 0.3017 0.2437 0.0558 0.0347  0.0670  -0.0468 64  ASN A C   
533 O O   . ASN A 64 ? 0.3363 0.2416 0.0998 0.0549  0.0826  -0.0465 64  ASN A O   
534 C CB  . ASN A 64 ? 0.3561 0.2547 0.0918 0.0314  0.0950  0.0122  64  ASN A CB  
535 C CG  . ASN A 64 ? 0.3571 0.2815 0.1650 0.0518  0.1083  0.0224  64  ASN A CG  
536 O OD1 . ASN A 64 ? 0.3264 0.3460 0.3435 0.0322  0.1017  0.0648  64  ASN A OD1 
537 N ND2 . ASN A 64 ? 0.4077 0.3356 0.1757 0.0705  0.1701  0.0404  64  ASN A ND2 
538 N N   . GLN A 65 ? 0.2879 0.2499 0.0486 0.0213  0.0672  -0.0314 65  GLN A N   
539 C CA  . GLN A 65 ? 0.2844 0.2376 0.0603 0.0247  0.0634  -0.0484 65  GLN A CA  
540 C C   . GLN A 65 ? 0.2890 0.2299 0.0732 0.0285  0.0572  -0.0784 65  GLN A C   
541 O O   . GLN A 65 ? 0.3186 0.2413 0.0807 0.0494  0.0692  -0.0696 65  GLN A O   
542 C CB  . GLN A 65 ? 0.2624 0.2422 0.0829 0.0285  0.0490  -0.0469 65  GLN A CB  
543 C CG  . GLN A 65 ? 0.2887 0.2337 0.1048 0.0478  0.0778  -0.0360 65  GLN A CG  
544 C CD  . GLN A 65 ? 0.3576 0.2556 0.0779 0.0308  0.0154  -0.0284 65  GLN A CD  
545 O OE1 . GLN A 65 ? 0.4554 0.2502 0.1888 0.0331  0.1284  -0.0168 65  GLN A OE1 
546 N NE2 . GLN A 65 ? 0.3706 0.3033 0.1368 -0.0161 0.0024  -0.0465 65  GLN A NE2 
547 N N   . PHE A 66 ? 0.2766 0.2368 0.0701 0.0260  0.0619  -0.0722 66  PHE A N   
548 C CA  . PHE A 66 ? 0.2678 0.2482 0.0670 0.0082  0.0772  -0.0589 66  PHE A CA  
549 C C   . PHE A 66 ? 0.3215 0.2328 0.0497 0.0169  0.0739  -0.0309 66  PHE A C   
550 O O   . PHE A 66 ? 0.3160 0.2571 0.0548 0.0174  0.0670  -0.0527 66  PHE A O   
551 C CB  . PHE A 66 ? 0.2832 0.2480 0.0551 0.0117  0.0629  -0.0538 66  PHE A CB  
552 C CG  . PHE A 66 ? 0.2581 0.2695 0.0619 0.0057  0.0474  -0.0480 66  PHE A CG  
553 C CD1 . PHE A 66 ? 0.2700 0.3070 0.0624 -0.0160 0.0629  -0.0598 66  PHE A CD1 
554 C CD2 . PHE A 66 ? 0.3429 0.2749 0.0886 -0.0121 0.0226  -0.0172 66  PHE A CD2 
555 C CE1 . PHE A 66 ? 0.2765 0.2927 0.0872 0.0104  0.0607  -0.0745 66  PHE A CE1 
556 C CE2 . PHE A 66 ? 0.3406 0.2693 0.0888 -0.0183 0.0148  -0.0417 66  PHE A CE2 
557 C CZ  . PHE A 66 ? 0.3176 0.2521 0.1113 -0.0162 0.0232  -0.0581 66  PHE A CZ  
558 N N   . ARG A 67 ? 0.3318 0.2279 0.0544 0.0173  0.0749  -0.0424 67  ARG A N   
559 C CA  . ARG A 67 ? 0.3362 0.2344 0.1100 0.0097  0.0744  -0.0268 67  ARG A CA  
560 C C   . ARG A 67 ? 0.3335 0.2411 0.0746 0.0288  0.0712  -0.0541 67  ARG A C   
561 O O   . ARG A 67 ? 0.3694 0.2631 0.0728 0.0432  0.0524  -0.0723 67  ARG A O   
562 C CB  . ARG A 67 ? 0.3349 0.2625 0.1174 0.0067  0.0752  -0.0421 67  ARG A CB  
563 C CG  . ARG A 67 ? 0.3986 0.2917 0.1277 -0.0194 0.0475  -0.0324 67  ARG A CG  
564 C CD  . ARG A 67 ? 0.4037 0.3177 0.1875 -0.0272 0.0635  -0.0274 67  ARG A CD  
565 N NE  . ARG A 67 ? 0.4298 0.3517 0.2447 -0.0185 0.1005  -0.0236 67  ARG A NE  
566 C CZ  . ARG A 67 ? 0.4134 0.3596 0.2076 -0.0052 0.0500  -0.0161 67  ARG A CZ  
567 N NH1 . ARG A 67 ? 0.3935 0.4285 0.2182 0.0071  0.0676  -0.0298 67  ARG A NH1 
568 N NH2 . ARG A 67 ? 0.3816 0.3962 0.3268 -0.0146 0.0896  0.0041  67  ARG A NH2 
569 N N   . GLU A 68 ? 0.3660 0.2438 0.0647 0.0394  0.0497  -0.0432 68  GLU A N   
570 C CA  . GLU A 68 ? 0.3393 0.2496 0.0486 0.0173  0.0537  -0.0532 68  GLU A CA  
571 C C   . GLU A 68 ? 0.3595 0.2307 0.0718 0.0151  0.0698  -0.0777 68  GLU A C   
572 O O   . GLU A 68 ? 0.4006 0.2516 0.0985 0.0444  0.0787  -0.0914 68  GLU A O   
573 C CB  . GLU A 68 ? 0.3434 0.2104 0.0499 0.0296  0.0432  -0.0465 68  GLU A CB  
574 C CG  . GLU A 68 ? 0.3193 0.2287 0.0776 0.0123  0.0327  -0.0529 68  GLU A CG  
575 C CD  . GLU A 68 ? 0.3678 0.2695 0.0634 0.0058  0.0526  -0.0523 68  GLU A CD  
576 O OE1 . GLU A 68 ? 0.3923 0.2541 0.0595 0.0159  0.0398  -0.0763 68  GLU A OE1 
577 O OE2 . GLU A 68 ? 0.3946 0.2758 0.0915 -0.0222 0.0773  -0.0884 68  GLU A OE2 
578 N N   A GLU A 69 ? 0.3213 0.2452 0.0620 0.0159  0.0631  -0.0679 69  GLU A N   
579 N N   B GLU A 69 ? 0.3217 0.2447 0.0631 0.0156  0.0636  -0.0692 69  GLU A N   
580 C CA  A GLU A 69 ? 0.3193 0.2831 0.0479 0.0429  0.0681  -0.0304 69  GLU A CA  
581 C CA  B GLU A 69 ? 0.3184 0.2813 0.0483 0.0426  0.0677  -0.0306 69  GLU A CA  
582 C C   A GLU A 69 ? 0.2917 0.2842 0.0607 0.0120  0.0736  -0.0591 69  GLU A C   
583 C C   B GLU A 69 ? 0.2920 0.2845 0.0609 0.0118  0.0735  -0.0595 69  GLU A C   
584 O O   A GLU A 69 ? 0.3479 0.3276 0.0810 0.0570  0.0828  -0.0765 69  GLU A O   
585 O O   B GLU A 69 ? 0.3469 0.3275 0.0813 0.0573  0.0824  -0.0766 69  GLU A O   
586 C CB  A GLU A 69 ? 0.2856 0.2843 0.0789 0.0382  0.0409  -0.0410 69  GLU A CB  
587 C CB  B GLU A 69 ? 0.2935 0.2847 0.0803 0.0414  0.0328  -0.0589 69  GLU A CB  
588 C CG  A GLU A 69 ? 0.3357 0.2868 0.1080 0.0255  0.0084  -0.0607 69  GLU A CG  
589 C CG  B GLU A 69 ? 0.3024 0.2932 0.1265 0.0464  -0.0020 -0.0724 69  GLU A CG  
590 C CD  A GLU A 69 ? 0.3445 0.4059 0.1169 0.0327  0.0550  -0.1173 69  GLU A CD  
591 C CD  B GLU A 69 ? 0.3522 0.3509 0.0814 0.0159  0.0108  -0.0097 69  GLU A CD  
592 O OE1 A GLU A 69 ? 0.3053 0.4807 0.1790 0.0683  0.1136  -0.0659 69  GLU A OE1 
593 O OE1 B GLU A 69 ? 0.3385 0.4355 0.1000 0.0579  0.0427  -0.0865 69  GLU A OE1 
594 O OE2 A GLU A 69 ? 0.4868 0.3793 0.3473 -0.0147 -0.0242 -0.0823 69  GLU A OE2 
595 O OE2 B GLU A 69 ? 0.4278 0.3836 0.1868 0.0875  0.0785  -0.1167 69  GLU A OE2 
596 N N   . ILE A 70 ? 0.2910 0.2561 0.0628 0.0262  0.0565  -0.0707 70  ILE A N   
597 C CA  . ILE A 70 ? 0.3422 0.3063 0.0554 0.0190  0.0609  -0.0681 70  ILE A CA  
598 C C   . ILE A 70 ? 0.3492 0.2979 0.0435 0.0291  0.0368  -0.0583 70  ILE A C   
599 O O   . ILE A 70 ? 0.3848 0.3777 0.0485 0.0090  0.0271  -0.0791 70  ILE A O   
600 C CB  . ILE A 70 ? 0.3554 0.3144 0.0747 0.0319  0.1081  -0.0527 70  ILE A CB  
601 C CG1 . ILE A 70 ? 0.3101 0.3067 0.0634 0.0218  0.0818  -0.0352 70  ILE A CG1 
602 C CG2 . ILE A 70 ? 0.3654 0.2921 0.0737 0.0384  0.0761  -0.0411 70  ILE A CG2 
603 C CD1 . ILE A 70 ? 0.3138 0.3277 0.0656 0.0181  0.0783  -0.0217 70  ILE A CD1 
604 N N   . GLY A 71 ? 0.3455 0.2856 0.1018 0.0196  0.0620  -0.0720 71  GLY A N   
605 C CA  . GLY A 71 ? 0.3353 0.3106 0.0970 0.0147  0.0294  -0.0588 71  GLY A CA  
606 C C   . GLY A 71 ? 0.3421 0.2731 0.1280 0.0074  0.0425  -0.0773 71  GLY A C   
607 O O   . GLY A 71 ? 0.4190 0.2833 0.1069 0.0103  0.0854  -0.0713 71  GLY A O   
608 N N   . GLU A 72 ? 0.3745 0.2989 0.1387 -0.0177 0.0306  -0.0560 72  GLU A N   
609 C CA  . GLU A 72 ? 0.3725 0.2955 0.2161 -0.0107 0.0198  -0.0376 72  GLU A CA  
610 C C   . GLU A 72 ? 0.3305 0.2801 0.1281 -0.0416 0.0198  -0.0499 72  GLU A C   
611 O O   . GLU A 72 ? 0.3553 0.3526 0.1915 -0.0336 0.0893  -0.0525 72  GLU A O   
612 C CB  . GLU A 72 ? 0.4143 0.3276 0.3679 -0.0407 -0.0190 -0.0651 72  GLU A CB  
613 C CG  . GLU A 72 ? 0.4535 0.3357 0.3726 -0.0543 -0.0029 -0.0613 72  GLU A CG  
614 C CD  . GLU A 72 ? 0.5834 0.4366 0.3877 -0.1024 -0.0292 -0.1029 72  GLU A CD  
615 O OE1 . GLU A 72 ? 0.7798 0.4194 0.5826 -0.1283 -0.0659 -0.0712 72  GLU A OE1 
616 O OE2 . GLU A 72 ? 0.7297 0.5981 0.3881 -0.0399 -0.0872 -0.1256 72  GLU A OE2 
617 N N   . GLU A 73 ? 0.3094 0.2511 0.1096 -0.0099 0.0386  -0.0669 73  GLU A N   
618 C CA  . GLU A 73 ? 0.2680 0.2583 0.1110 -0.0073 0.0425  -0.0480 73  GLU A CA  
619 C C   . GLU A 73 ? 0.2811 0.2383 0.1111 0.0004  0.0419  -0.0492 73  GLU A C   
620 O O   . GLU A 73 ? 0.2901 0.2718 0.1017 0.0206  0.0424  -0.0264 73  GLU A O   
621 C CB  . GLU A 73 ? 0.2973 0.2465 0.0933 0.0000  0.0309  -0.0414 73  GLU A CB  
622 C CG  . GLU A 73 ? 0.3873 0.2792 0.0843 0.0015  0.0059  -0.0393 73  GLU A CG  
623 C CD  . GLU A 73 ? 0.3779 0.2969 0.1426 -0.0226 0.0070  -0.0471 73  GLU A CD  
624 O OE1 . GLU A 73 ? 0.3942 0.3338 0.1798 0.0133  -0.0313 -0.0465 73  GLU A OE1 
625 O OE2 . GLU A 73 ? 0.4860 0.3846 0.2162 -0.0231 -0.1181 -0.0739 73  GLU A OE2 
626 N N   . GLY A 74 ? 0.3328 0.2538 0.0876 0.0176  0.0428  -0.0561 74  GLY A N   
627 C CA  . GLY A 74 ? 0.2939 0.2533 0.0824 -0.0024 0.0571  -0.0553 74  GLY A CA  
628 C C   . GLY A 74 ? 0.3038 0.2636 0.0820 -0.0141 0.0668  -0.0592 74  GLY A C   
629 O O   . GLY A 74 ? 0.2923 0.2621 0.0846 -0.0031 0.0593  -0.0702 74  GLY A O   
630 N N   . PRO A 75 ? 0.2851 0.2834 0.1211 -0.0050 0.0436  -0.0429 75  PRO A N   
631 C CA  . PRO A 75 ? 0.3074 0.2921 0.0716 0.0032  0.0719  -0.0452 75  PRO A CA  
632 C C   . PRO A 75 ? 0.3104 0.2775 0.0996 0.0071  0.0658  -0.0376 75  PRO A C   
633 O O   . PRO A 75 ? 0.2824 0.2918 0.1229 0.0031  0.0613  -0.0426 75  PRO A O   
634 C CB  . PRO A 75 ? 0.2986 0.2965 0.1622 0.0065  0.0667  -0.0141 75  PRO A CB  
635 C CG  . PRO A 75 ? 0.2983 0.2831 0.1341 -0.0243 0.0468  -0.0036 75  PRO A CG  
636 C CD  . PRO A 75 ? 0.3222 0.2816 0.0811 0.0051  0.0423  -0.0270 75  PRO A CD  
637 N N   . ALA A 76 ? 0.2796 0.2967 0.1084 0.0076  0.0465  -0.0447 76  ALA A N   
638 C CA  . ALA A 76 ? 0.2887 0.2986 0.1398 -0.0052 0.0554  -0.0306 76  ALA A CA  
639 C C   . ALA A 76 ? 0.2749 0.2559 0.0924 0.0050  0.0428  -0.0503 76  ALA A C   
640 O O   . ALA A 76 ? 0.2729 0.2727 0.1304 0.0048  0.0465  -0.0504 76  ALA A O   
641 C CB  . ALA A 76 ? 0.2853 0.3018 0.1255 -0.0025 0.0350  -0.0105 76  ALA A CB  
642 N N   . LEU A 77 ? 0.2831 0.2712 0.0619 0.0023  0.0320  -0.0691 77  LEU A N   
643 C CA  . LEU A 77 ? 0.2767 0.2445 0.0843 0.0176  0.0374  -0.0534 77  LEU A CA  
644 C C   . LEU A 77 ? 0.2712 0.2375 0.0523 0.0179  0.0674  -0.0376 77  LEU A C   
645 O O   . LEU A 77 ? 0.2772 0.2578 0.0607 0.0204  0.0735  -0.0363 77  LEU A O   
646 C CB  . LEU A 77 ? 0.2847 0.2733 0.0607 0.0274  0.0648  -0.0278 77  LEU A CB  
647 C CG  . LEU A 77 ? 0.2711 0.3182 0.1414 0.0175  0.0536  -0.0317 77  LEU A CG  
648 C CD1 . LEU A 77 ? 0.2450 0.2935 0.1856 0.0114  0.0820  -0.0435 77  LEU A CD1 
649 C CD2 . LEU A 77 ? 0.2669 0.3141 0.1646 0.0170  0.0345  -0.0233 77  LEU A CD2 
650 N N   . ALA A 78 ? 0.3007 0.2463 0.0513 0.0147  0.0664  -0.0418 78  ALA A N   
651 C CA  . ALA A 78 ? 0.2651 0.2516 0.0520 0.0011  0.0585  -0.0482 78  ALA A CA  
652 C C   . ALA A 78 ? 0.2901 0.2439 0.0662 0.0130  0.0708  -0.0417 78  ALA A C   
653 O O   . ALA A 78 ? 0.3105 0.2455 0.0703 0.0149  0.0808  -0.0392 78  ALA A O   
654 C CB  . ALA A 78 ? 0.2680 0.2726 0.0741 0.0077  0.0465  -0.0367 78  ALA A CB  
655 N N   . GLY A 79 ? 0.2785 0.2809 0.0810 0.0245  0.0737  -0.0240 79  GLY A N   
656 C CA  . GLY A 79 ? 0.2529 0.3019 0.1532 0.0142  0.0589  -0.0435 79  GLY A CA  
657 C C   . GLY A 79 ? 0.2852 0.3153 0.0904 0.0319  0.0730  -0.0419 79  GLY A C   
658 O O   . GLY A 79 ? 0.3033 0.3528 0.0927 0.0654  0.0940  -0.0338 79  GLY A O   
659 N N   . ILE A 80 ? 0.2482 0.2815 0.0833 0.0314  0.0615  -0.0267 80  ILE A N   
660 C CA  . ILE A 80 ? 0.2503 0.2928 0.0614 0.0197  0.0410  -0.0354 80  ILE A CA  
661 C C   . ILE A 80 ? 0.2619 0.2581 0.0454 0.0186  0.0625  -0.0238 80  ILE A C   
662 O O   . ILE A 80 ? 0.2952 0.2775 0.0768 0.0422  0.0556  -0.0297 80  ILE A O   
663 C CB  . ILE A 80 ? 0.2754 0.2713 0.0616 0.0551  0.0393  -0.0301 80  ILE A CB  
664 C CG1 . ILE A 80 ? 0.2763 0.2690 0.1394 0.0310  0.0311  -0.0444 80  ILE A CG1 
665 C CG2 . ILE A 80 ? 0.3045 0.2738 0.0838 0.0248  0.0314  -0.0474 80  ILE A CG2 
666 C CD1 . ILE A 80 ? 0.3168 0.2911 0.1492 0.0275  0.0372  -0.0581 80  ILE A CD1 
667 N N   . LEU A 81 ? 0.2604 0.2413 0.0538 0.0287  0.0684  -0.0344 81  LEU A N   
668 C CA  . LEU A 81 ? 0.2829 0.2259 0.0584 0.0244  0.0516  -0.0535 81  LEU A CA  
669 C C   . LEU A 81 ? 0.2906 0.2269 0.0553 0.0547  0.0668  -0.0179 81  LEU A C   
670 O O   . LEU A 81 ? 0.2814 0.2456 0.0784 0.0498  0.0595  -0.0498 81  LEU A O   
671 C CB  . LEU A 81 ? 0.2680 0.2491 0.0604 0.0066  0.0624  -0.0417 81  LEU A CB  
672 C CG  . LEU A 81 ? 0.2756 0.2496 0.0490 0.0022  0.0524  -0.0531 81  LEU A CG  
673 C CD1 . LEU A 81 ? 0.2821 0.2353 0.0721 -0.0031 0.0613  -0.0450 81  LEU A CD1 
674 C CD2 . LEU A 81 ? 0.2618 0.2788 0.0509 0.0180  0.0607  -0.0436 81  LEU A CD2 
675 N N   . LEU A 82 ? 0.2969 0.2538 0.0539 0.0374  0.0732  -0.0344 82  LEU A N   
676 C CA  . LEU A 82 ? 0.3024 0.2732 0.0612 0.0393  0.0830  -0.0371 82  LEU A CA  
677 C C   . LEU A 82 ? 0.2769 0.2956 0.1022 0.0475  0.0943  -0.0363 82  LEU A C   
678 O O   . LEU A 82 ? 0.3685 0.3283 0.1152 0.0868  0.0993  -0.0651 82  LEU A O   
679 C CB  . LEU A 82 ? 0.3144 0.2720 0.0800 0.0255  0.0961  -0.0581 82  LEU A CB  
680 C CG  . LEU A 82 ? 0.3588 0.2569 0.0889 0.0152  0.0558  -0.0461 82  LEU A CG  
681 C CD1 . LEU A 82 ? 0.3789 0.2959 0.0812 0.0176  0.0571  -0.0181 82  LEU A CD1 
682 C CD2 . LEU A 82 ? 0.3634 0.2736 0.1021 0.0243  0.0321  -0.0511 82  LEU A CD2 
683 N N   . ARG A 83 ? 0.2859 0.3181 0.1323 0.0542  0.0829  -0.0539 83  ARG A N   
684 C CA  . ARG A 83 ? 0.2888 0.3382 0.1552 0.0666  0.1054  -0.0369 83  ARG A CA  
685 C C   . ARG A 83 ? 0.3064 0.3032 0.1254 0.0545  0.0629  -0.0645 83  ARG A C   
686 O O   . ARG A 83 ? 0.4205 0.3288 0.1556 0.1172  0.1159  -0.0525 83  ARG A O   
687 C CB  . ARG A 83 ? 0.3230 0.2915 0.2254 0.0558  0.0480  -0.0183 83  ARG A CB  
688 C CG  . ARG A 83 ? 0.3414 0.3153 0.2979 0.0525  0.0744  -0.0165 83  ARG A CG  
689 C CD  . ARG A 83 ? 0.2946 0.3789 0.3008 0.0267  0.0942  -0.0324 83  ARG A CD  
690 N NE  . ARG A 83 ? 0.3500 0.3671 0.2639 0.0128  0.0857  -0.0240 83  ARG A NE  
691 C CZ  . ARG A 83 ? 0.3725 0.3861 0.2182 0.0168  0.1151  -0.0240 83  ARG A CZ  
692 N NH1 . ARG A 83 ? 0.3949 0.3673 0.2605 -0.0031 0.1338  -0.0776 83  ARG A NH1 
693 N NH2 . ARG A 83 ? 0.4472 0.3854 0.3516 0.0044  0.1046  0.0193  83  ARG A NH2 
694 N N   . MET A 84 ? 0.3032 0.2901 0.1146 0.0759  0.0632  -0.0712 84  MET A N   
695 C CA  . MET A 84 ? 0.3240 0.2852 0.0999 0.0784  0.0533  -0.0358 84  MET A CA  
696 C C   . MET A 84 ? 0.3444 0.2857 0.1016 0.0666  0.0669  -0.0437 84  MET A C   
697 O O   . MET A 84 ? 0.4196 0.3093 0.1296 0.0790  0.0192  -0.0537 84  MET A O   
698 C CB  . MET A 84 ? 0.2981 0.2588 0.0699 0.0237  0.0476  -0.0475 84  MET A CB  
699 C CG  . MET A 84 ? 0.3065 0.2553 0.0808 0.0168  0.0256  -0.0275 84  MET A CG  
700 S SD  . MET A 84 ? 0.3544 0.3367 0.0687 0.0129  0.0456  -0.0501 84  MET A SD  
701 C CE  . MET A 84 ? 0.3028 0.3420 0.0317 0.0433  0.0251  -0.0316 84  MET A CE  
702 N N   . GLY A 85 ? 0.3544 0.2791 0.0772 0.0458  0.0576  -0.0413 85  GLY A N   
703 C CA  . GLY A 85 ? 0.3490 0.2773 0.1293 0.0369  0.0501  -0.0624 85  GLY A CA  
704 C C   . GLY A 85 ? 0.3540 0.3288 0.1605 0.0634  0.0540  -0.0566 85  GLY A C   
705 O O   . GLY A 85 ? 0.4111 0.4598 0.1639 0.0753  0.0713  -0.1521 85  GLY A O   
706 N N   . ARG A 86 ? 0.3682 0.3833 0.1218 0.0478  0.0611  -0.1067 86  ARG A N   
707 C CA  . ARG A 86 ? 0.4574 0.4107 0.2016 0.0857  0.1347  -0.0838 86  ARG A CA  
708 C C   . ARG A 86 ? 0.5341 0.4857 0.4247 0.2257  0.0953  0.0125  86  ARG A C   
709 O O   . ARG A 86 ? 0.8093 0.6410 0.6275 0.1576  -0.1640 0.0285  86  ARG A O   
710 C CB  . ARG A 86 ? 0.4300 0.4319 0.2742 0.1219  0.1255  -0.0813 86  ARG A CB  
711 C CG  . ARG A 86 ? 0.4221 0.4022 0.3438 0.1110  0.0675  -0.0622 86  ARG A CG  
712 C CD  . ARG A 86 ? 0.4558 0.4317 0.4111 0.0527  0.0023  0.0085  86  ARG A CD  
713 N NE  . ARG A 86 ? 0.4818 0.4242 0.2955 0.0330  0.0904  0.0003  86  ARG A NE  
714 C CZ  . ARG A 86 ? 0.4298 0.4329 0.2170 0.0047  0.0974  0.0356  86  ARG A CZ  
715 N NH1 . ARG A 86 ? 0.5546 0.4924 0.2053 -0.0075 0.0667  0.0521  86  ARG A NH1 
716 N NH2 . ARG A 86 ? 0.4096 0.3960 0.2186 0.0063  0.0844  0.0050  86  ARG A NH2 
717 C C   . FMT B .  ? 0.4926 0.3566 0.2743 0.0210  0.0557  -0.1459 101 FMT A C   
718 O O1  . FMT B .  ? 0.5258 0.4136 0.2497 0.0326  0.0428  -0.0865 101 FMT A O1  
719 O O2  . FMT B .  ? 0.5958 0.4100 0.2035 0.0913  0.1280  -0.0938 101 FMT A O2  
720 C C   . FMT C .  ? 0.3914 0.3424 0.1843 -0.0417 0.0370  -0.0924 102 FMT A C   
721 O O1  . FMT C .  ? 0.4405 0.8528 0.2344 0.0115  0.0362  -0.0407 102 FMT A O1  
722 O O2  . FMT C .  ? 0.4601 0.4597 0.1289 0.0499  0.1032  -0.1256 102 FMT A O2  
723 O O   A HOH D .  ? 0.4435 0.3833 0.4168 0.0501  0.0377  -0.0619 201 HOH A O   
724 O O   B HOH D .  ? 0.3899 0.3562 0.1620 -0.0276 0.1620  0.0037  201 HOH A O   
725 O O   . HOH D .  ? 0.3997 0.4023 0.2219 0.0015  0.0448  -0.1120 202 HOH A O   
726 O O   A HOH D .  ? 0.3969 0.4383 0.1431 0.0346  0.1124  -0.0683 203 HOH A O   
727 O O   B HOH D .  ? 0.6002 0.5065 0.1820 0.0741  0.1378  -0.0350 203 HOH A O   
728 O O   . HOH D .  ? 0.5644 0.4474 0.2363 0.0014  0.0633  -0.0273 204 HOH A O   
729 O O   . HOH D .  ? 0.4480 0.3383 0.1819 0.0511  0.1343  -0.0008 205 HOH A O   
730 O O   A HOH D .  ? 0.4653 0.2967 0.2263 0.0445  0.1875  -0.0529 206 HOH A O   
731 O O   B HOH D .  ? 0.2970 0.1925 0.0713 -0.0204 0.0062  -0.0682 207 HOH A O   
732 O O   C HOH D .  ? 0.4094 0.2708 0.2498 0.0202  0.0515  -0.1740 207 HOH A O   
733 O O   . HOH D .  ? 0.6701 0.7667 0.3510 -0.1950 -0.0401 -0.1390 208 HOH A O   
734 O O   . HOH D .  ? 0.6148 0.6159 0.3904 0.0145  -0.0060 -0.1685 209 HOH A O   
735 O O   . HOH D .  ? 0.4970 0.6904 0.6664 -0.0907 -0.0906 -0.0016 210 HOH A O   
736 O O   . HOH D .  ? 0.4615 0.4049 0.3084 0.1321  0.1098  -0.0004 211 HOH A O   
737 O O   . HOH D .  ? 0.5506 0.5835 0.2632 -0.0865 0.0578  0.0308  212 HOH A O   
738 O O   . HOH D .  ? 0.4640 0.4342 0.2399 -0.0616 0.0219  -0.1071 213 HOH A O   
739 O O   . HOH D .  ? 0.4128 0.4144 0.2273 0.0692  0.0375  -0.0642 214 HOH A O   
740 O O   . HOH D .  ? 0.3263 0.3654 0.1934 -0.0130 0.0392  -0.0620 215 HOH A O   
741 O O   A HOH D .  ? 0.5256 0.5635 0.2439 -0.0351 0.0797  -0.0768 216 HOH A O   
742 O O   . HOH D .  ? 0.4938 0.3815 0.2709 0.0143  0.0320  -0.1002 217 HOH A O   
743 O O   . HOH D .  ? 0.4880 1.0756 0.4338 -0.2581 -0.0832 -0.0831 218 HOH A O   
744 O O   . HOH D .  ? 0.4843 0.8105 0.2912 0.0039  0.1107  0.0482  219 HOH A O   
745 O O   . HOH D .  ? 0.5048 0.3833 0.2183 0.0282  -0.0112 -0.1462 220 HOH A O   
746 O O   . HOH D .  ? 0.5590 0.5563 0.4951 0.0032  0.2481  0.1434  221 HOH A O   
747 O O   . HOH D .  ? 0.4844 0.3087 0.1111 0.0603  0.0055  -0.0653 222 HOH A O   
748 O O   . HOH D .  ? 0.8663 0.6542 0.3436 -0.3611 -0.1021 -0.0307 223 HOH A O   
749 O O   . HOH D .  ? 0.2807 0.4448 0.5010 0.0120  0.0318  -0.1447 224 HOH A O   
750 O O   . HOH D .  ? 0.9689 0.4646 0.4502 0.0871  -0.1391 0.0367  225 HOH A O   
751 O O   . HOH D .  ? 0.4531 0.3317 0.1302 0.0485  0.0975  -0.0442 226 HOH A O   
752 O O   . HOH D .  ? 0.3772 0.5008 0.1564 -0.0570 0.0073  -0.1119 227 HOH A O   
753 O O   . HOH D .  ? 0.8760 0.5708 0.1709 0.0477  0.1093  -0.0283 228 HOH A O   
754 O O   . HOH D .  ? 0.6000 0.4002 0.1411 0.1210  0.0858  -0.0346 229 HOH A O   
755 O O   . HOH D .  ? 0.3221 0.3751 0.0816 0.0656  0.0281  -0.1196 230 HOH A O   
756 O O   . HOH D .  ? 0.3322 0.3906 0.0920 0.0377  0.0765  -0.0646 231 HOH A O   
757 O O   . HOH D .  ? 0.3614 0.3748 0.1316 0.0361  0.0418  -0.0898 232 HOH A O   
758 O O   . HOH D .  ? 0.5516 0.5954 0.1650 0.1187  -0.0356 -0.0347 233 HOH A O   
759 O O   . HOH D .  ? 0.5204 0.5569 0.3375 0.1476  0.0343  -0.1103 234 HOH A O   
760 O O   . HOH D .  ? 0.3328 0.2689 0.0723 0.0395  0.0399  -0.0390 235 HOH A O   
761 O O   . HOH D .  ? 0.7841 0.3612 0.2816 0.0131  -0.0142 -0.0939 236 HOH A O   
762 O O   . HOH D .  ? 0.4703 0.3850 0.5066 -0.0634 0.0296  -0.0831 237 HOH A O   
763 O O   A HOH D .  ? 0.3849 0.3747 0.1762 -0.0781 0.0196  -0.0421 238 HOH A O   
764 O O   . HOH D .  ? 0.5870 0.5030 0.7684 0.1254  -0.0336 -0.3153 239 HOH A O   
765 O O   . HOH D .  ? 0.3983 0.2723 0.0858 0.0609  0.0796  -0.0600 240 HOH A O   
766 O O   . HOH D .  ? 0.5881 0.9048 0.3712 -0.1306 0.0940  0.1987  241 HOH A O   
767 O O   . HOH D .  ? 0.5030 0.3583 0.2829 0.0844  0.0190  -0.1245 242 HOH A O   
768 O O   . HOH D .  ? 0.3417 0.5471 0.1857 0.0117  0.0862  -0.0834 243 HOH A O   
769 O O   . HOH D .  ? 0.8701 0.4678 0.3997 0.2072  0.1097  -0.1259 244 HOH A O   
770 O O   . HOH D .  ? 0.6927 0.6011 0.3171 0.1489  -0.1418 -0.3217 245 HOH A O   
771 O O   . HOH D .  ? 0.4879 0.4863 0.2647 0.0269  -0.0828 -0.0918 246 HOH A O   
772 O O   . HOH D .  ? 0.2807 0.3740 0.1150 0.0235  0.0662  -0.1140 247 HOH A O   
773 O O   . HOH D .  ? 0.2937 0.2941 0.1129 0.0207  0.0537  -0.0969 248 HOH A O   
774 O O   . HOH D .  ? 0.7627 0.5961 0.2179 0.2000  -0.0028 -0.0781 249 HOH A O   
775 O O   . HOH D .  ? 0.4613 0.8133 0.3535 -0.0103 0.0100  0.1312  250 HOH A O   
776 O O   . HOH D .  ? 0.3006 0.3155 0.1370 0.0213  0.0385  -0.0250 251 HOH A O   
777 O O   . HOH D .  ? 0.5842 0.3283 0.1740 -0.0393 0.0380  -0.0798 252 HOH A O   
778 O O   . HOH D .  ? 0.3783 0.3477 0.1416 0.0598  0.0640  -0.0790 253 HOH A O   
779 O O   . HOH D .  ? 0.4471 0.3395 0.0775 0.0618  -0.0552 -0.0406 254 HOH A O   
780 O O   . HOH D .  ? 0.3524 0.3011 0.1030 -0.0108 0.0576  -0.0674 255 HOH A O   
781 O O   . HOH D .  ? 0.5246 0.3915 0.2806 0.0075  -0.0631 0.0310  256 HOH A O   
782 O O   A HOH D .  ? 0.4437 0.2243 0.0758 0.0147  -0.0205 -0.0997 257 HOH A O   
783 O O   . HOH D .  ? 0.5925 0.9140 0.5472 -0.0399 0.2046  -0.2873 258 HOH A O   
784 O O   . HOH D .  ? 0.5735 0.6445 0.3471 -0.0469 -0.1088 -0.2080 259 HOH A O   
785 O O   . HOH D .  ? 0.3919 0.2921 0.5264 0.0388  -0.0350 -0.0546 260 HOH A O   
786 O O   A HOH D .  ? 0.6810 0.5918 0.1558 0.0757  -0.0393 -0.0472 261 HOH A O   
787 O O   . HOH D .  ? 1.0251 0.4122 0.3774 -0.0877 0.1338  -0.1414 262 HOH A O   
788 O O   . HOH D .  ? 0.6270 0.4192 0.3665 0.0972  -0.0542 -0.0476 263 HOH A O   
789 O O   . HOH D .  ? 0.5377 0.4766 0.2118 -0.1411 0.0928  -0.1667 264 HOH A O   
790 O O   . HOH D .  ? 0.6040 0.3884 0.3561 0.0762  -0.0732 -0.2025 265 HOH A O   
791 O O   . HOH D .  ? 0.4593 0.4851 0.1766 0.1002  0.0237  -0.0731 266 HOH A O   
792 O O   . HOH D .  ? 0.4134 0.2881 0.1036 0.0073  0.0881  -0.1199 267 HOH A O   
793 O O   . HOH D .  ? 0.3554 0.3159 0.1075 0.0302  0.0797  -0.0646 268 HOH A O   
794 O O   . HOH D .  ? 0.6895 0.3264 0.1183 0.0959  0.1742  -0.0273 269 HOH A O   
795 O O   . HOH D .  ? 0.6983 0.7827 0.2109 0.1719  -0.0071 -0.0486 270 HOH A O   
796 O O   . HOH D .  ? 0.4803 0.5794 0.2090 -0.0527 0.1000  -0.0991 271 HOH A O   
797 O O   . HOH D .  ? 0.6194 0.4545 0.2101 0.0383  0.1212  -0.0858 272 HOH A O   
798 O O   . HOH D .  ? 0.8830 0.5744 0.2714 0.2688  0.0722  -0.0124 273 HOH A O   
799 O O   . HOH D .  ? 0.6716 0.6378 0.5152 -0.2252 0.1148  -0.3007 274 HOH A O   
800 O O   . HOH D .  ? 0.6443 0.4398 0.6090 0.0721  -0.1025 -0.0622 275 HOH A O   
801 O O   . HOH D .  ? 0.4241 0.6677 0.7558 -0.0467 0.1424  -0.2018 276 HOH A O   
802 O O   . HOH D .  ? 0.5486 0.5276 0.4077 0.0005  0.0028  0.0475  277 HOH A O   
803 O O   . HOH D .  ? 0.5716 0.7312 0.3053 0.0253  0.1102  0.1298  278 HOH A O   
804 O O   . HOH D .  ? 0.6079 0.4918 0.2931 0.0950  0.0692  -0.1888 279 HOH A O   
805 O O   . HOH D .  ? 1.1545 0.7909 0.6094 0.1224  0.0314  0.0056  280 HOH A O   
806 O O   . HOH D .  ? 0.5170 0.5621 0.3618 0.0563  -0.1170 -0.0136 281 HOH A O   
807 O O   . HOH D .  ? 0.4736 0.4379 0.2197 -0.0206 0.0962  -0.2006 282 HOH A O   
808 O O   . HOH D .  ? 0.4774 0.4936 0.6600 -0.0184 0.1226  -0.0006 283 HOH A O   
809 O O   . HOH D .  ? 0.5118 0.4551 0.3608 -0.0117 -0.0047 0.0016  284 HOH A O   
810 O O   . HOH D .  ? 0.9407 0.6291 0.2781 0.1810  0.1220  0.1094  285 HOH A O   
811 O O   . HOH D .  ? 0.8309 0.3782 0.2475 -0.0401 0.0685  -0.1175 286 HOH A O   
812 O O   . HOH D .  ? 0.5345 0.4890 0.3022 -0.0248 -0.0648 0.0070  287 HOH A O   
813 O O   . HOH D .  ? 0.4897 0.5639 0.1377 0.0775  0.0794  0.0130  288 HOH A O   
814 O O   . HOH D .  ? 0.7069 1.2973 0.2008 0.0011  0.1817  -0.1926 289 HOH A O   
815 O O   . HOH D .  ? 0.4645 0.6105 0.3569 -0.0406 0.0351  -0.0782 290 HOH A O   
816 O O   . HOH D .  ? 0.2932 0.2819 0.0951 0.0208  0.0365  -0.0799 291 HOH A O   
817 O O   . HOH D .  ? 1.0670 0.4327 0.2480 -0.0569 0.1355  -0.0104 292 HOH A O   
818 O O   . HOH D .  ? 0.3755 0.3741 0.2832 0.0324  0.0732  -0.0683 293 HOH A O   
819 O O   . HOH D .  ? 0.5246 1.1999 0.2268 0.1843  0.0477  0.0579  294 HOH A O   
820 O O   . HOH D .  ? 0.5412 0.8472 0.2086 -0.2387 0.0174  -0.0782 295 HOH A O   
821 O O   . HOH D .  ? 0.5981 0.5736 0.7580 0.1779  0.1364  -0.1882 296 HOH A O   
822 O O   . HOH D .  ? 0.6361 0.5333 0.3923 0.0344  0.1487  0.0060  297 HOH A O   
823 O O   . HOH D .  ? 0.3896 0.4436 0.2547 -0.0376 0.1335  -0.0258 298 HOH A O   
824 O O   . HOH D .  ? 0.3826 0.6288 0.3508 0.0471  0.0150  -0.2077 299 HOH A O   
825 O O   . HOH D .  ? 0.8391 0.6187 0.4351 -0.0582 0.0317  -0.2352 300 HOH A O   
826 O O   . HOH D .  ? 0.6898 0.5504 0.5017 0.1905  -0.1612 -0.1285 301 HOH A O   
827 O O   . HOH D .  ? 0.4312 0.4201 0.1158 0.0400  0.0735  -0.0152 302 HOH A O   
828 O O   . HOH D .  ? 0.5068 0.6936 0.3774 0.0098  0.0593  -0.0782 303 HOH A O   
829 O O   . HOH D .  ? 0.4121 0.4000 0.1626 0.0768  0.0878  -0.0646 304 HOH A O   
830 O O   . HOH D .  ? 0.4236 0.4277 0.1458 -0.0063 0.1262  -0.0756 305 HOH A O   
831 O O   . HOH D .  ? 0.7392 0.7659 0.3881 -0.0137 0.0202  -0.1922 306 HOH A O   
832 O O   . HOH D .  ? 0.4605 0.3626 0.0888 0.0191  0.0797  -0.0380 307 HOH A O   
833 O O   . HOH D .  ? 0.4674 0.9379 0.3854 0.0851  0.0396  -0.2166 308 HOH A O   
# 
